data_1A4L
#
_entry.id   1A4L
#
_cell.length_a   88.929
_cell.length_b   93.355
_cell.length_c   101.953
_cell.angle_alpha   90.00
_cell.angle_beta   102.94
_cell.angle_gamma   90.00
#
_symmetry.space_group_name_H-M   'P 1 21 1'
#
loop_
_entity.id
_entity.type
_entity.pdbx_description
1 polymer 'ADENOSINE DEAMINASE'
2 non-polymer 'ZINC ION'
3 non-polymer "2'-DEOXYCOFORMYCIN"
4 water water
#
_entity_poly.entity_id   1
_entity_poly.type   'polypeptide(L)'
_entity_poly.pdbx_seq_one_letter_code
;TPAFNKPKVELHVHLDGAIKPETILYFGKKRGIALPADTVEELRNIIGMDKPLSLPGFLAKFDYYMPVIAGCREAIKRIA
YEFVEMKAKEGVVYVEVRYSPHLLANSKVDPMPWNQTEGDVTPDDVVDLVNQGLQEGEQAFGIKVRSILCCMRHQPSWSL
EVLELCKKYNQKTVVAMDLAGDETIEGSSLFPGHVEAYEGAVKNGIHRTVHAGEVGSPEVVREAVDILKTERVGHGYHTI
EDEALYNRLLKENMHFEVCPWSSYLTGAWDPKTTHAVVRFKNDKANYSLNTDDPLIFKSTLDTDYQMTKKDMGFTEEEFK
RLNINAAKSSFLPEEEKKELLERLYREYQ
;
_entity_poly.pdbx_strand_id   A,B,C,D
#
# COMPACT_ATOMS: atom_id res chain seq x y z
N THR A 1 -36.49 -10.00 -25.58
CA THR A 1 -35.25 -10.83 -25.47
C THR A 1 -34.57 -10.57 -24.12
N PRO A 2 -34.56 -11.56 -23.21
CA PRO A 2 -33.92 -11.35 -21.91
C PRO A 2 -32.40 -11.14 -22.03
N ALA A 3 -31.81 -10.58 -20.99
CA ALA A 3 -30.36 -10.29 -20.94
C ALA A 3 -29.48 -11.53 -20.81
N PHE A 4 -29.95 -12.54 -20.08
CA PHE A 4 -29.20 -13.78 -19.84
C PHE A 4 -30.26 -14.89 -19.73
N ASN A 5 -30.57 -15.51 -20.87
CA ASN A 5 -31.58 -16.58 -20.93
C ASN A 5 -31.00 -17.95 -20.56
N LYS A 6 -30.38 -18.03 -19.39
CA LYS A 6 -29.76 -19.27 -18.91
C LYS A 6 -29.96 -19.36 -17.41
N PRO A 7 -29.93 -20.58 -16.85
CA PRO A 7 -30.10 -20.85 -15.42
C PRO A 7 -29.52 -19.78 -14.50
N LYS A 8 -30.21 -19.53 -13.38
CA LYS A 8 -29.75 -18.53 -12.43
C LYS A 8 -29.93 -19.00 -11.01
N VAL A 9 -29.26 -18.29 -10.12
CA VAL A 9 -29.31 -18.56 -8.69
C VAL A 9 -29.63 -17.24 -8.00
N GLU A 10 -30.60 -17.27 -7.11
CA GLU A 10 -31.01 -16.10 -6.36
C GLU A 10 -31.02 -16.44 -4.88
N LEU A 11 -30.33 -15.62 -4.10
CA LEU A 11 -30.19 -15.81 -2.65
C LEU A 11 -30.95 -14.75 -1.85
N HIS A 12 -31.07 -13.56 -2.42
CA HIS A 12 -31.69 -12.41 -1.78
C HIS A 12 -33.03 -11.94 -2.39
N VAL A 13 -34.14 -12.58 -1.98
CA VAL A 13 -35.48 -12.23 -2.43
C VAL A 13 -36.46 -12.49 -1.27
N HIS A 14 -37.44 -11.61 -1.11
CA HIS A 14 -38.40 -11.67 -0.01
C HIS A 14 -39.75 -12.25 -0.33
N LEU A 15 -40.15 -13.29 0.40
CA LEU A 15 -41.45 -13.92 0.17
C LEU A 15 -42.56 -12.89 0.30
N ASP A 16 -42.63 -12.24 1.45
CA ASP A 16 -43.65 -11.22 1.70
C ASP A 16 -43.51 -10.01 0.76
N GLY A 17 -42.39 -9.93 0.05
CA GLY A 17 -42.18 -8.85 -0.90
C GLY A 17 -42.26 -9.33 -2.35
N ALA A 18 -42.78 -10.55 -2.54
CA ALA A 18 -42.91 -11.15 -3.86
C ALA A 18 -44.22 -11.92 -3.93
N ILE A 19 -45.30 -11.24 -3.58
CA ILE A 19 -46.64 -11.82 -3.60
C ILE A 19 -47.28 -11.26 -4.85
N LYS A 20 -48.22 -12.01 -5.43
CA LYS A 20 -48.87 -11.53 -6.64
C LYS A 20 -49.99 -10.53 -6.32
N PRO A 21 -50.12 -9.46 -7.12
CA PRO A 21 -51.17 -8.47 -6.89
C PRO A 21 -52.53 -9.16 -6.89
N GLU A 22 -52.70 -10.14 -7.77
CA GLU A 22 -53.95 -10.88 -7.88
C GLU A 22 -54.28 -11.56 -6.55
N THR A 23 -53.29 -12.22 -5.96
CA THR A 23 -53.45 -12.94 -4.69
C THR A 23 -53.70 -12.01 -3.48
N ILE A 24 -53.12 -10.82 -3.52
CA ILE A 24 -53.34 -9.86 -2.44
C ILE A 24 -54.82 -9.50 -2.54
N LEU A 25 -55.27 -9.20 -3.74
CA LEU A 25 -56.66 -8.83 -3.98
C LEU A 25 -57.61 -9.90 -3.50
N TYR A 26 -57.36 -11.15 -3.91
CA TYR A 26 -58.18 -12.29 -3.51
C TYR A 26 -58.49 -12.29 -2.01
N PHE A 27 -57.45 -12.26 -1.19
CA PHE A 27 -57.63 -12.29 0.25
C PHE A 27 -58.21 -11.03 0.87
N GLY A 28 -57.96 -9.88 0.24
CA GLY A 28 -58.54 -8.65 0.78
C GLY A 28 -60.05 -8.79 0.71
N LYS A 29 -60.52 -9.29 -0.43
CA LYS A 29 -61.94 -9.48 -0.67
C LYS A 29 -62.50 -10.61 0.20
N LYS A 30 -61.83 -11.76 0.18
CA LYS A 30 -62.27 -12.93 0.95
C LYS A 30 -62.34 -12.71 2.47
N ARG A 31 -61.40 -11.95 3.02
CA ARG A 31 -61.36 -11.69 4.46
C ARG A 31 -62.09 -10.43 4.87
N GLY A 32 -62.44 -9.60 3.89
CA GLY A 32 -63.14 -8.38 4.19
C GLY A 32 -62.20 -7.39 4.85
N ILE A 33 -60.92 -7.48 4.51
CA ILE A 33 -59.91 -6.58 5.05
C ILE A 33 -59.66 -5.61 3.91
N ALA A 34 -59.34 -4.37 4.25
CA ALA A 34 -59.12 -3.33 3.26
C ALA A 34 -57.77 -3.31 2.52
N LEU A 35 -57.77 -2.71 1.33
CA LEU A 35 -56.58 -2.55 0.47
C LEU A 35 -56.58 -1.14 -0.12
N PRO A 36 -55.40 -0.58 -0.43
CA PRO A 36 -55.36 0.78 -1.00
C PRO A 36 -55.89 0.90 -2.45
N ALA A 37 -56.35 -0.21 -3.04
CA ALA A 37 -56.90 -0.19 -4.40
C ALA A 37 -57.77 -1.41 -4.61
N ASP A 38 -58.73 -1.28 -5.52
CA ASP A 38 -59.70 -2.34 -5.78
C ASP A 38 -59.48 -3.27 -6.97
N THR A 39 -58.56 -2.93 -7.85
CA THR A 39 -58.28 -3.78 -9.00
C THR A 39 -56.82 -4.19 -8.93
N VAL A 40 -56.45 -5.25 -9.63
CA VAL A 40 -55.05 -5.70 -9.59
C VAL A 40 -54.11 -4.64 -10.17
N GLU A 41 -54.51 -3.99 -11.26
CA GLU A 41 -53.66 -2.97 -11.86
C GLU A 41 -53.49 -1.73 -10.96
N GLU A 42 -54.59 -1.28 -10.36
CA GLU A 42 -54.52 -0.12 -9.47
C GLU A 42 -53.75 -0.46 -8.20
N LEU A 43 -53.81 -1.72 -7.83
CA LEU A 43 -53.13 -2.21 -6.65
C LEU A 43 -51.62 -2.26 -6.95
N ARG A 44 -51.27 -2.73 -8.15
CA ARG A 44 -49.88 -2.80 -8.57
C ARG A 44 -49.23 -1.42 -8.43
N ASN A 45 -49.89 -0.42 -8.99
CA ASN A 45 -49.40 0.95 -9.00
C ASN A 45 -49.22 1.60 -7.63
N ILE A 46 -50.06 1.23 -6.67
CA ILE A 46 -49.97 1.84 -5.35
C ILE A 46 -49.01 1.09 -4.43
N ILE A 47 -48.83 -0.21 -4.64
CA ILE A 47 -47.91 -0.98 -3.83
C ILE A 47 -46.50 -0.83 -4.43
N GLY A 48 -46.44 -0.58 -5.74
CA GLY A 48 -45.16 -0.43 -6.41
C GLY A 48 -44.59 0.97 -6.38
N MET A 49 -43.28 1.07 -6.60
CA MET A 49 -42.56 2.35 -6.61
C MET A 49 -42.00 2.62 -8.00
N ASP A 50 -42.11 3.86 -8.41
CA ASP A 50 -41.64 4.30 -9.71
C ASP A 50 -40.33 5.08 -9.57
N LYS A 51 -40.13 5.65 -8.39
CA LYS A 51 -38.96 6.48 -8.16
C LYS A 51 -38.30 6.31 -6.80
N PRO A 52 -36.99 6.58 -6.72
CA PRO A 52 -36.23 6.45 -5.48
C PRO A 52 -36.92 7.11 -4.29
N LEU A 53 -36.90 6.43 -3.15
CA LEU A 53 -37.50 6.96 -1.93
C LEU A 53 -36.45 6.86 -0.84
N SER A 54 -36.64 5.92 0.09
CA SER A 54 -35.72 5.71 1.19
C SER A 54 -36.03 4.34 1.73
N LEU A 55 -35.15 3.81 2.58
CA LEU A 55 -35.38 2.51 3.20
C LEU A 55 -36.70 2.56 3.99
N PRO A 56 -36.85 3.55 4.91
CA PRO A 56 -38.10 3.63 5.67
C PRO A 56 -39.30 3.83 4.74
N GLY A 57 -39.08 4.60 3.66
CA GLY A 57 -40.12 4.86 2.70
C GLY A 57 -40.61 3.59 2.04
N PHE A 58 -39.65 2.76 1.63
CA PHE A 58 -39.96 1.49 1.00
C PHE A 58 -40.64 0.54 1.98
N LEU A 59 -40.23 0.58 3.24
CA LEU A 59 -40.80 -0.31 4.25
C LEU A 59 -42.28 -0.09 4.55
N ALA A 60 -42.79 1.11 4.27
CA ALA A 60 -44.19 1.44 4.52
C ALA A 60 -45.15 0.72 3.56
N LYS A 61 -44.60 0.19 2.47
CA LYS A 61 -45.40 -0.51 1.47
C LYS A 61 -46.00 -1.81 1.98
N PHE A 62 -45.34 -2.45 2.94
CA PHE A 62 -45.84 -3.71 3.50
C PHE A 62 -47.14 -3.52 4.29
N ASP A 63 -47.33 -2.31 4.84
CA ASP A 63 -48.53 -2.00 5.62
C ASP A 63 -49.77 -2.12 4.73
N TYR A 64 -49.59 -1.84 3.45
CA TYR A 64 -50.69 -1.91 2.49
C TYR A 64 -51.35 -3.27 2.39
N TYR A 65 -50.54 -4.31 2.28
CA TYR A 65 -51.06 -5.66 2.07
C TYR A 65 -50.85 -6.73 3.11
N MET A 66 -49.79 -6.63 3.90
CA MET A 66 -49.53 -7.65 4.89
C MET A 66 -50.75 -8.06 5.76
N PRO A 67 -51.55 -7.09 6.22
CA PRO A 67 -52.73 -7.39 7.04
C PRO A 67 -53.64 -8.46 6.47
N VAL A 68 -53.70 -8.51 5.15
CA VAL A 68 -54.54 -9.44 4.41
C VAL A 68 -53.96 -10.86 4.29
N ILE A 69 -52.62 -10.97 4.33
CA ILE A 69 -51.94 -12.27 4.23
C ILE A 69 -51.70 -12.85 5.61
N ALA A 70 -51.14 -12.03 6.50
CA ALA A 70 -50.83 -12.42 7.86
C ALA A 70 -52.07 -12.99 8.55
N GLY A 71 -51.90 -14.10 9.25
CA GLY A 71 -53.04 -14.69 9.93
C GLY A 71 -53.85 -15.72 9.17
N CYS A 72 -53.72 -15.83 7.85
CA CYS A 72 -54.48 -16.84 7.09
C CYS A 72 -53.57 -17.97 6.62
N ARG A 73 -53.83 -19.19 7.12
CA ARG A 73 -53.04 -20.36 6.77
C ARG A 73 -53.00 -20.62 5.28
N GLU A 74 -54.16 -20.56 4.64
CA GLU A 74 -54.23 -20.79 3.21
C GLU A 74 -53.46 -19.75 2.37
N ALA A 75 -53.37 -18.51 2.88
CA ALA A 75 -52.66 -17.44 2.18
C ALA A 75 -51.15 -17.62 2.29
N ILE A 76 -50.67 -17.84 3.51
CA ILE A 76 -49.25 -18.04 3.78
C ILE A 76 -48.69 -19.13 2.88
N LYS A 77 -49.35 -20.28 2.86
CA LYS A 77 -48.90 -21.41 2.03
C LYS A 77 -49.02 -21.09 0.54
N ARG A 78 -50.13 -20.48 0.16
CA ARG A 78 -50.36 -20.15 -1.25
C ARG A 78 -49.25 -19.26 -1.84
N ILE A 79 -48.85 -18.20 -1.14
CA ILE A 79 -47.81 -17.31 -1.66
C ILE A 79 -46.46 -18.01 -1.74
N ALA A 80 -46.29 -19.06 -0.93
CA ALA A 80 -45.06 -19.85 -0.93
C ALA A 80 -45.04 -20.71 -2.20
N TYR A 81 -46.15 -21.41 -2.47
CA TYR A 81 -46.26 -22.23 -3.67
C TYR A 81 -46.14 -21.37 -4.95
N GLU A 82 -46.83 -20.24 -4.98
CA GLU A 82 -46.79 -19.34 -6.14
C GLU A 82 -45.44 -18.69 -6.38
N PHE A 83 -44.68 -18.52 -5.30
CA PHE A 83 -43.35 -17.92 -5.36
C PHE A 83 -42.48 -18.78 -6.27
N VAL A 84 -42.41 -20.08 -5.94
CA VAL A 84 -41.59 -21.00 -6.71
C VAL A 84 -41.94 -20.92 -8.19
N GLU A 85 -43.24 -21.00 -8.49
CA GLU A 85 -43.71 -20.91 -9.86
C GLU A 85 -43.16 -19.66 -10.54
N MET A 86 -43.26 -18.51 -9.87
CA MET A 86 -42.77 -17.24 -10.41
C MET A 86 -41.28 -17.31 -10.75
N LYS A 87 -40.50 -17.95 -9.89
CA LYS A 87 -39.05 -18.08 -10.11
C LYS A 87 -38.71 -19.05 -11.23
N ALA A 88 -39.38 -20.19 -11.25
CA ALA A 88 -39.14 -21.17 -12.30
C ALA A 88 -39.25 -20.46 -13.64
N LYS A 89 -40.31 -19.68 -13.82
CA LYS A 89 -40.52 -18.94 -15.06
C LYS A 89 -39.42 -17.90 -15.34
N GLU A 90 -38.60 -17.60 -14.34
CA GLU A 90 -37.52 -16.63 -14.52
C GLU A 90 -36.22 -17.31 -14.90
N GLY A 91 -36.21 -18.63 -14.85
CA GLY A 91 -35.00 -19.39 -15.19
C GLY A 91 -34.16 -19.72 -13.97
N VAL A 92 -34.71 -19.41 -12.79
CA VAL A 92 -34.04 -19.66 -11.54
C VAL A 92 -34.10 -21.15 -11.19
N VAL A 93 -32.94 -21.81 -11.14
CA VAL A 93 -32.89 -23.24 -10.81
C VAL A 93 -32.73 -23.45 -9.31
N TYR A 94 -32.23 -22.43 -8.62
CA TYR A 94 -32.05 -22.48 -7.16
C TYR A 94 -32.28 -21.10 -6.54
N VAL A 95 -33.12 -21.05 -5.49
CA VAL A 95 -33.43 -19.81 -4.79
C VAL A 95 -33.51 -20.02 -3.29
N GLU A 96 -33.25 -18.93 -2.57
CA GLU A 96 -33.37 -18.91 -1.12
C GLU A 96 -34.28 -17.70 -0.88
N VAL A 97 -35.44 -17.97 -0.29
CA VAL A 97 -36.44 -16.93 -0.02
C VAL A 97 -36.39 -16.54 1.45
N ARG A 98 -36.42 -15.24 1.71
CA ARG A 98 -36.40 -14.79 3.09
C ARG A 98 -37.72 -14.17 3.49
N TYR A 99 -38.02 -14.30 4.77
CA TYR A 99 -39.23 -13.75 5.33
C TYR A 99 -39.16 -13.80 6.86
N SER A 100 -39.84 -12.84 7.49
CA SER A 100 -39.91 -12.77 8.94
C SER A 100 -41.14 -13.58 9.32
N PRO A 101 -40.96 -14.68 10.04
CA PRO A 101 -42.10 -15.51 10.44
C PRO A 101 -43.05 -14.79 11.38
N HIS A 102 -42.51 -13.95 12.25
CA HIS A 102 -43.30 -13.22 13.21
C HIS A 102 -44.25 -12.24 12.54
N LEU A 103 -43.84 -11.67 11.41
CA LEU A 103 -44.68 -10.71 10.72
C LEU A 103 -45.89 -11.29 10.01
N LEU A 104 -45.97 -12.61 9.91
CA LEU A 104 -47.13 -13.27 9.25
C LEU A 104 -48.01 -14.00 10.27
N ALA A 105 -47.61 -13.98 11.53
CA ALA A 105 -48.31 -14.66 12.61
C ALA A 105 -49.37 -13.78 13.28
N ASN A 106 -50.23 -14.41 14.07
CA ASN A 106 -51.27 -13.67 14.77
C ASN A 106 -51.56 -14.26 16.15
N SER A 107 -50.57 -14.97 16.69
CA SER A 107 -50.65 -15.60 18.00
C SER A 107 -49.23 -15.84 18.48
N LYS A 108 -49.01 -15.71 19.79
CA LYS A 108 -47.70 -15.90 20.38
C LYS A 108 -46.63 -14.96 19.80
N VAL A 109 -47.03 -13.71 19.59
CA VAL A 109 -46.16 -12.63 19.07
C VAL A 109 -46.53 -11.47 19.98
N ASP A 110 -45.58 -10.94 20.77
CA ASP A 110 -45.93 -9.86 21.69
C ASP A 110 -46.38 -8.63 20.93
N PRO A 111 -45.47 -7.97 20.20
CA PRO A 111 -46.08 -6.82 19.52
C PRO A 111 -46.86 -7.43 18.34
N MET A 112 -48.19 -7.52 18.49
CA MET A 112 -49.06 -8.08 17.45
C MET A 112 -48.91 -7.26 16.18
N PRO A 113 -48.42 -7.88 15.09
CA PRO A 113 -48.23 -7.16 13.83
C PRO A 113 -49.55 -6.76 13.16
N TRP A 114 -49.47 -5.69 12.38
CA TRP A 114 -50.60 -5.15 11.61
C TRP A 114 -51.93 -5.03 12.33
N ASN A 115 -51.90 -4.78 13.63
CA ASN A 115 -53.12 -4.61 14.44
C ASN A 115 -54.05 -5.81 14.30
N GLN A 116 -53.46 -6.97 14.06
CA GLN A 116 -54.24 -8.18 13.90
C GLN A 116 -55.01 -8.53 15.15
N THR A 117 -56.14 -9.18 14.94
CA THR A 117 -56.99 -9.65 16.03
C THR A 117 -56.45 -11.05 16.34
N GLU A 118 -56.23 -11.34 17.62
CA GLU A 118 -55.71 -12.64 18.08
C GLU A 118 -56.27 -13.84 17.30
N GLY A 119 -55.38 -14.73 16.91
CA GLY A 119 -55.79 -15.92 16.17
C GLY A 119 -55.07 -17.13 16.74
N ASP A 120 -54.73 -18.07 15.88
CA ASP A 120 -54.02 -19.28 16.31
C ASP A 120 -52.75 -19.58 15.47
N VAL A 121 -52.43 -18.68 14.55
CA VAL A 121 -51.26 -18.86 13.70
C VAL A 121 -49.97 -18.39 14.39
N THR A 122 -49.21 -19.36 14.88
CA THR A 122 -47.96 -19.14 15.59
C THR A 122 -46.79 -18.87 14.62
N PRO A 123 -45.73 -18.16 15.09
CA PRO A 123 -44.60 -17.90 14.19
C PRO A 123 -44.08 -19.23 13.62
N ASP A 124 -44.05 -20.22 14.50
CA ASP A 124 -43.62 -21.57 14.18
C ASP A 124 -44.53 -22.12 13.09
N ASP A 125 -45.83 -21.88 13.25
CA ASP A 125 -46.84 -22.34 12.31
C ASP A 125 -46.61 -21.77 10.91
N VAL A 126 -46.20 -20.51 10.84
CA VAL A 126 -45.94 -19.89 9.54
C VAL A 126 -44.73 -20.53 8.88
N VAL A 127 -43.78 -20.99 9.70
CA VAL A 127 -42.60 -21.63 9.15
C VAL A 127 -43.01 -22.95 8.53
N ASP A 128 -43.91 -23.67 9.19
CA ASP A 128 -44.38 -24.95 8.66
C ASP A 128 -45.25 -24.79 7.41
N LEU A 129 -46.05 -23.73 7.35
CA LEU A 129 -46.89 -23.43 6.19
C LEU A 129 -46.02 -23.11 4.98
N VAL A 130 -45.00 -22.27 5.19
CA VAL A 130 -44.09 -21.88 4.12
C VAL A 130 -43.30 -23.07 3.58
N ASN A 131 -42.92 -23.98 4.48
CA ASN A 131 -42.17 -25.17 4.10
C ASN A 131 -42.99 -26.02 3.14
N GLN A 132 -44.25 -26.26 3.49
CA GLN A 132 -45.14 -27.04 2.65
C GLN A 132 -45.25 -26.43 1.25
N GLY A 133 -45.57 -25.13 1.21
CA GLY A 133 -45.71 -24.44 -0.07
C GLY A 133 -44.47 -24.50 -0.92
N LEU A 134 -43.30 -24.18 -0.34
CA LEU A 134 -42.05 -24.20 -1.10
C LEU A 134 -41.75 -25.62 -1.58
N GLN A 135 -41.96 -26.60 -0.70
CA GLN A 135 -41.72 -27.98 -1.07
C GLN A 135 -42.65 -28.49 -2.16
N GLU A 136 -43.91 -28.04 -2.15
CA GLU A 136 -44.84 -28.43 -3.21
C GLU A 136 -44.42 -27.70 -4.49
N GLY A 137 -43.92 -26.48 -4.34
CA GLY A 137 -43.47 -25.70 -5.46
C GLY A 137 -42.28 -26.37 -6.14
N GLU A 138 -41.36 -26.92 -5.34
CA GLU A 138 -40.20 -27.62 -5.87
C GLU A 138 -40.65 -28.79 -6.73
N GLN A 139 -41.42 -29.70 -6.13
CA GLN A 139 -41.90 -30.87 -6.86
C GLN A 139 -42.67 -30.50 -8.11
N ALA A 140 -43.57 -29.53 -7.96
CA ALA A 140 -44.40 -29.08 -9.06
C ALA A 140 -43.70 -28.39 -10.24
N PHE A 141 -42.65 -27.61 -9.96
CA PHE A 141 -41.95 -26.89 -11.03
C PHE A 141 -40.53 -27.30 -11.35
N GLY A 142 -39.91 -28.12 -10.52
CA GLY A 142 -38.55 -28.56 -10.80
C GLY A 142 -37.38 -27.62 -10.56
N ILE A 143 -37.38 -26.97 -9.41
CA ILE A 143 -36.29 -26.07 -9.04
C ILE A 143 -36.11 -26.26 -7.54
N LYS A 144 -34.87 -26.11 -7.07
CA LYS A 144 -34.59 -26.28 -5.65
C LYS A 144 -34.89 -24.97 -4.93
N VAL A 145 -35.70 -25.06 -3.87
CA VAL A 145 -36.10 -23.88 -3.09
C VAL A 145 -35.86 -24.06 -1.59
N ARG A 146 -35.13 -23.10 -1.00
CA ARG A 146 -34.83 -23.10 0.43
C ARG A 146 -35.27 -21.77 1.02
N SER A 147 -35.41 -21.72 2.34
CA SER A 147 -35.84 -20.53 3.04
C SER A 147 -34.81 -19.98 4.05
N ILE A 148 -35.02 -18.71 4.45
CA ILE A 148 -34.15 -18.02 5.41
C ILE A 148 -35.08 -17.20 6.33
N LEU A 149 -34.91 -17.34 7.64
CA LEU A 149 -35.76 -16.61 8.59
C LEU A 149 -35.11 -15.30 9.02
N CYS A 150 -35.85 -14.19 8.84
CA CYS A 150 -35.39 -12.83 9.15
C CYS A 150 -35.63 -12.26 10.54
N CYS A 151 -34.56 -11.78 11.15
CA CYS A 151 -34.64 -11.10 12.45
C CYS A 151 -34.96 -9.67 12.03
N MET A 152 -35.85 -9.01 12.75
CA MET A 152 -36.21 -7.63 12.42
C MET A 152 -35.39 -6.64 13.28
N ARG A 153 -34.66 -5.75 12.63
CA ARG A 153 -33.82 -4.79 13.37
C ARG A 153 -34.49 -4.08 14.55
N HIS A 154 -35.77 -3.77 14.40
CA HIS A 154 -36.51 -3.08 15.46
C HIS A 154 -37.13 -4.00 16.52
N GLN A 155 -36.98 -5.31 16.37
CA GLN A 155 -37.52 -6.27 17.35
C GLN A 155 -36.52 -7.38 17.64
N PRO A 156 -35.57 -7.12 18.57
CA PRO A 156 -34.54 -8.09 18.95
C PRO A 156 -35.06 -9.18 19.88
N SER A 157 -36.26 -9.01 20.43
CA SER A 157 -36.82 -10.02 21.32
C SER A 157 -37.25 -11.27 20.53
N TRP A 158 -37.54 -11.05 19.25
CA TRP A 158 -37.96 -12.12 18.34
C TRP A 158 -36.76 -12.95 17.87
N SER A 159 -35.58 -12.36 17.98
CA SER A 159 -34.33 -12.96 17.53
C SER A 159 -33.91 -14.34 18.04
N LEU A 160 -33.94 -14.57 19.35
CA LEU A 160 -33.54 -15.89 19.85
C LEU A 160 -34.56 -16.92 19.39
N GLU A 161 -35.78 -16.47 19.19
CA GLU A 161 -36.86 -17.34 18.74
C GLU A 161 -36.67 -17.71 17.27
N VAL A 162 -36.18 -16.76 16.46
CA VAL A 162 -35.89 -17.02 15.06
C VAL A 162 -34.81 -18.11 15.04
N LEU A 163 -33.78 -17.94 15.87
CA LEU A 163 -32.68 -18.91 15.98
C LEU A 163 -33.19 -20.33 16.21
N GLU A 164 -34.19 -20.48 17.08
CA GLU A 164 -34.75 -21.79 17.35
C GLU A 164 -35.48 -22.35 16.14
N LEU A 165 -36.19 -21.51 15.41
CA LEU A 165 -36.91 -21.97 14.23
C LEU A 165 -35.93 -22.51 13.16
N CYS A 166 -34.81 -21.82 13.00
CA CYS A 166 -33.77 -22.22 12.06
C CYS A 166 -33.19 -23.56 12.48
N LYS A 167 -33.08 -23.77 13.80
CA LYS A 167 -32.54 -25.01 14.33
C LYS A 167 -33.52 -26.12 14.07
N LYS A 168 -34.77 -25.88 14.45
CA LYS A 168 -35.84 -26.85 14.30
C LYS A 168 -36.03 -27.30 12.86
N TYR A 169 -36.10 -26.35 11.93
CA TYR A 169 -36.28 -26.66 10.52
C TYR A 169 -34.99 -26.59 9.74
N ASN A 170 -33.88 -27.05 10.33
CA ASN A 170 -32.57 -27.02 9.66
C ASN A 170 -32.59 -27.86 8.37
N GLN A 171 -32.34 -27.20 7.25
CA GLN A 171 -32.33 -27.83 5.93
C GLN A 171 -33.69 -28.36 5.50
N LYS A 172 -34.64 -28.39 6.43
CA LYS A 172 -36.01 -28.79 6.10
C LYS A 172 -36.56 -27.43 5.68
N THR A 173 -35.92 -26.93 4.62
CA THR A 173 -36.10 -25.65 3.95
C THR A 173 -35.24 -24.53 4.53
N VAL A 174 -35.31 -24.28 5.84
CA VAL A 174 -34.53 -23.21 6.44
C VAL A 174 -33.02 -23.49 6.40
N VAL A 175 -32.30 -22.65 5.68
CA VAL A 175 -30.85 -22.79 5.51
C VAL A 175 -30.00 -21.75 6.24
N ALA A 176 -30.61 -20.59 6.58
CA ALA A 176 -29.88 -19.53 7.26
C ALA A 176 -30.78 -18.56 8.02
N MET A 177 -30.14 -17.63 8.72
CA MET A 177 -30.81 -16.58 9.51
C MET A 177 -30.35 -15.24 8.97
N ASP A 178 -31.30 -14.30 8.85
CA ASP A 178 -31.01 -12.97 8.32
C ASP A 178 -31.37 -11.88 9.33
N LEU A 179 -30.93 -10.66 9.04
CA LEU A 179 -31.22 -9.47 9.84
C LEU A 179 -31.68 -8.41 8.82
N ALA A 180 -32.98 -8.17 8.80
CA ALA A 180 -33.57 -7.22 7.87
C ALA A 180 -34.25 -6.09 8.62
N GLY A 181 -34.78 -5.13 7.87
CA GLY A 181 -35.49 -4.03 8.48
C GLY A 181 -34.89 -2.67 8.21
N ASP A 182 -35.11 -1.76 9.15
CA ASP A 182 -34.64 -0.38 9.00
C ASP A 182 -33.19 -0.19 9.49
N GLU A 183 -32.26 -0.21 8.55
CA GLU A 183 -30.83 -0.06 8.87
C GLU A 183 -30.48 1.32 9.42
N THR A 184 -31.39 2.29 9.28
CA THR A 184 -31.13 3.64 9.79
C THR A 184 -31.22 3.68 11.33
N ILE A 185 -31.74 2.64 11.95
CA ILE A 185 -31.83 2.59 13.40
C ILE A 185 -30.40 2.46 13.96
N GLU A 186 -29.84 3.57 14.42
CA GLU A 186 -28.48 3.61 14.96
C GLU A 186 -28.19 2.48 15.96
N GLY A 187 -27.19 1.67 15.63
CA GLY A 187 -26.79 0.58 16.50
C GLY A 187 -27.69 -0.63 16.60
N SER A 188 -28.69 -0.77 15.72
CA SER A 188 -29.60 -1.93 15.79
C SER A 188 -28.91 -3.27 15.60
N SER A 189 -27.81 -3.28 14.83
CA SER A 189 -27.06 -4.49 14.58
C SER A 189 -26.57 -5.08 15.89
N LEU A 190 -26.27 -4.21 16.85
CA LEU A 190 -25.73 -4.62 18.13
C LEU A 190 -26.66 -4.83 19.31
N PHE A 191 -27.96 -4.78 19.09
CA PHE A 191 -28.90 -5.03 20.17
C PHE A 191 -28.60 -6.44 20.68
N PRO A 192 -28.50 -6.61 22.00
CA PRO A 192 -28.22 -7.91 22.61
C PRO A 192 -28.99 -9.08 22.01
N GLY A 193 -30.28 -8.89 21.77
CA GLY A 193 -31.09 -9.95 21.19
C GLY A 193 -30.56 -10.43 19.85
N HIS A 194 -30.13 -9.51 19.01
CA HIS A 194 -29.60 -9.86 17.69
C HIS A 194 -28.25 -10.52 17.88
N VAL A 195 -27.37 -9.86 18.63
CA VAL A 195 -26.03 -10.37 18.92
C VAL A 195 -26.08 -11.82 19.41
N GLU A 196 -26.83 -12.03 20.48
CA GLU A 196 -26.98 -13.34 21.08
C GLU A 196 -27.41 -14.38 20.07
N ALA A 197 -28.34 -14.01 19.19
CA ALA A 197 -28.86 -14.91 18.18
C ALA A 197 -27.77 -15.38 17.21
N TYR A 198 -26.98 -14.44 16.69
CA TYR A 198 -25.92 -14.79 15.76
C TYR A 198 -24.80 -15.56 16.44
N GLU A 199 -24.46 -15.19 17.66
CA GLU A 199 -23.41 -15.88 18.41
C GLU A 199 -23.85 -17.34 18.56
N GLY A 200 -25.12 -17.53 18.84
CA GLY A 200 -25.67 -18.86 18.97
C GLY A 200 -25.69 -19.61 17.66
N ALA A 201 -25.90 -18.89 16.55
CA ALA A 201 -25.93 -19.51 15.24
C ALA A 201 -24.54 -20.08 14.95
N VAL A 202 -23.50 -19.34 15.36
CA VAL A 202 -22.11 -19.75 15.15
C VAL A 202 -21.81 -21.02 15.95
N LYS A 203 -22.28 -21.06 17.19
CA LYS A 203 -22.07 -22.22 18.04
C LYS A 203 -22.83 -23.46 17.53
N ASN A 204 -23.94 -23.23 16.85
CA ASN A 204 -24.78 -24.32 16.34
C ASN A 204 -24.72 -24.58 14.84
N GLY A 205 -23.76 -23.97 14.16
CA GLY A 205 -23.61 -24.19 12.72
C GLY A 205 -24.74 -23.69 11.82
N ILE A 206 -25.58 -22.79 12.35
CA ILE A 206 -26.66 -22.23 11.55
C ILE A 206 -26.01 -21.12 10.71
N HIS A 207 -26.26 -21.13 9.41
CA HIS A 207 -25.69 -20.14 8.50
C HIS A 207 -26.25 -18.74 8.76
N ARG A 208 -25.41 -17.72 8.58
CA ARG A 208 -25.82 -16.35 8.80
C ARG A 208 -25.67 -15.45 7.59
N THR A 209 -26.59 -14.51 7.45
CA THR A 209 -26.57 -13.50 6.39
C THR A 209 -27.13 -12.23 7.08
N VAL A 210 -26.60 -11.07 6.71
CA VAL A 210 -27.01 -9.80 7.34
C VAL A 210 -27.06 -8.66 6.32
N HIS A 211 -28.08 -7.82 6.43
CA HIS A 211 -28.21 -6.63 5.56
C HIS A 211 -27.29 -5.61 6.18
N ALA A 212 -26.42 -5.03 5.36
CA ALA A 212 -25.54 -4.01 5.88
C ALA A 212 -24.90 -3.30 4.72
N GLY A 213 -24.66 -2.01 4.90
CA GLY A 213 -24.05 -1.24 3.83
C GLY A 213 -25.03 -0.94 2.71
N GLU A 214 -26.30 -1.21 2.94
CA GLU A 214 -27.31 -0.92 1.95
C GLU A 214 -27.46 0.59 1.98
N VAL A 215 -27.72 1.10 3.18
CA VAL A 215 -27.92 2.52 3.42
C VAL A 215 -27.00 3.02 4.55
N GLY A 216 -26.53 2.08 5.38
CA GLY A 216 -25.64 2.43 6.47
C GLY A 216 -24.19 2.53 6.03
N SER A 217 -23.34 3.02 6.94
CA SER A 217 -21.92 3.18 6.65
C SER A 217 -21.20 1.85 6.64
N PRO A 218 -19.92 1.83 6.19
CA PRO A 218 -19.15 0.58 6.18
C PRO A 218 -18.91 0.05 7.60
N GLU A 219 -19.17 0.91 8.57
CA GLU A 219 -19.01 0.58 9.98
C GLU A 219 -20.06 -0.43 10.40
N VAL A 220 -21.20 -0.40 9.72
CA VAL A 220 -22.30 -1.32 10.00
C VAL A 220 -21.95 -2.68 9.38
N VAL A 221 -21.22 -2.66 8.25
CA VAL A 221 -20.80 -3.89 7.58
C VAL A 221 -19.78 -4.57 8.47
N ARG A 222 -18.99 -3.75 9.15
CA ARG A 222 -17.98 -4.26 10.08
C ARG A 222 -18.64 -4.90 11.31
N GLU A 223 -19.77 -4.36 11.75
CA GLU A 223 -20.48 -4.94 12.90
C GLU A 223 -21.02 -6.32 12.50
N ALA A 224 -21.56 -6.40 11.29
CA ALA A 224 -22.10 -7.62 10.74
C ALA A 224 -21.01 -8.67 10.65
N VAL A 225 -19.86 -8.26 10.14
CA VAL A 225 -18.71 -9.12 9.95
C VAL A 225 -18.02 -9.55 11.25
N ASP A 226 -17.62 -8.57 12.06
CA ASP A 226 -16.91 -8.85 13.31
C ASP A 226 -17.73 -9.34 14.48
N ILE A 227 -18.89 -8.73 14.72
CA ILE A 227 -19.71 -9.16 15.86
C ILE A 227 -20.72 -10.22 15.45
N LEU A 228 -21.48 -9.95 14.40
CA LEU A 228 -22.52 -10.87 13.93
C LEU A 228 -22.04 -12.11 13.18
N LYS A 229 -20.80 -12.09 12.70
CA LYS A 229 -20.20 -13.22 11.97
C LYS A 229 -20.87 -13.66 10.65
N THR A 230 -21.35 -12.71 9.85
CA THR A 230 -21.99 -13.08 8.59
C THR A 230 -21.07 -13.81 7.64
N GLU A 231 -21.69 -14.65 6.82
CA GLU A 231 -21.00 -15.42 5.82
C GLU A 231 -21.21 -14.62 4.54
N ARG A 232 -22.39 -14.03 4.43
CA ARG A 232 -22.74 -13.19 3.29
C ARG A 232 -23.19 -11.82 3.80
N VAL A 233 -23.29 -10.86 2.88
CA VAL A 233 -23.71 -9.50 3.20
C VAL A 233 -24.79 -9.03 2.20
N GLY A 234 -25.99 -8.79 2.71
CA GLY A 234 -27.09 -8.30 1.91
C GLY A 234 -26.84 -6.85 1.56
N HIS A 235 -26.67 -6.60 0.26
CA HIS A 235 -26.38 -5.29 -0.30
C HIS A 235 -24.88 -5.00 -0.17
N GLY A 236 -24.46 -4.27 0.85
CA GLY A 236 -23.04 -3.99 1.03
C GLY A 236 -22.37 -2.99 0.11
N TYR A 237 -23.17 -2.15 -0.54
CA TYR A 237 -22.63 -1.15 -1.48
C TYR A 237 -21.66 -0.17 -0.83
N HIS A 238 -21.93 0.19 0.42
CA HIS A 238 -21.08 1.15 1.13
C HIS A 238 -19.78 0.61 1.68
N THR A 239 -19.57 -0.70 1.63
CA THR A 239 -18.33 -1.29 2.15
C THR A 239 -17.13 -0.62 1.48
N ILE A 240 -17.24 -0.33 0.19
CA ILE A 240 -16.15 0.27 -0.58
C ILE A 240 -15.72 1.66 -0.13
N GLU A 241 -16.45 2.25 0.81
CA GLU A 241 -16.08 3.58 1.30
C GLU A 241 -14.95 3.47 2.31
N ASP A 242 -14.72 2.24 2.77
CA ASP A 242 -13.67 1.93 3.72
C ASP A 242 -12.82 0.91 2.94
N GLU A 243 -11.85 1.43 2.18
CA GLU A 243 -10.96 0.61 1.36
C GLU A 243 -10.37 -0.61 2.09
N ALA A 244 -9.84 -0.39 3.28
CA ALA A 244 -9.26 -1.47 4.09
C ALA A 244 -10.26 -2.60 4.36
N LEU A 245 -11.49 -2.23 4.73
CA LEU A 245 -12.53 -3.23 5.02
C LEU A 245 -12.92 -3.94 3.73
N TYR A 246 -13.08 -3.15 2.67
CA TYR A 246 -13.46 -3.69 1.38
C TYR A 246 -12.47 -4.76 0.92
N ASN A 247 -11.20 -4.37 0.74
CA ASN A 247 -10.16 -5.29 0.29
C ASN A 247 -9.97 -6.46 1.25
N ARG A 248 -10.26 -6.26 2.54
CA ARG A 248 -10.18 -7.34 3.53
C ARG A 248 -11.27 -8.36 3.23
N LEU A 249 -12.49 -7.87 3.03
CA LEU A 249 -13.63 -8.72 2.72
C LEU A 249 -13.45 -9.34 1.35
N LEU A 250 -12.78 -8.60 0.47
CA LEU A 250 -12.50 -9.05 -0.90
C LEU A 250 -11.53 -10.23 -0.85
N LYS A 251 -10.48 -10.05 -0.06
CA LYS A 251 -9.44 -11.05 0.13
C LYS A 251 -9.97 -12.25 0.94
N GLU A 252 -11.14 -12.09 1.55
CA GLU A 252 -11.74 -13.18 2.36
C GLU A 252 -12.84 -13.90 1.60
N ASN A 253 -13.06 -13.50 0.36
CA ASN A 253 -14.08 -14.10 -0.50
C ASN A 253 -15.48 -13.87 0.07
N MET A 254 -15.71 -12.68 0.60
CA MET A 254 -16.99 -12.32 1.16
C MET A 254 -18.00 -12.27 0.01
N HIS A 255 -19.16 -12.89 0.21
CA HIS A 255 -20.19 -12.87 -0.81
C HIS A 255 -21.12 -11.71 -0.56
N PHE A 256 -21.36 -10.95 -1.62
CA PHE A 256 -22.24 -9.81 -1.55
C PHE A 256 -23.51 -10.11 -2.33
N GLU A 257 -24.66 -9.99 -1.65
CA GLU A 257 -25.96 -10.22 -2.26
C GLU A 257 -26.37 -8.86 -2.85
N VAL A 258 -26.11 -8.68 -4.14
CA VAL A 258 -26.41 -7.41 -4.79
C VAL A 258 -27.78 -7.40 -5.44
N CYS A 259 -28.46 -6.26 -5.32
CA CYS A 259 -29.80 -6.05 -5.88
C CYS A 259 -29.74 -4.68 -6.59
N PRO A 260 -29.37 -4.66 -7.88
CA PRO A 260 -29.24 -3.44 -8.69
C PRO A 260 -30.44 -2.48 -8.73
N TRP A 261 -31.61 -2.97 -9.14
CA TRP A 261 -32.82 -2.15 -9.23
C TRP A 261 -33.18 -1.67 -7.82
N SER A 262 -33.28 -2.61 -6.88
CA SER A 262 -33.62 -2.30 -5.49
C SER A 262 -32.84 -1.10 -4.96
N SER A 263 -31.51 -1.16 -5.11
CA SER A 263 -30.62 -0.11 -4.64
C SER A 263 -30.97 1.26 -5.20
N TYR A 264 -31.52 1.28 -6.41
CA TYR A 264 -31.92 2.54 -7.05
C TYR A 264 -33.19 3.07 -6.37
N LEU A 265 -34.22 2.24 -6.32
CA LEU A 265 -35.48 2.63 -5.72
C LEU A 265 -35.43 3.01 -4.24
N THR A 266 -34.58 2.36 -3.44
CA THR A 266 -34.52 2.67 -2.01
C THR A 266 -33.66 3.89 -1.72
N GLY A 267 -32.82 4.24 -2.68
CA GLY A 267 -31.91 5.36 -2.50
C GLY A 267 -30.55 4.89 -2.02
N ALA A 268 -30.41 3.58 -1.83
CA ALA A 268 -29.16 2.97 -1.37
C ALA A 268 -28.03 3.34 -2.32
N TRP A 269 -28.37 3.53 -3.58
CA TRP A 269 -27.42 3.89 -4.61
C TRP A 269 -27.71 5.25 -5.22
N ASP A 270 -26.70 6.11 -5.22
CA ASP A 270 -26.82 7.42 -5.80
C ASP A 270 -26.64 7.22 -7.30
N PRO A 271 -27.70 7.40 -8.09
CA PRO A 271 -27.61 7.22 -9.55
C PRO A 271 -26.60 8.14 -10.25
N LYS A 272 -26.21 9.22 -9.57
CA LYS A 272 -25.24 10.14 -10.15
C LYS A 272 -23.83 9.55 -10.08
N THR A 273 -23.71 8.40 -9.41
CA THR A 273 -22.43 7.73 -9.22
C THR A 273 -22.43 6.30 -9.76
N THR A 274 -21.26 5.84 -10.18
CA THR A 274 -21.12 4.49 -10.72
C THR A 274 -21.46 3.44 -9.65
N HIS A 275 -22.37 2.51 -9.98
CA HIS A 275 -22.80 1.48 -9.03
C HIS A 275 -21.66 0.64 -8.46
N ALA A 276 -21.75 0.34 -7.17
CA ALA A 276 -20.73 -0.47 -6.49
C ALA A 276 -20.47 -1.78 -7.22
N VAL A 277 -21.52 -2.39 -7.73
CA VAL A 277 -21.40 -3.67 -8.43
C VAL A 277 -20.44 -3.63 -9.62
N VAL A 278 -20.20 -2.45 -10.18
CA VAL A 278 -19.28 -2.29 -11.31
C VAL A 278 -17.84 -2.48 -10.79
N ARG A 279 -17.58 -1.97 -9.58
CA ARG A 279 -16.28 -2.12 -8.92
C ARG A 279 -16.17 -3.61 -8.59
N PHE A 280 -17.22 -4.16 -7.98
CA PHE A 280 -17.27 -5.58 -7.62
C PHE A 280 -16.92 -6.44 -8.83
N LYS A 281 -17.51 -6.12 -9.98
CA LYS A 281 -17.27 -6.86 -11.22
C LYS A 281 -15.79 -6.76 -11.59
N ASN A 282 -15.29 -5.53 -11.66
CA ASN A 282 -13.91 -5.27 -12.03
C ASN A 282 -12.87 -5.87 -11.09
N ASP A 283 -13.25 -6.07 -9.84
CA ASP A 283 -12.36 -6.64 -8.83
C ASP A 283 -12.50 -8.15 -8.72
N LYS A 284 -13.38 -8.73 -9.54
CA LYS A 284 -13.65 -10.17 -9.54
C LYS A 284 -14.17 -10.62 -8.17
N ALA A 285 -14.96 -9.76 -7.54
CA ALA A 285 -15.54 -10.06 -6.24
C ALA A 285 -16.57 -11.16 -6.35
N ASN A 286 -16.83 -11.80 -5.22
CA ASN A 286 -17.80 -12.87 -5.12
C ASN A 286 -19.15 -12.21 -4.79
N TYR A 287 -20.04 -12.16 -5.78
CA TYR A 287 -21.35 -11.53 -5.61
C TYR A 287 -22.44 -12.19 -6.47
N SER A 288 -23.67 -11.70 -6.30
CA SER A 288 -24.84 -12.21 -7.01
C SER A 288 -25.82 -11.10 -7.35
N LEU A 289 -26.63 -11.32 -8.37
CA LEU A 289 -27.65 -10.37 -8.79
C LEU A 289 -28.98 -10.90 -8.29
N ASN A 290 -29.64 -10.12 -7.44
CA ASN A 290 -30.92 -10.48 -6.83
C ASN A 290 -32.00 -9.42 -7.08
N THR A 291 -33.26 -9.81 -6.87
CA THR A 291 -34.38 -8.92 -7.10
C THR A 291 -34.91 -8.21 -5.84
N ASP A 292 -34.76 -8.86 -4.69
CA ASP A 292 -35.17 -8.29 -3.41
C ASP A 292 -36.70 -8.31 -3.17
N ASP A 293 -37.43 -7.37 -3.77
CA ASP A 293 -38.88 -7.31 -3.60
C ASP A 293 -39.53 -6.98 -4.94
N PRO A 294 -39.64 -7.98 -5.84
CA PRO A 294 -40.23 -7.81 -7.17
C PRO A 294 -41.62 -7.15 -7.14
N LEU A 295 -42.39 -7.44 -6.10
CA LEU A 295 -43.73 -6.88 -5.94
C LEU A 295 -43.70 -5.36 -5.86
N ILE A 296 -43.03 -4.87 -4.82
CA ILE A 296 -42.90 -3.45 -4.54
C ILE A 296 -42.05 -2.74 -5.58
N PHE A 297 -41.18 -3.48 -6.24
CA PHE A 297 -40.32 -2.88 -7.25
C PHE A 297 -40.84 -3.05 -8.67
N LYS A 298 -41.97 -3.72 -8.80
CA LYS A 298 -42.58 -3.97 -10.10
C LYS A 298 -41.52 -4.53 -11.03
N SER A 299 -40.86 -5.61 -10.61
CA SER A 299 -39.80 -6.17 -11.43
C SER A 299 -39.77 -7.70 -11.46
N THR A 300 -38.87 -8.22 -12.29
CA THR A 300 -38.61 -9.64 -12.46
C THR A 300 -37.10 -9.70 -12.37
N LEU A 301 -36.53 -10.89 -12.53
CA LEU A 301 -35.07 -11.03 -12.43
C LEU A 301 -34.38 -10.37 -13.61
N ASP A 302 -35.05 -10.39 -14.76
CA ASP A 302 -34.50 -9.78 -15.96
C ASP A 302 -34.34 -8.26 -15.82
N THR A 303 -34.97 -7.68 -14.81
CA THR A 303 -34.87 -6.23 -14.60
C THR A 303 -33.45 -5.88 -14.17
N ASP A 304 -32.90 -6.65 -13.24
CA ASP A 304 -31.55 -6.42 -12.73
C ASP A 304 -30.48 -6.75 -13.79
N TYR A 305 -30.66 -7.88 -14.46
CA TYR A 305 -29.73 -8.28 -15.49
C TYR A 305 -29.65 -7.27 -16.64
N GLN A 306 -30.79 -6.88 -17.19
CA GLN A 306 -30.80 -5.89 -18.27
C GLN A 306 -30.10 -4.60 -17.81
N MET A 307 -30.47 -4.14 -16.62
CA MET A 307 -29.89 -2.94 -16.03
C MET A 307 -28.37 -3.02 -16.04
N THR A 308 -27.83 -4.12 -15.54
CA THR A 308 -26.38 -4.35 -15.50
C THR A 308 -25.77 -4.55 -16.88
N LYS A 309 -26.61 -4.98 -17.82
CA LYS A 309 -26.17 -5.22 -19.18
C LYS A 309 -26.10 -3.92 -19.99
N LYS A 310 -27.22 -3.19 -20.06
CA LYS A 310 -27.31 -1.94 -20.82
C LYS A 310 -26.39 -0.87 -20.25
N ASP A 311 -26.47 -0.68 -18.94
CA ASP A 311 -25.63 0.29 -18.24
C ASP A 311 -24.67 -0.68 -17.52
N MET A 312 -23.56 -0.18 -16.99
CA MET A 312 -22.64 -1.06 -16.25
C MET A 312 -21.79 -2.11 -17.03
N GLY A 313 -22.20 -2.43 -18.25
CA GLY A 313 -21.43 -3.34 -19.11
C GLY A 313 -21.28 -4.83 -18.85
N PHE A 314 -22.19 -5.46 -18.10
CA PHE A 314 -22.08 -6.90 -17.83
C PHE A 314 -22.21 -7.81 -19.08
N THR A 315 -21.32 -8.80 -19.19
CA THR A 315 -21.32 -9.74 -20.31
C THR A 315 -21.92 -11.07 -19.89
N GLU A 316 -22.17 -11.94 -20.87
CA GLU A 316 -22.73 -13.25 -20.59
C GLU A 316 -21.77 -14.02 -19.68
N GLU A 317 -20.49 -13.78 -19.90
CA GLU A 317 -19.42 -14.42 -19.15
C GLU A 317 -19.55 -14.08 -17.68
N GLU A 318 -19.66 -12.79 -17.38
CA GLU A 318 -19.80 -12.33 -16.00
C GLU A 318 -21.06 -12.87 -15.34
N PHE A 319 -22.12 -13.09 -16.10
CA PHE A 319 -23.36 -13.62 -15.55
C PHE A 319 -23.16 -15.08 -15.12
N LYS A 320 -22.48 -15.87 -15.96
CA LYS A 320 -22.21 -17.27 -15.63
C LYS A 320 -21.36 -17.32 -14.36
N ARG A 321 -20.24 -16.61 -14.38
CA ARG A 321 -19.32 -16.55 -13.25
C ARG A 321 -20.03 -16.12 -11.96
N LEU A 322 -20.83 -15.08 -12.08
CA LEU A 322 -21.62 -14.51 -10.99
C LEU A 322 -22.59 -15.57 -10.41
N ASN A 323 -23.16 -16.40 -11.28
CA ASN A 323 -24.09 -17.41 -10.80
C ASN A 323 -23.40 -18.62 -10.20
N ILE A 324 -22.26 -19.00 -10.76
CA ILE A 324 -21.51 -20.13 -10.24
C ILE A 324 -21.09 -19.74 -8.83
N ASN A 325 -20.71 -18.47 -8.67
CA ASN A 325 -20.31 -17.91 -7.37
C ASN A 325 -21.44 -17.94 -6.33
N ALA A 326 -22.69 -17.76 -6.80
CA ALA A 326 -23.85 -17.78 -5.92
C ALA A 326 -24.09 -19.22 -5.49
N ALA A 327 -23.84 -20.16 -6.41
CA ALA A 327 -24.00 -21.58 -6.14
C ALA A 327 -23.03 -22.02 -5.04
N LYS A 328 -21.76 -21.67 -5.22
CA LYS A 328 -20.70 -22.00 -4.28
C LYS A 328 -21.00 -21.39 -2.92
N SER A 329 -21.40 -20.11 -2.92
CA SER A 329 -21.71 -19.38 -1.68
C SER A 329 -23.12 -19.62 -1.14
N SER A 330 -23.86 -20.58 -1.70
CA SER A 330 -25.20 -20.85 -1.19
C SER A 330 -25.09 -21.49 0.19
N PHE A 331 -26.23 -21.63 0.87
CA PHE A 331 -26.25 -22.20 2.22
C PHE A 331 -26.72 -23.65 2.23
N LEU A 332 -26.43 -24.31 1.12
CA LEU A 332 -26.77 -25.71 0.85
C LEU A 332 -25.65 -26.61 1.37
N PRO A 333 -25.96 -27.89 1.64
CA PRO A 333 -24.93 -28.83 2.12
C PRO A 333 -24.05 -29.19 0.90
N GLU A 334 -22.82 -29.63 1.14
CA GLU A 334 -21.91 -29.97 0.05
C GLU A 334 -22.48 -30.83 -1.07
N GLU A 335 -23.17 -31.91 -0.72
CA GLU A 335 -23.73 -32.81 -1.73
C GLU A 335 -24.68 -32.10 -2.69
N GLU A 336 -25.63 -31.35 -2.13
CA GLU A 336 -26.61 -30.61 -2.91
C GLU A 336 -25.97 -29.49 -3.71
N LYS A 337 -24.97 -28.86 -3.13
CA LYS A 337 -24.25 -27.78 -3.78
C LYS A 337 -23.51 -28.30 -5.02
N LYS A 338 -23.01 -29.52 -4.97
CA LYS A 338 -22.30 -30.12 -6.10
C LYS A 338 -23.32 -30.32 -7.20
N GLU A 339 -24.46 -30.90 -6.84
CA GLU A 339 -25.53 -31.15 -7.78
C GLU A 339 -25.90 -29.89 -8.56
N LEU A 340 -25.91 -28.76 -7.85
CA LEU A 340 -26.22 -27.47 -8.42
C LEU A 340 -25.14 -27.12 -9.41
N LEU A 341 -23.89 -27.09 -8.96
CA LEU A 341 -22.79 -26.75 -9.86
C LEU A 341 -22.75 -27.64 -11.12
N GLU A 342 -23.24 -28.87 -11.01
CA GLU A 342 -23.28 -29.77 -12.16
C GLU A 342 -24.31 -29.22 -13.14
N ARG A 343 -25.47 -28.85 -12.61
CA ARG A 343 -26.57 -28.29 -13.41
C ARG A 343 -26.14 -27.05 -14.17
N LEU A 344 -25.54 -26.10 -13.47
CA LEU A 344 -25.08 -24.88 -14.10
C LEU A 344 -24.07 -25.20 -15.19
N TYR A 345 -23.03 -25.94 -14.85
CA TYR A 345 -21.99 -26.30 -15.82
C TYR A 345 -22.49 -27.07 -17.04
N ARG A 346 -23.50 -27.90 -16.82
CA ARG A 346 -24.10 -28.71 -17.88
C ARG A 346 -24.85 -27.79 -18.84
N GLU A 347 -25.72 -26.97 -18.26
CA GLU A 347 -26.55 -26.04 -19.01
C GLU A 347 -25.91 -24.74 -19.44
N TYR A 348 -24.63 -24.57 -19.14
CA TYR A 348 -23.92 -23.37 -19.55
C TYR A 348 -23.06 -23.60 -20.78
N GLN A 349 -22.97 -24.85 -21.22
CA GLN A 349 -22.17 -25.19 -22.39
C GLN A 349 -22.78 -24.73 -23.70
N THR B 1 20.52 -2.17 -66.49
CA THR B 1 21.23 -3.45 -66.25
C THR B 1 21.78 -3.52 -64.84
N PRO B 2 21.60 -4.65 -64.14
CA PRO B 2 22.13 -4.74 -62.77
C PRO B 2 23.65 -4.62 -62.81
N ALA B 3 24.22 -4.17 -61.69
CA ALA B 3 25.65 -3.96 -61.56
C ALA B 3 26.51 -5.22 -61.41
N PHE B 4 25.97 -6.25 -60.76
CA PHE B 4 26.68 -7.51 -60.54
C PHE B 4 25.64 -8.62 -60.52
N ASN B 5 25.26 -9.11 -61.69
CA ASN B 5 24.26 -10.16 -61.80
C ASN B 5 24.80 -11.57 -61.49
N LYS B 6 25.35 -11.72 -60.28
CA LYS B 6 25.90 -13.00 -59.83
C LYS B 6 25.66 -13.15 -58.32
N PRO B 7 25.68 -14.39 -57.79
CA PRO B 7 25.47 -14.69 -56.37
C PRO B 7 26.13 -13.71 -55.40
N LYS B 8 25.39 -13.32 -54.36
CA LYS B 8 25.90 -12.37 -53.38
C LYS B 8 25.72 -12.88 -51.98
N VAL B 9 26.42 -12.24 -51.05
CA VAL B 9 26.36 -12.57 -49.63
C VAL B 9 26.11 -11.26 -48.91
N GLU B 10 25.16 -11.26 -47.99
CA GLU B 10 24.83 -10.07 -47.23
C GLU B 10 24.89 -10.40 -45.75
N LEU B 11 25.79 -9.70 -45.06
CA LEU B 11 26.04 -9.89 -43.64
C LEU B 11 25.50 -8.79 -42.72
N HIS B 12 24.79 -7.82 -43.30
CA HIS B 12 24.33 -6.68 -42.50
C HIS B 12 23.07 -6.08 -43.09
N VAL B 13 21.92 -6.55 -42.62
CA VAL B 13 20.62 -6.07 -43.05
C VAL B 13 19.64 -6.31 -41.91
N HIS B 14 18.71 -5.39 -41.72
CA HIS B 14 17.74 -5.44 -40.63
C HIS B 14 16.34 -5.91 -40.99
N LEU B 15 15.89 -6.98 -40.34
CA LEU B 15 14.55 -7.51 -40.61
C LEU B 15 13.47 -6.48 -40.31
N ASP B 16 13.66 -5.66 -39.28
CA ASP B 16 12.64 -4.66 -39.00
C ASP B 16 12.68 -3.47 -39.96
N GLY B 17 13.72 -3.43 -40.79
CA GLY B 17 13.84 -2.38 -41.79
C GLY B 17 13.80 -2.99 -43.18
N ALA B 18 13.16 -4.16 -43.29
CA ALA B 18 13.08 -4.87 -44.56
C ALA B 18 11.76 -5.59 -44.68
N ILE B 19 10.67 -4.87 -44.41
CA ILE B 19 9.31 -5.42 -44.47
C ILE B 19 8.61 -4.85 -45.71
N LYS B 20 7.62 -5.58 -46.23
CA LYS B 20 6.91 -5.09 -47.42
C LYS B 20 5.84 -4.08 -47.04
N PRO B 21 5.73 -2.97 -47.81
CA PRO B 21 4.70 -1.98 -47.48
C PRO B 21 3.34 -2.67 -47.48
N GLU B 22 3.12 -3.59 -48.42
CA GLU B 22 1.85 -4.30 -48.52
C GLU B 22 1.54 -5.05 -47.23
N THR B 23 2.57 -5.60 -46.59
CA THR B 23 2.40 -6.36 -45.36
C THR B 23 2.20 -5.46 -44.15
N ILE B 24 2.82 -4.29 -44.17
CA ILE B 24 2.67 -3.31 -43.09
C ILE B 24 1.20 -2.87 -43.18
N LEU B 25 0.78 -2.50 -44.38
CA LEU B 25 -0.58 -2.07 -44.65
C LEU B 25 -1.55 -3.17 -44.26
N TYR B 26 -1.25 -4.40 -44.66
CA TYR B 26 -2.12 -5.53 -44.35
C TYR B 26 -2.41 -5.64 -42.85
N PHE B 27 -1.36 -5.54 -42.04
CA PHE B 27 -1.56 -5.64 -40.60
C PHE B 27 -2.12 -4.39 -39.95
N GLY B 28 -1.94 -3.24 -40.58
CA GLY B 28 -2.49 -2.01 -40.04
C GLY B 28 -4.01 -2.08 -39.99
N LYS B 29 -4.60 -2.49 -41.10
CA LYS B 29 -6.06 -2.62 -41.20
C LYS B 29 -6.56 -3.77 -40.34
N LYS B 30 -5.81 -4.87 -40.36
CA LYS B 30 -6.15 -6.08 -39.63
C LYS B 30 -6.24 -5.95 -38.11
N ARG B 31 -5.39 -5.12 -37.52
CA ARG B 31 -5.36 -4.95 -36.07
C ARG B 31 -6.04 -3.68 -35.58
N GLY B 32 -6.32 -2.77 -36.51
CA GLY B 32 -6.96 -1.53 -36.11
C GLY B 32 -5.93 -0.56 -35.57
N ILE B 33 -4.72 -0.58 -36.14
CA ILE B 33 -3.64 0.31 -35.73
C ILE B 33 -3.35 1.23 -36.92
N ALA B 34 -3.30 2.52 -36.65
CA ALA B 34 -3.08 3.51 -37.71
C ALA B 34 -1.66 3.65 -38.26
N LEU B 35 -1.59 3.78 -39.58
CA LEU B 35 -0.33 3.99 -40.30
C LEU B 35 -0.39 5.42 -40.85
N PRO B 36 0.77 6.00 -41.19
CA PRO B 36 0.80 7.36 -41.74
C PRO B 36 0.36 7.47 -43.21
N ALA B 37 -0.17 6.39 -43.77
CA ALA B 37 -0.63 6.38 -45.17
C ALA B 37 -1.57 5.20 -45.40
N ASP B 38 -2.50 5.37 -46.34
CA ASP B 38 -3.48 4.33 -46.65
C ASP B 38 -3.19 3.56 -47.93
N THR B 39 -2.13 3.95 -48.63
CA THR B 39 -1.75 3.31 -49.89
C THR B 39 -0.25 2.96 -49.85
N VAL B 40 0.16 1.92 -50.61
CA VAL B 40 1.57 1.50 -50.62
C VAL B 40 2.53 2.58 -51.14
N GLU B 41 2.13 3.30 -52.18
CA GLU B 41 3.00 4.34 -52.70
C GLU B 41 3.22 5.45 -51.67
N GLU B 42 2.17 5.85 -50.98
CA GLU B 42 2.29 6.88 -49.97
C GLU B 42 3.05 6.39 -48.75
N LEU B 43 2.77 5.16 -48.33
CA LEU B 43 3.47 4.55 -47.21
C LEU B 43 4.98 4.57 -47.52
N ARG B 44 5.33 4.18 -48.74
CA ARG B 44 6.72 4.18 -49.18
C ARG B 44 7.36 5.57 -49.09
N ASN B 45 6.60 6.59 -49.45
CA ASN B 45 7.11 7.96 -49.43
C ASN B 45 7.25 8.53 -48.04
N ILE B 46 6.44 8.05 -47.10
CA ILE B 46 6.53 8.59 -45.75
C ILE B 46 7.50 7.81 -44.85
N ILE B 47 7.54 6.49 -45.03
CA ILE B 47 8.45 5.65 -44.26
C ILE B 47 9.86 5.85 -44.81
N GLY B 48 9.94 6.00 -46.13
CA GLY B 48 11.21 6.18 -46.80
C GLY B 48 11.90 7.52 -46.70
N MET B 49 13.22 7.50 -46.93
CA MET B 49 14.04 8.70 -46.87
C MET B 49 14.56 9.03 -48.25
N ASP B 50 14.31 10.27 -48.65
CA ASP B 50 14.72 10.76 -49.95
C ASP B 50 16.08 11.45 -49.81
N LYS B 51 16.21 12.22 -48.74
CA LYS B 51 17.42 12.99 -48.50
C LYS B 51 18.04 12.75 -47.13
N PRO B 52 19.34 13.05 -46.99
CA PRO B 52 20.09 12.87 -45.75
C PRO B 52 19.45 13.56 -44.54
N LEU B 53 19.33 12.83 -43.44
CA LEU B 53 18.80 13.38 -42.20
C LEU B 53 19.94 13.21 -41.21
N SER B 54 19.79 12.28 -40.29
CA SER B 54 20.81 12.00 -39.28
C SER B 54 20.46 10.62 -38.76
N LEU B 55 21.32 10.04 -37.94
CA LEU B 55 21.01 8.72 -37.41
C LEU B 55 19.71 8.75 -36.59
N PRO B 56 19.51 9.77 -35.73
CA PRO B 56 18.25 9.80 -34.96
C PRO B 56 17.04 9.99 -35.89
N GLY B 57 17.21 10.80 -36.93
CA GLY B 57 16.13 11.00 -37.88
C GLY B 57 15.74 9.69 -38.55
N PHE B 58 16.74 8.93 -38.98
CA PHE B 58 16.49 7.64 -39.63
C PHE B 58 15.81 6.68 -38.66
N LEU B 59 16.33 6.59 -37.44
CA LEU B 59 15.80 5.70 -36.41
C LEU B 59 14.36 6.00 -35.96
N ALA B 60 13.90 7.21 -36.25
CA ALA B 60 12.54 7.61 -35.88
C ALA B 60 11.51 7.04 -36.85
N LYS B 61 11.93 6.75 -38.07
CA LYS B 61 11.04 6.19 -39.09
C LYS B 61 10.39 4.87 -38.65
N PHE B 62 11.01 4.20 -37.69
CA PHE B 62 10.49 2.93 -37.15
C PHE B 62 9.20 3.09 -36.35
N ASP B 63 9.01 4.26 -35.77
CA ASP B 63 7.81 4.55 -34.96
C ASP B 63 6.54 4.44 -35.79
N TYR B 64 6.66 4.72 -37.08
CA TYR B 64 5.54 4.68 -38.01
C TYR B 64 4.85 3.33 -38.16
N TYR B 65 5.62 2.30 -38.46
CA TYR B 65 5.09 0.97 -38.71
C TYR B 65 5.36 -0.14 -37.69
N MET B 66 6.36 0.04 -36.83
CA MET B 66 6.69 -0.98 -35.83
C MET B 66 5.52 -1.41 -34.96
N PRO B 67 4.65 -0.47 -34.55
CA PRO B 67 3.49 -0.82 -33.70
C PRO B 67 2.56 -1.86 -34.34
N VAL B 68 2.55 -1.89 -35.67
CA VAL B 68 1.71 -2.81 -36.42
C VAL B 68 2.24 -4.25 -36.47
N ILE B 69 3.57 -4.41 -36.44
CA ILE B 69 4.17 -5.74 -36.48
C ILE B 69 4.38 -6.32 -35.07
N ALA B 70 4.98 -5.54 -34.16
CA ALA B 70 5.24 -6.01 -32.79
C ALA B 70 4.03 -6.61 -32.07
N GLY B 71 4.28 -7.69 -31.33
CA GLY B 71 3.21 -8.32 -30.59
C GLY B 71 2.21 -9.13 -31.40
N CYS B 72 2.54 -9.42 -32.66
CA CYS B 72 1.65 -10.23 -33.50
C CYS B 72 2.43 -11.41 -34.03
N ARG B 73 2.10 -12.60 -33.52
CA ARG B 73 2.77 -13.83 -33.93
C ARG B 73 2.78 -14.09 -35.44
N GLU B 74 1.62 -14.07 -36.09
CA GLU B 74 1.59 -14.32 -37.52
C GLU B 74 2.37 -13.27 -38.32
N ALA B 75 2.43 -12.04 -37.81
CA ALA B 75 3.15 -10.96 -38.49
C ALA B 75 4.65 -11.16 -38.36
N ILE B 76 5.08 -11.52 -37.15
CA ILE B 76 6.50 -11.75 -36.86
C ILE B 76 7.04 -12.87 -37.75
N LYS B 77 6.26 -13.93 -37.93
CA LYS B 77 6.68 -15.03 -38.77
C LYS B 77 6.64 -14.64 -40.23
N ARG B 78 5.58 -13.94 -40.64
CA ARG B 78 5.42 -13.53 -42.02
C ARG B 78 6.58 -12.69 -42.53
N ILE B 79 6.88 -11.58 -41.87
CA ILE B 79 7.99 -10.71 -42.30
C ILE B 79 9.29 -11.50 -42.48
N ALA B 80 9.47 -12.53 -41.65
CA ALA B 80 10.66 -13.37 -41.69
C ALA B 80 10.70 -14.21 -42.96
N TYR B 81 9.59 -14.90 -43.24
CA TYR B 81 9.48 -15.75 -44.43
C TYR B 81 9.59 -14.92 -45.71
N GLU B 82 8.92 -13.77 -45.72
CA GLU B 82 8.93 -12.90 -46.89
C GLU B 82 10.31 -12.33 -47.11
N PHE B 83 11.04 -12.14 -46.02
CA PHE B 83 12.39 -11.60 -46.10
C PHE B 83 13.25 -12.52 -46.96
N VAL B 84 13.18 -13.82 -46.69
CA VAL B 84 13.96 -14.81 -47.44
C VAL B 84 13.66 -14.71 -48.93
N GLU B 85 12.39 -14.57 -49.28
CA GLU B 85 11.98 -14.45 -50.67
C GLU B 85 12.56 -13.18 -51.28
N MET B 86 12.50 -12.05 -50.55
CA MET B 86 13.06 -10.79 -51.04
C MET B 86 14.50 -11.00 -51.47
N LYS B 87 15.30 -11.56 -50.56
CA LYS B 87 16.71 -11.81 -50.83
C LYS B 87 16.94 -12.80 -51.96
N ALA B 88 16.19 -13.90 -51.97
CA ALA B 88 16.36 -14.89 -53.02
C ALA B 88 16.32 -14.20 -54.38
N LYS B 89 15.29 -13.39 -54.62
CA LYS B 89 15.15 -12.67 -55.89
C LYS B 89 16.27 -11.64 -56.14
N GLU B 90 16.99 -11.25 -55.10
CA GLU B 90 18.07 -10.29 -55.28
C GLU B 90 19.36 -10.97 -55.71
N GLY B 91 19.30 -12.30 -55.86
CA GLY B 91 20.47 -13.08 -56.23
C GLY B 91 21.38 -13.36 -55.06
N VAL B 92 20.85 -13.19 -53.84
CA VAL B 92 21.58 -13.42 -52.60
C VAL B 92 21.50 -14.90 -52.22
N VAL B 93 22.65 -15.54 -52.03
CA VAL B 93 22.67 -16.96 -51.67
C VAL B 93 22.87 -17.24 -50.18
N TYR B 94 23.36 -16.25 -49.43
CA TYR B 94 23.53 -16.37 -48.00
C TYR B 94 23.25 -15.01 -47.35
N VAL B 95 22.48 -15.01 -46.26
CA VAL B 95 22.14 -13.78 -45.55
C VAL B 95 22.12 -13.94 -44.04
N GLU B 96 22.47 -12.85 -43.36
CA GLU B 96 22.43 -12.80 -41.91
C GLU B 96 21.55 -11.60 -41.59
N VAL B 97 20.38 -11.88 -41.04
CA VAL B 97 19.40 -10.85 -40.70
C VAL B 97 19.49 -10.50 -39.24
N ARG B 98 19.44 -9.21 -38.95
CA ARG B 98 19.50 -8.76 -37.56
C ARG B 98 18.23 -8.05 -37.18
N TYR B 99 17.90 -8.13 -35.90
CA TYR B 99 16.73 -7.49 -35.34
C TYR B 99 16.81 -7.59 -33.82
N SER B 100 16.13 -6.67 -33.15
CA SER B 100 16.07 -6.66 -31.70
C SER B 100 14.81 -7.43 -31.31
N PRO B 101 14.96 -8.58 -30.66
CA PRO B 101 13.78 -9.35 -30.28
C PRO B 101 12.89 -8.65 -29.22
N HIS B 102 13.47 -7.68 -28.53
CA HIS B 102 12.72 -6.96 -27.51
C HIS B 102 11.75 -5.96 -28.09
N LEU B 103 12.07 -5.42 -29.25
CA LEU B 103 11.23 -4.43 -29.92
C LEU B 103 10.04 -5.01 -30.68
N LEU B 104 9.92 -6.33 -30.68
CA LEU B 104 8.83 -7.02 -31.39
C LEU B 104 7.95 -7.74 -30.38
N ALA B 105 8.37 -7.70 -29.12
CA ALA B 105 7.65 -8.34 -28.02
C ALA B 105 6.70 -7.38 -27.34
N ASN B 106 5.82 -7.94 -26.51
CA ASN B 106 4.84 -7.14 -25.79
C ASN B 106 4.51 -7.72 -24.41
N SER B 107 5.41 -8.57 -23.91
CA SER B 107 5.28 -9.21 -22.61
C SER B 107 6.68 -9.45 -22.12
N LYS B 108 6.92 -9.15 -20.85
CA LYS B 108 8.24 -9.32 -20.26
C LYS B 108 9.32 -8.47 -20.96
N VAL B 109 8.99 -7.21 -21.21
CA VAL B 109 9.93 -6.25 -21.81
C VAL B 109 9.62 -5.03 -20.96
N ASP B 110 10.59 -4.54 -20.18
CA ASP B 110 10.27 -3.40 -19.32
C ASP B 110 9.81 -2.16 -20.04
N PRO B 111 10.74 -1.40 -20.67
CA PRO B 111 10.09 -0.25 -21.30
C PRO B 111 9.34 -0.86 -22.49
N MET B 112 8.05 -1.12 -22.29
CA MET B 112 7.18 -1.70 -23.30
C MET B 112 7.31 -0.90 -24.59
N PRO B 113 7.75 -1.56 -25.67
CA PRO B 113 7.92 -0.90 -26.97
C PRO B 113 6.63 -0.42 -27.63
N TRP B 114 6.76 0.64 -28.42
CA TRP B 114 5.65 1.18 -29.19
C TRP B 114 4.30 1.33 -28.48
N ASN B 115 4.32 1.73 -27.21
CA ASN B 115 3.09 1.94 -26.42
C ASN B 115 2.17 0.74 -26.27
N GLN B 116 2.57 -0.41 -26.80
CA GLN B 116 1.74 -1.62 -26.75
C GLN B 116 1.12 -1.90 -25.38
N THR B 117 0.07 -2.72 -25.41
CA THR B 117 -0.64 -3.14 -24.19
C THR B 117 -0.08 -4.53 -23.88
N GLU B 118 0.06 -4.86 -22.60
CA GLU B 118 0.55 -6.16 -22.17
C GLU B 118 -0.10 -7.33 -22.92
N GLY B 119 0.74 -8.21 -23.46
CA GLY B 119 0.28 -9.38 -24.20
C GLY B 119 0.99 -10.65 -23.75
N ASP B 120 1.20 -11.58 -24.69
CA ASP B 120 1.88 -12.84 -24.37
C ASP B 120 3.16 -13.11 -25.14
N VAL B 121 3.46 -12.26 -26.10
CA VAL B 121 4.66 -12.40 -26.93
C VAL B 121 5.94 -11.95 -26.18
N THR B 122 6.64 -12.91 -25.63
CA THR B 122 7.87 -12.72 -24.88
C THR B 122 9.05 -12.56 -25.88
N PRO B 123 10.13 -11.83 -25.49
CA PRO B 123 11.28 -11.67 -26.40
C PRO B 123 11.83 -13.01 -26.92
N ASP B 124 11.69 -14.07 -26.12
CA ASP B 124 12.15 -15.39 -26.50
C ASP B 124 11.25 -15.87 -27.66
N ASP B 125 9.94 -15.66 -27.50
CA ASP B 125 8.94 -16.05 -28.49
C ASP B 125 9.16 -15.46 -29.88
N VAL B 126 9.63 -14.23 -29.98
CA VAL B 126 9.85 -13.64 -31.30
C VAL B 126 11.01 -14.35 -32.00
N VAL B 127 12.00 -14.79 -31.22
CA VAL B 127 13.16 -15.48 -31.78
C VAL B 127 12.67 -16.79 -32.37
N ASP B 128 11.79 -17.45 -31.64
CA ASP B 128 11.21 -18.70 -32.11
C ASP B 128 10.41 -18.45 -33.39
N LEU B 129 9.65 -17.36 -33.43
CA LEU B 129 8.83 -17.01 -34.59
C LEU B 129 9.65 -16.60 -35.82
N VAL B 130 10.75 -15.90 -35.59
CA VAL B 130 11.61 -15.49 -36.70
C VAL B 130 12.33 -16.72 -37.27
N ASN B 131 12.86 -17.57 -36.39
CA ASN B 131 13.56 -18.77 -36.81
C ASN B 131 12.67 -19.61 -37.73
N GLN B 132 11.41 -19.79 -37.32
CA GLN B 132 10.45 -20.58 -38.09
C GLN B 132 10.26 -20.02 -39.49
N GLY B 133 10.03 -18.72 -39.57
CA GLY B 133 9.83 -18.09 -40.87
C GLY B 133 11.08 -18.21 -41.73
N LEU B 134 12.23 -17.94 -41.13
CA LEU B 134 13.50 -18.01 -41.87
C LEU B 134 13.76 -19.43 -42.37
N GLN B 135 13.47 -20.41 -41.54
CA GLN B 135 13.67 -21.81 -41.92
C GLN B 135 12.76 -22.29 -43.06
N GLU B 136 11.48 -21.94 -43.02
CA GLU B 136 10.55 -22.33 -44.07
C GLU B 136 10.93 -21.61 -45.38
N GLY B 137 11.34 -20.36 -45.26
CA GLY B 137 11.76 -19.60 -46.43
C GLY B 137 13.05 -20.17 -47.00
N GLU B 138 13.91 -20.67 -46.13
CA GLU B 138 15.19 -21.27 -46.54
C GLU B 138 14.90 -22.54 -47.35
N GLN B 139 13.90 -23.30 -46.91
CA GLN B 139 13.52 -24.52 -47.59
C GLN B 139 12.80 -24.18 -48.90
N ALA B 140 11.99 -23.12 -48.87
CA ALA B 140 11.21 -22.71 -50.03
C ALA B 140 11.92 -21.96 -51.17
N PHE B 141 12.89 -21.10 -50.85
CA PHE B 141 13.56 -20.32 -51.89
C PHE B 141 15.00 -20.74 -52.25
N GLY B 142 15.50 -21.77 -51.56
CA GLY B 142 16.83 -22.27 -51.84
C GLY B 142 18.07 -21.52 -51.39
N ILE B 143 17.90 -20.54 -50.50
CA ILE B 143 19.06 -19.80 -50.02
C ILE B 143 19.23 -20.09 -48.53
N LYS B 144 20.46 -19.99 -48.03
CA LYS B 144 20.75 -20.23 -46.62
C LYS B 144 20.62 -18.91 -45.85
N VAL B 145 19.86 -18.95 -44.76
CA VAL B 145 19.63 -17.77 -43.92
C VAL B 145 19.95 -18.04 -42.45
N ARG B 146 20.55 -17.05 -41.80
CA ARG B 146 20.88 -17.12 -40.38
C ARG B 146 20.53 -15.76 -39.79
N SER B 147 20.32 -15.70 -38.47
CA SER B 147 20.00 -14.43 -37.84
C SER B 147 21.03 -13.96 -36.81
N ILE B 148 20.89 -12.70 -36.39
CA ILE B 148 21.76 -12.06 -35.42
C ILE B 148 20.84 -11.24 -34.52
N LEU B 149 21.07 -11.26 -33.21
CA LEU B 149 20.22 -10.51 -32.27
C LEU B 149 20.89 -9.21 -31.84
N CYS B 150 20.13 -8.13 -31.89
CA CYS B 150 20.64 -6.80 -31.57
C CYS B 150 20.40 -6.23 -30.16
N CYS B 151 21.49 -5.79 -29.55
CA CYS B 151 21.47 -5.14 -28.24
C CYS B 151 21.20 -3.69 -28.63
N MET B 152 20.26 -3.03 -27.97
CA MET B 152 19.98 -1.65 -28.32
C MET B 152 20.77 -0.71 -27.43
N ARG B 153 21.60 0.13 -28.04
CA ARG B 153 22.44 1.07 -27.29
C ARG B 153 21.82 1.78 -26.10
N HIS B 154 20.54 2.11 -26.20
CA HIS B 154 19.85 2.83 -25.13
C HIS B 154 19.28 1.95 -24.05
N GLN B 155 19.26 0.64 -24.29
CA GLN B 155 18.72 -0.32 -23.31
C GLN B 155 19.74 -1.39 -22.97
N PRO B 156 20.69 -1.07 -22.07
CA PRO B 156 21.68 -2.06 -21.68
C PRO B 156 21.06 -3.15 -20.80
N SER B 157 19.88 -2.87 -20.24
CA SER B 157 19.20 -3.82 -19.38
C SER B 157 18.72 -5.06 -20.14
N TRP B 158 18.61 -4.94 -21.46
CA TRP B 158 18.17 -6.04 -22.32
C TRP B 158 19.35 -6.88 -22.86
N SER B 159 20.54 -6.31 -22.83
CA SER B 159 21.74 -6.95 -23.36
C SER B 159 22.10 -8.34 -22.84
N LEU B 160 22.16 -8.52 -21.52
CA LEU B 160 22.52 -9.83 -20.99
C LEU B 160 21.50 -10.87 -21.44
N GLU B 161 20.26 -10.44 -21.61
CA GLU B 161 19.20 -11.33 -22.05
C GLU B 161 19.37 -11.68 -23.53
N VAL B 162 19.79 -10.71 -24.34
CA VAL B 162 20.01 -10.98 -25.76
C VAL B 162 21.06 -12.09 -25.81
N LEU B 163 22.09 -11.99 -24.97
CA LEU B 163 23.13 -13.02 -24.93
C LEU B 163 22.57 -14.41 -24.71
N GLU B 164 21.64 -14.53 -23.77
CA GLU B 164 21.04 -15.82 -23.47
C GLU B 164 20.26 -16.39 -24.64
N LEU B 165 19.65 -15.52 -25.44
CA LEU B 165 18.90 -15.98 -26.59
C LEU B 165 19.88 -16.47 -27.65
N CYS B 166 21.01 -15.79 -27.75
CA CYS B 166 22.04 -16.16 -28.69
C CYS B 166 22.56 -17.56 -28.34
N LYS B 167 22.74 -17.83 -27.04
CA LYS B 167 23.21 -19.13 -26.55
C LYS B 167 22.18 -20.23 -26.79
N LYS B 168 20.95 -19.97 -26.34
CA LYS B 168 19.85 -20.91 -26.48
C LYS B 168 19.50 -21.22 -27.95
N TYR B 169 19.63 -20.22 -28.82
CA TYR B 169 19.33 -20.40 -30.24
C TYR B 169 20.59 -20.41 -31.11
N ASN B 170 21.70 -20.90 -30.55
CA ASN B 170 22.97 -20.96 -31.27
C ASN B 170 22.86 -21.85 -32.50
N GLN B 171 23.11 -21.25 -33.65
CA GLN B 171 23.05 -21.92 -34.94
C GLN B 171 21.63 -22.32 -35.38
N LYS B 172 20.66 -22.19 -34.47
CA LYS B 172 19.26 -22.46 -34.81
C LYS B 172 18.90 -21.08 -35.33
N THR B 173 19.62 -20.72 -36.41
CA THR B 173 19.59 -19.45 -37.11
C THR B 173 20.47 -18.42 -36.41
N VAL B 174 20.30 -18.21 -35.10
CA VAL B 174 21.11 -17.19 -34.41
C VAL B 174 22.61 -17.50 -34.39
N VAL B 175 23.35 -16.78 -35.23
CA VAL B 175 24.80 -16.97 -35.35
C VAL B 175 25.66 -15.90 -34.64
N ALA B 176 25.06 -14.79 -34.24
CA ALA B 176 25.81 -13.72 -33.58
C ALA B 176 24.97 -12.70 -32.83
N MET B 177 25.69 -11.83 -32.11
CA MET B 177 25.11 -10.75 -31.34
C MET B 177 25.61 -9.42 -31.89
N ASP B 178 24.72 -8.43 -31.93
CA ASP B 178 25.03 -7.12 -32.47
C ASP B 178 24.70 -6.01 -31.47
N LEU B 179 25.19 -4.82 -31.74
CA LEU B 179 24.91 -3.66 -30.91
C LEU B 179 24.46 -2.60 -31.92
N ALA B 180 23.16 -2.31 -31.92
CA ALA B 180 22.59 -1.35 -32.83
C ALA B 180 21.99 -0.17 -32.07
N GLY B 181 21.35 0.73 -32.81
CA GLY B 181 20.73 1.87 -32.18
C GLY B 181 21.41 3.19 -32.44
N ASP B 182 21.22 4.11 -31.50
CA ASP B 182 21.75 5.46 -31.59
C ASP B 182 23.22 5.56 -31.12
N GLU B 183 24.12 5.62 -32.09
CA GLU B 183 25.55 5.74 -31.80
C GLU B 183 25.93 7.12 -31.25
N THR B 184 24.99 8.05 -31.21
CA THR B 184 25.32 9.38 -30.69
C THR B 184 25.27 9.44 -29.18
N ILE B 185 24.78 8.38 -28.55
CA ILE B 185 24.72 8.36 -27.09
C ILE B 185 26.11 8.15 -26.51
N GLU B 186 26.72 9.27 -26.09
CA GLU B 186 28.05 9.30 -25.50
C GLU B 186 28.40 8.10 -24.63
N GLY B 187 29.47 7.40 -25.01
CA GLY B 187 29.96 6.26 -24.29
C GLY B 187 28.99 5.11 -24.11
N SER B 188 28.01 5.01 -25.01
CA SER B 188 27.01 3.95 -24.92
C SER B 188 27.55 2.55 -25.15
N SER B 189 28.63 2.45 -25.94
CA SER B 189 29.24 1.15 -26.24
C SER B 189 29.80 0.49 -24.99
N LEU B 190 30.15 1.29 -23.99
CA LEU B 190 30.73 0.78 -22.76
C LEU B 190 29.77 0.69 -21.56
N PHE B 191 28.47 0.80 -21.80
CA PHE B 191 27.52 0.67 -20.70
C PHE B 191 27.67 -0.75 -20.17
N PRO B 192 27.76 -0.91 -18.85
CA PRO B 192 27.90 -2.20 -18.18
C PRO B 192 27.14 -3.35 -18.82
N GLY B 193 25.84 -3.21 -18.99
CA GLY B 193 25.05 -4.27 -19.60
C GLY B 193 25.56 -4.70 -20.95
N HIS B 194 26.03 -3.73 -21.75
CA HIS B 194 26.56 -4.06 -23.07
C HIS B 194 27.90 -4.80 -22.91
N VAL B 195 28.81 -4.23 -22.13
CA VAL B 195 30.12 -4.85 -21.92
C VAL B 195 30.01 -6.28 -21.34
N GLU B 196 29.21 -6.44 -20.29
CA GLU B 196 29.02 -7.74 -19.66
C GLU B 196 28.52 -8.81 -20.62
N ALA B 197 27.71 -8.40 -21.60
CA ALA B 197 27.17 -9.32 -22.60
C ALA B 197 28.20 -9.72 -23.66
N TYR B 198 29.04 -8.78 -24.10
CA TYR B 198 30.05 -9.14 -25.08
C TYR B 198 31.14 -9.99 -24.47
N GLU B 199 31.57 -9.63 -23.26
CA GLU B 199 32.60 -10.39 -22.56
C GLU B 199 32.07 -11.79 -22.33
N GLY B 200 30.76 -11.88 -22.08
CA GLY B 200 30.11 -13.16 -21.86
C GLY B 200 30.09 -13.98 -23.14
N ALA B 201 29.94 -13.31 -24.27
CA ALA B 201 29.91 -13.97 -25.56
C ALA B 201 31.32 -14.44 -25.93
N VAL B 202 32.30 -13.71 -25.43
CA VAL B 202 33.71 -14.03 -25.67
C VAL B 202 34.05 -15.35 -24.96
N LYS B 203 33.65 -15.43 -23.70
CA LYS B 203 33.91 -16.58 -22.88
C LYS B 203 33.06 -17.79 -23.30
N ASN B 204 31.95 -17.55 -24.00
CA ASN B 204 31.05 -18.64 -24.42
C ASN B 204 31.04 -19.02 -25.89
N GLY B 205 31.84 -18.36 -26.70
CA GLY B 205 31.89 -18.70 -28.11
C GLY B 205 30.80 -18.13 -29.00
N ILE B 206 30.06 -17.15 -28.51
CA ILE B 206 29.00 -16.49 -29.29
C ILE B 206 29.68 -15.37 -30.09
N HIS B 207 29.35 -15.28 -31.38
CA HIS B 207 29.95 -14.27 -32.25
C HIS B 207 29.52 -12.84 -31.94
N ARG B 208 30.35 -11.88 -32.33
CA ARG B 208 30.08 -10.48 -32.06
C ARG B 208 30.28 -9.60 -33.26
N THR B 209 29.41 -8.62 -33.40
CA THR B 209 29.47 -7.62 -34.46
C THR B 209 28.92 -6.35 -33.77
N VAL B 210 29.43 -5.17 -34.13
CA VAL B 210 28.98 -3.92 -33.48
C VAL B 210 28.96 -2.75 -34.45
N HIS B 211 27.90 -1.96 -34.42
CA HIS B 211 27.83 -0.76 -35.27
C HIS B 211 28.78 0.22 -34.60
N ALA B 212 29.72 0.79 -35.35
CA ALA B 212 30.67 1.72 -34.80
C ALA B 212 31.29 2.55 -35.93
N GLY B 213 31.63 3.80 -35.65
CA GLY B 213 32.21 4.62 -36.69
C GLY B 213 31.23 4.86 -37.83
N GLU B 214 29.95 4.54 -37.63
CA GLU B 214 28.97 4.80 -38.67
C GLU B 214 28.86 6.32 -38.70
N VAL B 215 28.67 6.87 -37.51
CA VAL B 215 28.49 8.30 -37.36
C VAL B 215 29.36 8.89 -36.22
N GLY B 216 29.99 8.01 -35.43
CA GLY B 216 30.83 8.46 -34.33
C GLY B 216 32.32 8.48 -34.68
N SER B 217 33.16 8.83 -33.71
CA SER B 217 34.61 8.88 -33.94
C SER B 217 35.25 7.50 -33.85
N PRO B 218 36.51 7.38 -34.30
CA PRO B 218 37.21 6.09 -34.24
C PRO B 218 37.19 5.43 -32.86
N GLU B 219 37.04 6.23 -31.80
CA GLU B 219 36.99 5.73 -30.42
C GLU B 219 35.94 4.65 -30.22
N VAL B 220 34.81 4.77 -30.93
CA VAL B 220 33.72 3.82 -30.81
C VAL B 220 34.12 2.49 -31.43
N VAL B 221 34.92 2.58 -32.50
CA VAL B 221 35.43 1.40 -33.18
C VAL B 221 36.44 0.75 -32.23
N ARG B 222 37.28 1.57 -31.60
CA ARG B 222 38.30 1.08 -30.66
C ARG B 222 37.67 0.40 -29.43
N GLU B 223 36.60 0.99 -28.88
CA GLU B 223 35.90 0.38 -27.74
C GLU B 223 35.31 -0.95 -28.19
N ALA B 224 34.77 -0.97 -29.41
CA ALA B 224 34.14 -2.17 -29.98
C ALA B 224 35.11 -3.30 -30.23
N VAL B 225 36.28 -2.98 -30.77
CA VAL B 225 37.33 -3.96 -31.05
C VAL B 225 38.10 -4.36 -29.78
N ASP B 226 38.53 -3.36 -28.99
CA ASP B 226 39.32 -3.61 -27.77
C ASP B 226 38.58 -4.06 -26.51
N ILE B 227 37.46 -3.44 -26.20
CA ILE B 227 36.71 -3.81 -25.01
C ILE B 227 35.67 -4.88 -25.32
N LEU B 228 34.81 -4.60 -26.30
CA LEU B 228 33.73 -5.50 -26.70
C LEU B 228 34.20 -6.72 -27.50
N LYS B 229 35.40 -6.64 -28.05
CA LYS B 229 36.01 -7.70 -28.85
C LYS B 229 35.17 -8.13 -30.04
N THR B 230 34.80 -7.19 -30.90
CA THR B 230 34.02 -7.57 -32.07
C THR B 230 34.83 -8.30 -33.09
N GLU B 231 34.14 -9.13 -33.88
CA GLU B 231 34.77 -9.89 -34.93
C GLU B 231 34.54 -9.18 -36.25
N ARG B 232 33.59 -8.25 -36.23
CA ARG B 232 33.22 -7.42 -37.38
C ARG B 232 32.77 -6.04 -36.88
N VAL B 233 32.87 -5.05 -37.76
CA VAL B 233 32.46 -3.69 -37.46
C VAL B 233 31.36 -3.27 -38.45
N GLY B 234 30.21 -2.83 -37.92
CA GLY B 234 29.12 -2.40 -38.76
C GLY B 234 29.43 -0.97 -39.17
N HIS B 235 29.62 -0.74 -40.46
CA HIS B 235 29.95 0.58 -40.99
C HIS B 235 31.45 0.89 -40.83
N GLY B 236 31.82 1.55 -39.74
CA GLY B 236 33.22 1.89 -39.49
C GLY B 236 33.91 2.79 -40.50
N TYR B 237 33.18 3.73 -41.08
CA TYR B 237 33.74 4.64 -42.08
C TYR B 237 34.70 5.65 -41.46
N HIS B 238 34.54 5.89 -40.15
CA HIS B 238 35.38 6.86 -39.44
C HIS B 238 36.66 6.24 -38.86
N THR B 239 36.81 4.93 -39.03
CA THR B 239 37.99 4.22 -38.56
C THR B 239 39.22 4.85 -39.20
N ILE B 240 39.10 5.22 -40.49
CA ILE B 240 40.22 5.80 -41.23
C ILE B 240 40.69 7.15 -40.70
N GLU B 241 39.93 7.77 -39.79
CA GLU B 241 40.31 9.06 -39.24
C GLU B 241 41.40 8.91 -38.19
N ASP B 242 41.72 7.66 -37.89
CA ASP B 242 42.79 7.33 -36.96
C ASP B 242 43.63 6.37 -37.78
N GLU B 243 44.55 6.92 -38.59
CA GLU B 243 45.42 6.12 -39.44
C GLU B 243 45.90 4.86 -38.75
N ALA B 244 46.51 5.03 -37.57
CA ALA B 244 47.02 3.91 -36.80
C ALA B 244 45.99 2.79 -36.56
N LEU B 245 44.82 3.16 -36.03
CA LEU B 245 43.75 2.17 -35.77
C LEU B 245 43.27 1.52 -37.07
N TYR B 246 43.14 2.33 -38.11
CA TYR B 246 42.68 1.82 -39.38
C TYR B 246 43.67 0.77 -39.87
N ASN B 247 44.94 1.16 -40.00
CA ASN B 247 46.00 0.25 -40.43
C ASN B 247 46.09 -0.98 -39.55
N ARG B 248 45.91 -0.80 -38.25
CA ARG B 248 45.98 -1.89 -37.29
C ARG B 248 44.85 -2.91 -37.56
N LEU B 249 43.64 -2.39 -37.74
CA LEU B 249 42.48 -3.23 -38.03
C LEU B 249 42.68 -3.90 -39.39
N LEU B 250 43.43 -3.23 -40.25
CA LEU B 250 43.75 -3.74 -41.59
C LEU B 250 44.65 -4.96 -41.39
N LYS B 251 45.73 -4.74 -40.63
CA LYS B 251 46.70 -5.79 -40.35
C LYS B 251 46.04 -7.01 -39.68
N GLU B 252 44.94 -6.78 -38.99
CA GLU B 252 44.21 -7.85 -38.28
C GLU B 252 43.05 -8.43 -39.08
N ASN B 253 43.03 -8.14 -40.37
CA ASN B 253 41.99 -8.64 -41.26
C ASN B 253 40.58 -8.51 -40.65
N MET B 254 40.27 -7.29 -40.20
CA MET B 254 38.98 -6.99 -39.62
C MET B 254 37.97 -6.83 -40.75
N HIS B 255 36.76 -7.32 -40.54
CA HIS B 255 35.71 -7.21 -41.54
C HIS B 255 34.81 -6.00 -41.32
N PHE B 256 34.72 -5.13 -42.32
CA PHE B 256 33.86 -3.96 -42.23
C PHE B 256 32.60 -4.22 -43.05
N GLU B 257 31.44 -4.12 -42.40
CA GLU B 257 30.14 -4.31 -43.04
C GLU B 257 29.72 -2.97 -43.63
N VAL B 258 30.01 -2.77 -44.90
CA VAL B 258 29.70 -1.53 -45.58
C VAL B 258 28.30 -1.49 -46.15
N CYS B 259 27.67 -0.32 -46.03
CA CYS B 259 26.33 -0.03 -46.51
C CYS B 259 26.40 1.37 -47.16
N PRO B 260 26.71 1.43 -48.47
CA PRO B 260 26.81 2.70 -49.19
C PRO B 260 25.58 3.63 -49.19
N TRP B 261 24.47 3.18 -49.76
CA TRP B 261 23.26 3.99 -49.82
C TRP B 261 22.89 4.47 -48.41
N SER B 262 22.79 3.53 -47.49
CA SER B 262 22.47 3.81 -46.09
C SER B 262 23.28 5.00 -45.56
N SER B 263 24.61 4.87 -45.58
CA SER B 263 25.51 5.89 -45.07
C SER B 263 25.22 7.29 -45.58
N TYR B 264 24.59 7.39 -46.74
CA TYR B 264 24.25 8.68 -47.33
C TYR B 264 23.00 9.26 -46.66
N LEU B 265 21.94 8.48 -46.56
CA LEU B 265 20.70 8.97 -45.92
C LEU B 265 20.86 9.22 -44.41
N THR B 266 21.65 8.39 -43.72
CA THR B 266 21.85 8.60 -42.28
C THR B 266 22.81 9.78 -42.09
N GLY B 267 23.53 10.14 -43.16
CA GLY B 267 24.47 11.23 -43.06
C GLY B 267 25.80 10.75 -42.48
N ALA B 268 25.98 9.44 -42.44
CA ALA B 268 27.20 8.85 -41.93
C ALA B 268 28.35 9.31 -42.81
N TRP B 269 28.08 9.37 -44.12
CA TRP B 269 29.05 9.79 -45.10
C TRP B 269 28.72 11.15 -45.70
N ASP B 270 29.68 12.06 -45.65
CA ASP B 270 29.52 13.39 -46.23
C ASP B 270 29.73 13.22 -47.74
N PRO B 271 28.68 13.41 -48.55
CA PRO B 271 28.80 13.26 -50.00
C PRO B 271 29.91 14.08 -50.67
N LYS B 272 30.27 15.20 -50.08
CA LYS B 272 31.32 16.05 -50.64
C LYS B 272 32.70 15.39 -50.54
N THR B 273 32.80 14.33 -49.73
CA THR B 273 34.07 13.62 -49.56
C THR B 273 34.02 12.26 -50.26
N THR B 274 35.19 11.70 -50.53
CA THR B 274 35.30 10.40 -51.18
C THR B 274 34.93 9.28 -50.20
N HIS B 275 34.03 8.38 -50.63
CA HIS B 275 33.58 7.31 -49.74
C HIS B 275 34.70 6.44 -49.19
N ALA B 276 34.62 6.14 -47.89
CA ALA B 276 35.63 5.34 -47.20
C ALA B 276 35.84 3.99 -47.87
N VAL B 277 34.77 3.44 -48.43
CA VAL B 277 34.86 2.14 -49.09
C VAL B 277 35.90 2.14 -50.21
N VAL B 278 36.18 3.32 -50.77
CA VAL B 278 37.18 3.44 -51.83
C VAL B 278 38.55 3.13 -51.26
N ARG B 279 38.85 3.70 -50.09
CA ARG B 279 40.10 3.46 -49.40
C ARG B 279 40.13 1.95 -49.08
N PHE B 280 39.00 1.44 -48.60
CA PHE B 280 38.89 0.01 -48.28
C PHE B 280 39.22 -0.83 -49.51
N LYS B 281 38.76 -0.39 -50.68
CA LYS B 281 39.00 -1.08 -51.95
C LYS B 281 40.47 -1.08 -52.34
N ASN B 282 41.05 0.11 -52.38
CA ASN B 282 42.44 0.27 -52.74
C ASN B 282 43.40 -0.46 -51.80
N ASP B 283 43.10 -0.47 -50.51
CA ASP B 283 43.94 -1.16 -49.53
C ASP B 283 43.59 -2.65 -49.44
N LYS B 284 42.76 -3.15 -50.36
CA LYS B 284 42.35 -4.56 -50.36
C LYS B 284 41.84 -5.04 -48.99
N ALA B 285 41.18 -4.13 -48.28
CA ALA B 285 40.60 -4.38 -46.97
C ALA B 285 39.47 -5.39 -47.05
N ASN B 286 39.18 -6.02 -45.93
CA ASN B 286 38.13 -7.01 -45.85
C ASN B 286 36.79 -6.33 -45.54
N TYR B 287 35.92 -6.26 -46.54
CA TYR B 287 34.60 -5.64 -46.35
C TYR B 287 33.51 -6.32 -47.18
N SER B 288 32.27 -5.94 -46.90
CA SER B 288 31.12 -6.48 -47.58
C SER B 288 30.19 -5.35 -48.01
N LEU B 289 29.40 -5.62 -49.06
CA LEU B 289 28.45 -4.65 -49.57
C LEU B 289 27.10 -5.09 -49.03
N ASN B 290 26.45 -4.20 -48.28
CA ASN B 290 25.17 -4.47 -47.64
C ASN B 290 24.12 -3.40 -47.85
N THR B 291 22.88 -3.81 -47.69
CA THR B 291 21.72 -2.96 -47.91
C THR B 291 21.26 -2.23 -46.64
N ASP B 292 21.41 -2.88 -45.49
CA ASP B 292 21.03 -2.32 -44.20
C ASP B 292 19.53 -2.30 -43.91
N ASP B 293 18.82 -1.28 -44.41
CA ASP B 293 17.36 -1.16 -44.22
C ASP B 293 16.71 -0.74 -45.55
N PRO B 294 16.44 -1.71 -46.46
CA PRO B 294 15.84 -1.48 -47.80
C PRO B 294 14.51 -0.71 -47.80
N LEU B 295 13.67 -0.94 -46.78
CA LEU B 295 12.37 -0.25 -46.66
C LEU B 295 12.54 1.24 -46.45
N ILE B 296 13.31 1.62 -45.44
CA ILE B 296 13.54 3.04 -45.11
C ILE B 296 14.29 3.75 -46.21
N PHE B 297 15.26 3.07 -46.79
CA PHE B 297 16.07 3.68 -47.82
C PHE B 297 15.49 3.51 -49.24
N LYS B 298 14.35 2.83 -49.33
CA LYS B 298 13.69 2.58 -50.60
C LYS B 298 14.75 2.08 -51.56
N SER B 299 15.24 0.86 -51.28
CA SER B 299 16.30 0.29 -52.08
C SER B 299 16.35 -1.24 -52.14
N THR B 300 17.19 -1.73 -53.04
CA THR B 300 17.40 -3.15 -53.22
C THR B 300 18.91 -3.27 -53.13
N LEU B 301 19.44 -4.49 -53.10
CA LEU B 301 20.88 -4.67 -53.00
C LEU B 301 21.58 -4.07 -54.22
N ASP B 302 20.84 -3.89 -55.31
CA ASP B 302 21.37 -3.33 -56.55
C ASP B 302 21.70 -1.84 -56.40
N THR B 303 21.01 -1.15 -55.51
CA THR B 303 21.23 0.27 -55.29
C THR B 303 22.67 0.51 -54.90
N ASP B 304 23.09 -0.17 -53.83
CA ASP B 304 24.45 -0.05 -53.30
C ASP B 304 25.49 -0.44 -54.36
N TYR B 305 25.25 -1.56 -55.04
CA TYR B 305 26.15 -2.04 -56.08
C TYR B 305 26.29 -1.04 -57.22
N GLN B 306 25.17 -0.56 -57.74
CA GLN B 306 25.18 0.42 -58.84
C GLN B 306 25.89 1.69 -58.39
N MET B 307 25.64 2.09 -57.14
CA MET B 307 26.24 3.28 -56.55
C MET B 307 27.77 3.13 -56.49
N THR B 308 28.22 1.95 -56.09
CA THR B 308 29.65 1.67 -56.00
C THR B 308 30.29 1.49 -57.38
N LYS B 309 29.47 1.16 -58.37
CA LYS B 309 29.95 0.96 -59.74
C LYS B 309 29.99 2.27 -60.55
N LYS B 310 28.84 2.94 -60.66
CA LYS B 310 28.71 4.20 -61.40
C LYS B 310 29.69 5.24 -60.86
N ASP B 311 29.67 5.42 -59.56
CA ASP B 311 30.57 6.36 -58.87
C ASP B 311 31.45 5.37 -58.10
N MET B 312 32.67 5.78 -57.74
CA MET B 312 33.58 4.89 -57.00
C MET B 312 34.39 3.89 -57.85
N GLY B 313 33.85 3.51 -59.02
CA GLY B 313 34.56 2.63 -59.93
C GLY B 313 34.78 1.15 -59.61
N PHE B 314 33.85 0.51 -58.94
CA PHE B 314 33.98 -0.92 -58.63
C PHE B 314 33.80 -1.77 -59.89
N THR B 315 34.56 -2.85 -59.97
CA THR B 315 34.49 -3.76 -61.10
C THR B 315 33.88 -5.09 -60.66
N GLU B 316 33.59 -5.94 -61.64
CA GLU B 316 33.03 -7.27 -61.38
C GLU B 316 34.04 -8.04 -60.51
N GLU B 317 35.32 -7.83 -60.84
CA GLU B 317 36.42 -8.46 -60.13
C GLU B 317 36.35 -8.12 -58.64
N GLU B 318 36.15 -6.85 -58.32
CA GLU B 318 36.05 -6.44 -56.91
C GLU B 318 34.80 -6.97 -56.26
N PHE B 319 33.68 -6.94 -56.98
CA PHE B 319 32.42 -7.45 -56.45
C PHE B 319 32.57 -8.93 -56.05
N LYS B 320 33.39 -9.67 -56.79
CA LYS B 320 33.61 -11.08 -56.47
C LYS B 320 34.47 -11.22 -55.21
N ARG B 321 35.55 -10.46 -55.16
CA ARG B 321 36.48 -10.49 -54.02
C ARG B 321 35.76 -10.11 -52.73
N LEU B 322 34.91 -9.12 -52.87
CA LEU B 322 34.08 -8.57 -51.81
C LEU B 322 33.17 -9.67 -51.29
N ASN B 323 32.35 -10.25 -52.17
CA ASN B 323 31.43 -11.29 -51.77
C ASN B 323 32.09 -12.54 -51.20
N ILE B 324 33.25 -12.92 -51.74
CA ILE B 324 33.96 -14.07 -51.23
C ILE B 324 34.40 -13.77 -49.79
N ASN B 325 34.90 -12.56 -49.57
CA ASN B 325 35.33 -12.13 -48.25
C ASN B 325 34.19 -12.22 -47.22
N ALA B 326 33.00 -11.79 -47.60
CA ALA B 326 31.85 -11.85 -46.70
C ALA B 326 31.57 -13.30 -46.31
N ALA B 327 31.85 -14.21 -47.23
CA ALA B 327 31.65 -15.65 -47.00
C ALA B 327 32.64 -16.13 -45.95
N LYS B 328 33.90 -15.79 -46.13
CA LYS B 328 34.94 -16.18 -45.19
C LYS B 328 34.68 -15.59 -43.81
N SER B 329 34.15 -14.37 -43.79
CA SER B 329 33.84 -13.68 -42.54
C SER B 329 32.44 -13.92 -41.98
N SER B 330 31.69 -14.86 -42.56
CA SER B 330 30.35 -15.16 -42.06
C SER B 330 30.47 -15.82 -40.69
N PHE B 331 29.36 -15.95 -39.98
CA PHE B 331 29.39 -16.58 -38.68
C PHE B 331 28.92 -18.04 -38.76
N LEU B 332 29.15 -18.61 -39.93
CA LEU B 332 28.81 -19.99 -40.26
C LEU B 332 29.87 -20.98 -39.76
N PRO B 333 29.45 -22.21 -39.41
CA PRO B 333 30.44 -23.18 -38.94
C PRO B 333 31.30 -23.49 -40.16
N GLU B 334 32.52 -23.94 -39.95
CA GLU B 334 33.44 -24.22 -41.05
C GLU B 334 32.88 -25.02 -42.20
N GLU B 335 32.19 -26.12 -41.89
CA GLU B 335 31.63 -26.97 -42.93
C GLU B 335 30.66 -26.19 -43.83
N GLU B 336 29.70 -25.50 -43.20
CA GLU B 336 28.72 -24.72 -43.95
C GLU B 336 29.33 -23.57 -44.73
N LYS B 337 30.43 -23.02 -44.22
CA LYS B 337 31.12 -21.95 -44.90
C LYS B 337 31.84 -22.49 -46.13
N LYS B 338 32.37 -23.71 -46.03
CA LYS B 338 33.06 -24.33 -47.16
C LYS B 338 32.04 -24.49 -48.29
N GLU B 339 30.86 -25.01 -47.93
CA GLU B 339 29.78 -25.22 -48.89
C GLU B 339 29.45 -23.89 -49.60
N LEU B 340 29.40 -22.82 -48.80
CA LEU B 340 29.12 -21.46 -49.28
C LEU B 340 30.16 -21.02 -50.30
N LEU B 341 31.42 -21.34 -50.02
CA LEU B 341 32.52 -20.96 -50.91
C LEU B 341 32.59 -21.78 -52.21
N GLU B 342 32.24 -23.06 -52.13
CA GLU B 342 32.25 -23.89 -53.33
C GLU B 342 31.23 -23.29 -54.29
N ARG B 343 30.04 -22.99 -53.76
CA ARG B 343 28.94 -22.40 -54.52
C ARG B 343 29.35 -21.07 -55.15
N LEU B 344 29.97 -20.20 -54.35
CA LEU B 344 30.43 -18.93 -54.87
C LEU B 344 31.39 -19.14 -56.03
N TYR B 345 32.48 -19.86 -55.77
CA TYR B 345 33.45 -20.13 -56.81
C TYR B 345 32.87 -20.89 -58.00
N ARG B 346 31.92 -21.77 -57.73
CA ARG B 346 31.30 -22.57 -58.77
C ARG B 346 30.54 -21.68 -59.75
N GLU B 347 29.66 -20.85 -59.20
CA GLU B 347 28.83 -19.97 -60.00
C GLU B 347 29.54 -18.73 -60.51
N TYR B 348 30.73 -18.48 -59.96
CA TYR B 348 31.52 -17.34 -60.36
C TYR B 348 32.38 -17.64 -61.60
N GLN B 349 32.27 -18.86 -62.10
CA GLN B 349 33.05 -19.31 -63.26
C GLN B 349 32.54 -18.77 -64.59
N THR C 1 -42.25 -8.76 32.46
CA THR C 1 -42.83 -7.48 32.95
C THR C 1 -41.88 -6.80 33.94
N PRO C 2 -41.43 -5.58 33.64
CA PRO C 2 -40.53 -4.87 34.55
C PRO C 2 -41.26 -4.59 35.86
N ALA C 3 -40.51 -4.52 36.95
CA ALA C 3 -41.06 -4.28 38.28
C ALA C 3 -41.60 -2.86 38.45
N PHE C 4 -40.88 -1.89 37.90
CA PHE C 4 -41.30 -0.50 38.01
C PHE C 4 -41.16 0.13 36.63
N ASN C 5 -42.20 0.01 35.84
CA ASN C 5 -42.19 0.57 34.50
C ASN C 5 -42.61 2.03 34.59
N LYS C 6 -41.80 2.83 35.27
CA LYS C 6 -42.06 4.25 35.44
C LYS C 6 -40.72 4.96 35.58
N PRO C 7 -40.71 6.31 35.47
CA PRO C 7 -39.49 7.11 35.59
C PRO C 7 -38.63 6.75 36.80
N LYS C 8 -37.31 6.75 36.61
CA LYS C 8 -36.39 6.42 37.69
C LYS C 8 -35.26 7.41 37.71
N VAL C 9 -34.64 7.52 38.88
CA VAL C 9 -33.52 8.41 39.11
C VAL C 9 -32.38 7.53 39.56
N GLU C 10 -31.20 7.68 38.97
CA GLU C 10 -30.06 6.87 39.37
C GLU C 10 -28.89 7.75 39.77
N LEU C 11 -28.48 7.61 41.02
CA LEU C 11 -27.40 8.39 41.61
C LEU C 11 -26.04 7.70 41.78
N HIS C 12 -26.02 6.38 41.76
CA HIS C 12 -24.78 5.66 41.97
C HIS C 12 -24.47 4.63 40.90
N VAL C 13 -23.83 5.07 39.81
CA VAL C 13 -23.48 4.16 38.71
C VAL C 13 -22.14 4.56 38.07
N HIS C 14 -21.30 3.55 37.85
CA HIS C 14 -19.96 3.76 37.28
C HIS C 14 -19.89 3.66 35.77
N LEU C 15 -19.39 4.71 35.13
CA LEU C 15 -19.26 4.74 33.68
C LEU C 15 -18.32 3.63 33.21
N ASP C 16 -17.19 3.44 33.88
CA ASP C 16 -16.27 2.39 33.48
C ASP C 16 -16.74 0.99 33.91
N GLY C 17 -17.93 0.93 34.48
CA GLY C 17 -18.49 -0.33 34.91
C GLY C 17 -19.79 -0.55 34.19
N ALA C 18 -20.05 0.28 33.18
CA ALA C 18 -21.28 0.21 32.40
C ALA C 18 -20.95 0.47 30.94
N ILE C 19 -20.17 -0.42 30.34
CA ILE C 19 -19.77 -0.31 28.93
C ILE C 19 -20.31 -1.50 28.14
N LYS C 20 -20.64 -1.27 26.87
CA LYS C 20 -21.17 -2.32 26.02
C LYS C 20 -20.08 -3.33 25.73
N PRO C 21 -20.40 -4.62 25.84
CA PRO C 21 -19.40 -5.66 25.57
C PRO C 21 -18.97 -5.57 24.10
N GLU C 22 -19.89 -5.10 23.25
CA GLU C 22 -19.62 -4.95 21.82
C GLU C 22 -18.61 -3.80 21.55
N THR C 23 -18.65 -2.77 22.39
CA THR C 23 -17.74 -1.64 22.26
C THR C 23 -16.32 -2.02 22.72
N ILE C 24 -16.24 -2.79 23.80
CA ILE C 24 -14.95 -3.26 24.31
C ILE C 24 -14.28 -4.12 23.25
N LEU C 25 -15.08 -4.96 22.59
CA LEU C 25 -14.59 -5.83 21.53
C LEU C 25 -14.09 -4.99 20.36
N TYR C 26 -14.83 -3.93 20.04
CA TYR C 26 -14.48 -3.03 18.93
C TYR C 26 -13.07 -2.45 19.12
N PHE C 27 -12.85 -1.85 20.28
CA PHE C 27 -11.56 -1.26 20.59
C PHE C 27 -10.44 -2.27 20.78
N GLY C 28 -10.80 -3.51 21.12
CA GLY C 28 -9.78 -4.52 21.27
C GLY C 28 -9.17 -4.75 19.90
N LYS C 29 -10.02 -5.05 18.92
CA LYS C 29 -9.55 -5.28 17.56
C LYS C 29 -8.89 -4.06 16.96
N LYS C 30 -9.62 -2.95 16.91
CA LYS C 30 -9.09 -1.72 16.35
C LYS C 30 -7.68 -1.35 16.84
N ARG C 31 -7.44 -1.50 18.14
CA ARG C 31 -6.16 -1.15 18.74
C ARG C 31 -5.15 -2.29 18.76
N GLY C 32 -5.64 -3.52 18.68
CA GLY C 32 -4.76 -4.66 18.71
C GLY C 32 -4.39 -5.02 20.12
N ILE C 33 -5.36 -4.90 21.02
CA ILE C 33 -5.15 -5.23 22.42
C ILE C 33 -5.93 -6.51 22.69
N ALA C 34 -5.39 -7.35 23.56
CA ALA C 34 -6.05 -8.61 23.83
C ALA C 34 -7.04 -8.55 24.97
N LEU C 35 -8.15 -9.25 24.79
CA LEU C 35 -9.20 -9.35 25.78
C LEU C 35 -9.18 -10.84 26.22
N PRO C 36 -9.70 -11.14 27.42
CA PRO C 36 -9.68 -12.54 27.84
C PRO C 36 -10.70 -13.43 27.11
N ALA C 37 -11.40 -12.87 26.13
CA ALA C 37 -12.37 -13.61 25.34
C ALA C 37 -12.66 -12.80 24.09
N ASP C 38 -13.11 -13.47 23.04
CA ASP C 38 -13.37 -12.81 21.76
C ASP C 38 -14.81 -12.78 21.27
N THR C 39 -15.74 -13.12 22.15
CA THR C 39 -17.15 -13.12 21.81
C THR C 39 -17.82 -12.33 22.92
N VAL C 40 -19.03 -11.83 22.69
CA VAL C 40 -19.70 -11.09 23.74
C VAL C 40 -20.16 -12.06 24.85
N GLU C 41 -20.57 -13.27 24.49
CA GLU C 41 -20.99 -14.25 25.50
C GLU C 41 -19.85 -14.67 26.40
N GLU C 42 -18.74 -15.03 25.80
CA GLU C 42 -17.58 -15.44 26.57
C GLU C 42 -16.96 -14.25 27.30
N LEU C 43 -17.05 -13.06 26.71
CA LEU C 43 -16.51 -11.85 27.33
C LEU C 43 -17.37 -11.44 28.51
N ARG C 44 -18.68 -11.56 28.36
CA ARG C 44 -19.60 -11.23 29.45
C ARG C 44 -19.33 -12.20 30.60
N ASN C 45 -19.19 -13.48 30.27
CA ASN C 45 -18.93 -14.53 31.25
C ASN C 45 -17.65 -14.40 32.09
N ILE C 46 -16.58 -13.86 31.49
CA ILE C 46 -15.33 -13.69 32.23
C ILE C 46 -15.27 -12.36 32.99
N ILE C 47 -15.78 -11.29 32.39
CA ILE C 47 -15.80 -10.00 33.04
C ILE C 47 -16.87 -9.95 34.15
N GLY C 48 -17.98 -10.64 33.91
CA GLY C 48 -19.09 -10.65 34.84
C GLY C 48 -19.03 -11.58 36.03
N MET C 49 -19.82 -11.24 37.03
CA MET C 49 -19.90 -12.03 38.25
C MET C 49 -21.18 -12.82 38.35
N ASP C 50 -21.01 -14.08 38.74
CA ASP C 50 -22.08 -15.06 38.87
C ASP C 50 -22.49 -15.23 40.34
N LYS C 51 -21.48 -15.34 41.20
CA LYS C 51 -21.67 -15.58 42.62
C LYS C 51 -20.99 -14.54 43.48
N PRO C 52 -21.35 -14.48 44.78
CA PRO C 52 -20.71 -13.50 45.67
C PRO C 52 -19.22 -13.79 45.68
N LEU C 53 -18.42 -12.76 45.91
CA LEU C 53 -16.98 -12.93 45.93
C LEU C 53 -16.46 -12.03 47.05
N SER C 54 -15.82 -10.93 46.64
CA SER C 54 -15.26 -9.96 47.56
C SER C 54 -15.13 -8.66 46.79
N LEU C 55 -14.88 -7.58 47.49
CA LEU C 55 -14.72 -6.30 46.84
C LEU C 55 -13.42 -6.30 46.02
N PRO C 56 -12.29 -6.71 46.63
CA PRO C 56 -11.04 -6.74 45.86
C PRO C 56 -11.22 -7.62 44.62
N GLY C 57 -11.99 -8.69 44.78
CA GLY C 57 -12.26 -9.61 43.69
C GLY C 57 -13.04 -8.93 42.56
N PHE C 58 -14.03 -8.13 42.94
CA PHE C 58 -14.84 -7.39 41.97
C PHE C 58 -13.98 -6.33 41.28
N LEU C 59 -13.19 -5.62 42.08
CA LEU C 59 -12.31 -4.56 41.58
C LEU C 59 -11.26 -5.10 40.59
N ALA C 60 -11.00 -6.40 40.65
CA ALA C 60 -10.01 -7.02 39.76
C ALA C 60 -10.50 -7.17 38.31
N LYS C 61 -11.82 -7.12 38.10
CA LYS C 61 -12.40 -7.24 36.75
C LYS C 61 -12.01 -6.12 35.79
N PHE C 62 -11.99 -4.90 36.29
CA PHE C 62 -11.64 -3.74 35.47
C PHE C 62 -10.33 -3.92 34.69
N ASP C 63 -9.44 -4.80 35.17
CA ASP C 63 -8.15 -5.03 34.51
C ASP C 63 -8.30 -5.74 33.16
N TYR C 64 -9.39 -6.48 33.00
CA TYR C 64 -9.69 -7.22 31.77
C TYR C 64 -9.97 -6.35 30.56
N TYR C 65 -10.64 -5.22 30.77
CA TYR C 65 -11.05 -4.35 29.67
C TYR C 65 -10.62 -2.89 29.66
N MET C 66 -10.30 -2.33 30.81
CA MET C 66 -9.88 -0.93 30.84
C MET C 66 -8.72 -0.58 29.90
N PRO C 67 -7.78 -1.52 29.64
CA PRO C 67 -6.65 -1.22 28.73
C PRO C 67 -7.10 -0.87 27.32
N VAL C 68 -8.22 -1.44 26.91
CA VAL C 68 -8.79 -1.25 25.58
C VAL C 68 -9.53 0.09 25.40
N ILE C 69 -9.88 0.74 26.52
CA ILE C 69 -10.61 2.00 26.46
C ILE C 69 -9.74 3.18 26.87
N ALA C 70 -8.99 2.99 27.95
CA ALA C 70 -8.16 4.05 28.49
C ALA C 70 -7.14 4.54 27.49
N GLY C 71 -6.92 5.85 27.47
CA GLY C 71 -5.97 6.44 26.56
C GLY C 71 -6.41 6.55 25.11
N CYS C 72 -7.71 6.40 24.83
CA CYS C 72 -8.21 6.53 23.46
C CYS C 72 -9.35 7.54 23.51
N ARG C 73 -9.16 8.69 22.87
CA ARG C 73 -10.18 9.72 22.88
C ARG C 73 -11.60 9.34 22.43
N GLU C 74 -11.73 8.77 21.24
CA GLU C 74 -13.04 8.37 20.74
C GLU C 74 -13.72 7.29 21.58
N ALA C 75 -12.92 6.48 22.26
CA ALA C 75 -13.45 5.40 23.11
C ALA C 75 -14.07 6.02 24.35
N ILE C 76 -13.34 6.94 24.99
CA ILE C 76 -13.82 7.63 26.19
C ILE C 76 -15.16 8.31 25.90
N LYS C 77 -15.23 9.00 24.76
CA LYS C 77 -16.43 9.70 24.36
C LYS C 77 -17.58 8.75 24.06
N ARG C 78 -17.29 7.74 23.25
CA ARG C 78 -18.30 6.77 22.85
C ARG C 78 -18.96 6.09 24.04
N ILE C 79 -18.16 5.62 25.00
CA ILE C 79 -18.74 4.95 26.15
C ILE C 79 -19.67 5.88 26.93
N ALA C 80 -19.37 7.18 26.90
CA ALA C 80 -20.17 8.18 27.60
C ALA C 80 -21.55 8.38 26.93
N TYR C 81 -21.54 8.48 25.61
CA TYR C 81 -22.75 8.66 24.83
C TYR C 81 -23.67 7.43 24.94
N GLU C 82 -23.08 6.26 24.70
CA GLU C 82 -23.79 4.99 24.72
C GLU C 82 -24.39 4.70 26.08
N PHE C 83 -23.78 5.27 27.11
CA PHE C 83 -24.27 5.09 28.46
C PHE C 83 -25.65 5.73 28.57
N VAL C 84 -25.75 6.98 28.14
CA VAL C 84 -26.99 7.75 28.19
C VAL C 84 -28.12 7.02 27.46
N GLU C 85 -27.85 6.54 26.25
CA GLU C 85 -28.85 5.82 25.46
C GLU C 85 -29.35 4.62 26.26
N MET C 86 -28.40 3.90 26.83
CA MET C 86 -28.67 2.73 27.65
C MET C 86 -29.60 3.10 28.81
N LYS C 87 -29.27 4.18 29.51
CA LYS C 87 -30.07 4.63 30.63
C LYS C 87 -31.47 5.13 30.26
N ALA C 88 -31.58 5.79 29.11
CA ALA C 88 -32.88 6.28 28.66
C ALA C 88 -33.81 5.08 28.45
N LYS C 89 -33.27 4.04 27.82
CA LYS C 89 -34.03 2.83 27.55
C LYS C 89 -34.43 2.06 28.80
N GLU C 90 -33.74 2.31 29.92
CA GLU C 90 -34.08 1.64 31.17
C GLU C 90 -35.20 2.38 31.91
N GLY C 91 -35.48 3.61 31.47
CA GLY C 91 -36.52 4.39 32.09
C GLY C 91 -35.97 5.48 32.97
N VAL C 92 -34.65 5.66 32.95
CA VAL C 92 -34.04 6.66 33.78
C VAL C 92 -34.20 8.03 33.13
N VAL C 93 -34.68 8.99 33.91
CA VAL C 93 -34.91 10.35 33.41
C VAL C 93 -33.81 11.30 33.87
N TYR C 94 -33.17 11.00 35.00
CA TYR C 94 -32.04 11.80 35.49
C TYR C 94 -30.99 10.83 36.02
N VAL C 95 -29.74 11.03 35.61
CA VAL C 95 -28.63 10.16 36.03
C VAL C 95 -27.34 10.90 36.34
N GLU C 96 -26.66 10.45 37.38
CA GLU C 96 -25.36 10.97 37.76
C GLU C 96 -24.40 9.79 37.62
N VAL C 97 -23.49 9.87 36.63
CA VAL C 97 -22.51 8.81 36.38
C VAL C 97 -21.20 9.17 37.05
N ARG C 98 -20.50 8.17 37.57
CA ARG C 98 -19.23 8.43 38.22
C ARG C 98 -18.13 7.63 37.58
N TYR C 99 -16.92 8.16 37.67
CA TYR C 99 -15.74 7.52 37.10
C TYR C 99 -14.50 8.27 37.60
N SER C 100 -13.37 7.57 37.56
CA SER C 100 -12.10 8.16 37.96
C SER C 100 -11.47 8.66 36.66
N PRO C 101 -11.31 9.99 36.54
CA PRO C 101 -10.71 10.52 35.31
C PRO C 101 -9.27 10.02 35.09
N HIS C 102 -8.56 9.76 36.17
CA HIS C 102 -7.18 9.30 36.09
C HIS C 102 -7.00 7.92 35.47
N LEU C 103 -7.98 7.03 35.65
CA LEU C 103 -7.90 5.66 35.12
C LEU C 103 -8.11 5.51 33.62
N LEU C 104 -8.36 6.63 32.92
CA LEU C 104 -8.58 6.60 31.48
C LEU C 104 -7.52 7.44 30.77
N ALA C 105 -6.66 8.09 31.54
CA ALA C 105 -5.63 8.93 30.97
C ALA C 105 -4.33 8.16 30.76
N ASN C 106 -3.46 8.71 29.92
CA ASN C 106 -2.16 8.12 29.62
C ASN C 106 -1.09 9.19 29.56
N SER C 107 -1.41 10.34 30.15
CA SER C 107 -0.49 11.47 30.23
C SER C 107 -0.78 12.21 31.51
N LYS C 108 0.27 12.52 32.24
CA LYS C 108 0.20 13.25 33.52
C LYS C 108 -0.61 12.55 34.60
N VAL C 109 -0.28 11.27 34.80
CA VAL C 109 -0.88 10.40 35.82
C VAL C 109 0.38 9.70 36.29
N ASP C 110 0.81 9.89 37.54
CA ASP C 110 2.05 9.26 37.98
C ASP C 110 2.01 7.75 37.91
N PRO C 111 1.18 7.09 38.73
CA PRO C 111 1.24 5.65 38.53
C PRO C 111 0.44 5.43 37.24
N MET C 112 1.14 5.20 36.13
CA MET C 112 0.49 4.99 34.84
C MET C 112 -0.52 3.87 34.96
N PRO C 113 -1.80 4.16 34.70
CA PRO C 113 -2.84 3.13 34.80
C PRO C 113 -2.65 2.09 33.71
N TRP C 114 -3.11 0.87 34.02
CA TRP C 114 -3.08 -0.28 33.13
C TRP C 114 -1.81 -0.43 32.31
N ASN C 115 -0.67 -0.12 32.93
CA ASN C 115 0.64 -0.24 32.28
C ASN C 115 0.70 0.23 30.84
N GLN C 116 0.07 1.39 30.57
CA GLN C 116 0.06 1.97 29.22
C GLN C 116 1.39 2.61 28.89
N THR C 117 1.53 3.04 27.64
CA THR C 117 2.72 3.72 27.16
C THR C 117 2.30 5.20 27.06
N GLU C 118 3.13 6.11 27.56
CA GLU C 118 2.84 7.54 27.53
C GLU C 118 2.16 8.02 26.24
N GLY C 119 1.15 8.87 26.40
CA GLY C 119 0.41 9.41 25.27
C GLY C 119 0.05 10.85 25.60
N ASP C 120 -0.97 11.38 24.92
CA ASP C 120 -1.37 12.76 25.15
C ASP C 120 -2.69 12.96 25.88
N VAL C 121 -3.42 11.88 26.13
CA VAL C 121 -4.70 11.96 26.83
C VAL C 121 -4.47 12.22 28.33
N THR C 122 -4.75 13.44 28.74
CA THR C 122 -4.58 13.92 30.09
C THR C 122 -5.84 13.67 30.95
N PRO C 123 -5.69 13.63 32.28
CA PRO C 123 -6.88 13.41 33.11
C PRO C 123 -7.92 14.50 32.86
N ASP C 124 -7.47 15.72 32.64
CA ASP C 124 -8.39 16.82 32.34
C ASP C 124 -9.11 16.53 31.04
N ASP C 125 -8.40 15.95 30.07
CA ASP C 125 -8.97 15.61 28.77
C ASP C 125 -10.11 14.62 28.86
N VAL C 126 -9.95 13.57 29.67
CA VAL C 126 -11.01 12.57 29.80
C VAL C 126 -12.31 13.21 30.27
N VAL C 127 -12.23 14.12 31.25
CA VAL C 127 -13.42 14.80 31.76
C VAL C 127 -14.09 15.58 30.62
N ASP C 128 -13.31 16.31 29.84
CA ASP C 128 -13.86 17.07 28.72
C ASP C 128 -14.57 16.11 27.75
N LEU C 129 -13.87 15.04 27.36
CA LEU C 129 -14.41 14.05 26.45
C LEU C 129 -15.71 13.46 27.00
N VAL C 130 -15.71 13.03 28.26
CA VAL C 130 -16.90 12.44 28.87
C VAL C 130 -18.06 13.42 28.81
N ASN C 131 -17.79 14.68 29.18
CA ASN C 131 -18.82 15.71 29.15
C ASN C 131 -19.44 15.77 27.75
N GLN C 132 -18.59 15.77 26.73
CA GLN C 132 -19.07 15.84 25.34
C GLN C 132 -20.03 14.71 25.00
N GLY C 133 -19.67 13.48 25.37
CA GLY C 133 -20.52 12.34 25.09
C GLY C 133 -21.80 12.37 25.88
N LEU C 134 -21.69 12.71 27.17
CA LEU C 134 -22.86 12.80 28.05
C LEU C 134 -23.82 13.88 27.55
N GLN C 135 -23.27 15.03 27.15
CA GLN C 135 -24.06 16.14 26.64
C GLN C 135 -24.79 15.78 25.35
N GLU C 136 -24.07 15.19 24.40
CA GLU C 136 -24.68 14.80 23.12
C GLU C 136 -25.78 13.77 23.32
N GLY C 137 -25.58 12.87 24.29
CA GLY C 137 -26.58 11.86 24.57
C GLY C 137 -27.79 12.52 25.21
N GLU C 138 -27.52 13.40 26.17
CA GLU C 138 -28.56 14.14 26.85
C GLU C 138 -29.43 14.77 25.77
N GLN C 139 -28.79 15.47 24.85
CA GLN C 139 -29.48 16.14 23.74
C GLN C 139 -30.28 15.16 22.91
N ALA C 140 -29.62 14.09 22.50
CA ALA C 140 -30.24 13.08 21.64
C ALA C 140 -31.35 12.24 22.27
N PHE C 141 -31.26 11.96 23.56
CA PHE C 141 -32.26 11.12 24.20
C PHE C 141 -33.27 11.77 25.11
N GLY C 142 -33.07 13.04 25.44
CA GLY C 142 -34.04 13.76 26.25
C GLY C 142 -34.11 13.37 27.71
N ILE C 143 -32.97 12.99 28.28
CA ILE C 143 -32.94 12.66 29.70
C ILE C 143 -31.81 13.52 30.24
N LYS C 144 -31.88 13.87 31.53
CA LYS C 144 -30.86 14.71 32.14
C LYS C 144 -29.72 13.84 32.62
N VAL C 145 -28.49 14.27 32.34
CA VAL C 145 -27.30 13.51 32.72
C VAL C 145 -26.20 14.40 33.29
N ARG C 146 -25.67 14.00 34.44
CA ARG C 146 -24.58 14.73 35.12
C ARG C 146 -23.50 13.70 35.47
N SER C 147 -22.34 14.15 35.92
CA SER C 147 -21.24 13.25 36.28
C SER C 147 -20.63 13.54 37.64
N ILE C 148 -19.85 12.58 38.14
CA ILE C 148 -19.20 12.66 39.44
C ILE C 148 -17.81 12.06 39.24
N LEU C 149 -16.77 12.79 39.65
CA LEU C 149 -15.39 12.31 39.52
C LEU C 149 -14.95 11.60 40.79
N CYS C 150 -14.35 10.42 40.63
CA CYS C 150 -13.93 9.60 41.75
C CYS C 150 -12.49 9.67 42.21
N CYS C 151 -12.33 9.74 43.53
CA CYS C 151 -11.03 9.71 44.17
C CYS C 151 -10.86 8.22 44.43
N MET C 152 -9.64 7.73 44.39
CA MET C 152 -9.41 6.31 44.63
C MET C 152 -8.64 6.11 45.94
N ARG C 153 -9.21 5.34 46.84
CA ARG C 153 -8.61 5.08 48.16
C ARG C 153 -7.11 4.80 48.20
N HIS C 154 -6.58 4.14 47.17
CA HIS C 154 -5.16 3.79 47.12
C HIS C 154 -4.30 4.85 46.42
N GLN C 155 -4.94 5.93 45.96
CA GLN C 155 -4.22 7.00 45.27
C GLN C 155 -4.68 8.37 45.75
N PRO C 156 -4.29 8.78 46.97
CA PRO C 156 -4.67 10.08 47.53
C PRO C 156 -3.84 11.19 46.87
N SER C 157 -2.90 10.81 46.02
CA SER C 157 -2.07 11.76 45.30
C SER C 157 -2.89 12.39 44.18
N TRP C 158 -3.94 11.70 43.77
CA TRP C 158 -4.83 12.17 42.70
C TRP C 158 -5.97 13.05 43.22
N SER C 159 -6.33 12.83 44.48
CA SER C 159 -7.43 13.55 45.12
C SER C 159 -7.50 15.07 44.97
N LEU C 160 -6.43 15.79 45.32
CA LEU C 160 -6.44 17.26 45.17
C LEU C 160 -6.72 17.69 43.73
N GLU C 161 -6.19 16.93 42.77
CA GLU C 161 -6.37 17.22 41.36
C GLU C 161 -7.83 16.99 40.99
N VAL C 162 -8.40 15.90 41.50
CA VAL C 162 -9.81 15.61 41.23
C VAL C 162 -10.68 16.80 41.69
N LEU C 163 -10.35 17.36 42.85
CA LEU C 163 -11.08 18.51 43.36
C LEU C 163 -11.07 19.65 42.35
N GLU C 164 -9.89 19.94 41.81
CA GLU C 164 -9.75 21.01 40.84
C GLU C 164 -10.58 20.74 39.58
N LEU C 165 -10.73 19.46 39.23
CA LEU C 165 -11.52 19.09 38.07
C LEU C 165 -13.00 19.34 38.34
N CYS C 166 -13.42 19.03 39.56
CA CYS C 166 -14.82 19.22 39.95
C CYS C 166 -15.15 20.71 39.96
N LYS C 167 -14.19 21.53 40.37
CA LYS C 167 -14.39 22.97 40.39
C LYS C 167 -14.52 23.48 38.96
N LYS C 168 -13.52 23.18 38.14
CA LYS C 168 -13.46 23.62 36.75
C LYS C 168 -14.65 23.23 35.90
N TYR C 169 -15.18 22.05 36.12
CA TYR C 169 -16.32 21.61 35.35
C TYR C 169 -17.61 21.61 36.17
N ASN C 170 -17.63 22.44 37.21
CA ASN C 170 -18.79 22.54 38.10
C ASN C 170 -20.06 22.73 37.27
N GLN C 171 -21.00 21.82 37.47
CA GLN C 171 -22.30 21.81 36.78
C GLN C 171 -22.21 21.65 35.27
N LYS C 172 -21.01 21.70 34.72
CA LYS C 172 -20.76 21.51 33.30
C LYS C 172 -20.60 19.99 33.25
N THR C 173 -21.65 19.36 33.76
CA THR C 173 -21.88 17.93 33.97
C THR C 173 -21.38 17.50 35.35
N VAL C 174 -20.14 17.85 35.70
CA VAL C 174 -19.58 17.45 37.00
C VAL C 174 -20.25 18.13 38.18
N VAL C 175 -21.05 17.39 38.92
CA VAL C 175 -21.78 17.94 40.05
C VAL C 175 -21.24 17.56 41.44
N ALA C 176 -20.30 16.61 41.49
CA ALA C 176 -19.78 16.18 42.78
C ALA C 176 -18.49 15.39 42.70
N MET C 177 -17.97 15.08 43.90
CA MET C 177 -16.75 14.32 44.10
C MET C 177 -17.09 13.08 44.92
N ASP C 178 -16.40 11.98 44.64
CA ASP C 178 -16.66 10.72 45.30
C ASP C 178 -15.38 10.03 45.75
N LEU C 179 -15.52 9.09 46.67
CA LEU C 179 -14.38 8.30 47.15
C LEU C 179 -14.78 6.85 46.89
N ALA C 180 -14.02 6.19 46.01
CA ALA C 180 -14.28 4.82 45.62
C ALA C 180 -13.01 3.97 45.72
N GLY C 181 -13.15 2.70 45.34
CA GLY C 181 -12.03 1.78 45.37
C GLY C 181 -12.11 0.78 46.52
N ASP C 182 -10.94 0.32 46.95
CA ASP C 182 -10.84 -0.66 48.01
C ASP C 182 -11.06 -0.14 49.43
N GLU C 183 -12.21 -0.47 49.99
CA GLU C 183 -12.60 -0.09 51.33
C GLU C 183 -11.87 -0.96 52.36
N THR C 184 -11.19 -2.01 51.92
CA THR C 184 -10.47 -2.87 52.87
C THR C 184 -9.10 -2.30 53.22
N ILE C 185 -8.67 -1.30 52.46
CA ILE C 185 -7.39 -0.63 52.71
C ILE C 185 -7.57 0.12 54.00
N GLU C 186 -7.18 -0.52 55.11
CA GLU C 186 -7.28 0.08 56.44
C GLU C 186 -6.79 1.54 56.53
N GLY C 187 -7.67 2.39 57.03
CA GLY C 187 -7.36 3.81 57.21
C GLY C 187 -7.28 4.69 55.99
N SER C 188 -7.79 4.23 54.85
CA SER C 188 -7.72 5.00 53.61
C SER C 188 -8.55 6.30 53.58
N SER C 189 -9.60 6.36 54.39
CA SER C 189 -10.46 7.56 54.45
C SER C 189 -9.64 8.68 55.06
N LEU C 190 -8.76 8.30 55.97
CA LEU C 190 -7.92 9.23 56.68
C LEU C 190 -6.66 9.68 55.96
N PHE C 191 -6.34 9.08 54.81
CA PHE C 191 -5.13 9.49 54.07
C PHE C 191 -5.26 10.99 53.80
N PRO C 192 -4.22 11.77 54.16
CA PRO C 192 -4.20 13.23 53.98
C PRO C 192 -4.78 13.73 52.66
N GLY C 193 -4.32 13.22 51.54
CA GLY C 193 -4.82 13.64 50.24
C GLY C 193 -6.33 13.68 50.14
N HIS C 194 -6.98 12.66 50.72
CA HIS C 194 -8.44 12.58 50.70
C HIS C 194 -9.05 13.66 51.58
N VAL C 195 -8.55 13.75 52.81
CA VAL C 195 -9.01 14.75 53.78
C VAL C 195 -8.89 16.17 53.23
N GLU C 196 -7.75 16.52 52.66
CA GLU C 196 -7.56 17.86 52.09
C GLU C 196 -8.54 18.15 50.97
N ALA C 197 -8.82 17.12 50.17
CA ALA C 197 -9.74 17.25 49.05
C ALA C 197 -11.13 17.55 49.55
N TYR C 198 -11.62 16.73 50.47
CA TYR C 198 -12.96 16.94 51.00
C TYR C 198 -13.09 18.24 51.77
N GLU C 199 -12.05 18.62 52.53
CA GLU C 199 -12.07 19.87 53.28
C GLU C 199 -12.07 21.04 52.29
N GLY C 200 -11.41 20.84 51.15
CA GLY C 200 -11.37 21.86 50.12
C GLY C 200 -12.70 21.91 49.39
N ALA C 201 -13.39 20.78 49.36
CA ALA C 201 -14.70 20.65 48.71
C ALA C 201 -15.77 21.36 49.54
N VAL C 202 -15.69 21.21 50.86
CA VAL C 202 -16.62 21.85 51.78
C VAL C 202 -16.44 23.35 51.64
N LYS C 203 -15.19 23.79 51.63
CA LYS C 203 -14.89 25.21 51.50
C LYS C 203 -15.44 25.81 50.20
N ASN C 204 -15.24 25.11 49.08
CA ASN C 204 -15.68 25.60 47.79
C ASN C 204 -17.09 25.19 47.34
N GLY C 205 -17.85 24.60 48.25
CA GLY C 205 -19.21 24.19 47.93
C GLY C 205 -19.35 23.03 46.94
N ILE C 206 -18.25 22.29 46.74
CA ILE C 206 -18.23 21.15 45.83
C ILE C 206 -18.93 19.96 46.51
N HIS C 207 -20.03 19.50 45.92
CA HIS C 207 -20.80 18.39 46.51
C HIS C 207 -19.97 17.15 46.80
N ARG C 208 -20.35 16.44 47.86
CA ARG C 208 -19.62 15.27 48.30
C ARG C 208 -20.42 13.98 48.52
N THR C 209 -19.86 12.88 48.03
CA THR C 209 -20.45 11.57 48.20
C THR C 209 -19.24 10.64 48.48
N VAL C 210 -19.46 9.50 49.16
CA VAL C 210 -18.35 8.57 49.47
C VAL C 210 -18.83 7.13 49.65
N HIS C 211 -18.07 6.17 49.13
CA HIS C 211 -18.39 4.75 49.28
C HIS C 211 -18.02 4.41 50.73
N ALA C 212 -18.94 3.83 51.49
CA ALA C 212 -18.63 3.52 52.89
C ALA C 212 -19.68 2.62 53.47
N GLY C 213 -19.30 1.84 54.47
CA GLY C 213 -20.24 0.91 55.09
C GLY C 213 -20.65 -0.18 54.13
N GLU C 214 -19.95 -0.25 52.99
CA GLU C 214 -20.24 -1.24 51.98
C GLU C 214 -19.69 -2.58 52.43
N VAL C 215 -18.38 -2.65 52.58
CA VAL C 215 -17.74 -3.90 52.98
C VAL C 215 -17.06 -3.78 54.34
N GLY C 216 -16.85 -2.54 54.79
CA GLY C 216 -16.21 -2.29 56.06
C GLY C 216 -17.17 -1.98 57.19
N SER C 217 -16.63 -1.84 58.40
CA SER C 217 -17.43 -1.55 59.60
C SER C 217 -18.10 -0.17 59.51
N PRO C 218 -19.01 0.12 60.45
CA PRO C 218 -19.71 1.41 60.47
C PRO C 218 -18.81 2.61 60.77
N GLU C 219 -17.62 2.34 61.32
CA GLU C 219 -16.68 3.39 61.65
C GLU C 219 -16.21 4.04 60.35
N VAL C 220 -16.34 3.29 59.26
CA VAL C 220 -15.95 3.78 57.94
C VAL C 220 -17.00 4.81 57.50
N VAL C 221 -18.26 4.53 57.82
CA VAL C 221 -19.37 5.43 57.49
C VAL C 221 -19.17 6.70 58.29
N ARG C 222 -18.81 6.52 59.56
CA ARG C 222 -18.53 7.63 60.46
C ARG C 222 -17.36 8.47 59.95
N GLU C 223 -16.32 7.82 59.43
CA GLU C 223 -15.17 8.54 58.90
C GLU C 223 -15.64 9.47 57.79
N ALA C 224 -16.48 8.96 56.90
CA ALA C 224 -17.02 9.74 55.78
C ALA C 224 -17.93 10.86 56.24
N VAL C 225 -18.81 10.56 57.19
CA VAL C 225 -19.74 11.55 57.72
C VAL C 225 -19.01 12.65 58.54
N ASP C 226 -18.30 12.23 59.58
CA ASP C 226 -17.57 13.13 60.47
C ASP C 226 -16.25 13.74 59.98
N ILE C 227 -15.37 12.92 59.41
CA ILE C 227 -14.10 13.45 58.93
C ILE C 227 -14.28 14.02 57.52
N LEU C 228 -14.73 13.17 56.59
CA LEU C 228 -14.89 13.55 55.20
C LEU C 228 -16.04 14.53 54.88
N LYS C 229 -16.98 14.65 55.82
CA LYS C 229 -18.11 15.57 55.68
C LYS C 229 -18.99 15.33 54.46
N THR C 230 -19.11 14.09 54.01
CA THR C 230 -19.93 13.83 52.82
C THR C 230 -21.42 14.13 53.04
N GLU C 231 -22.12 14.35 51.93
CA GLU C 231 -23.54 14.65 51.93
C GLU C 231 -24.35 13.38 51.70
N ARG C 232 -23.78 12.45 50.95
CA ARG C 232 -24.41 11.17 50.68
C ARG C 232 -23.43 10.03 50.94
N VAL C 233 -23.98 8.89 51.33
CA VAL C 233 -23.20 7.70 51.61
C VAL C 233 -23.47 6.62 50.57
N GLY C 234 -22.44 6.24 49.82
CA GLY C 234 -22.58 5.18 48.84
C GLY C 234 -22.60 3.85 49.57
N HIS C 235 -23.69 3.10 49.41
CA HIS C 235 -23.89 1.81 50.06
C HIS C 235 -24.36 2.06 51.49
N GLY C 236 -23.45 2.00 52.47
CA GLY C 236 -23.82 2.24 53.85
C GLY C 236 -24.65 1.16 54.52
N TYR C 237 -24.54 -0.07 54.03
CA TYR C 237 -25.32 -1.16 54.59
C TYR C 237 -24.90 -1.50 56.02
N HIS C 238 -23.62 -1.37 56.32
CA HIS C 238 -23.12 -1.72 57.64
C HIS C 238 -23.30 -0.69 58.72
N THR C 239 -23.92 0.43 58.36
CA THR C 239 -24.19 1.51 59.31
C THR C 239 -25.10 0.98 60.42
N ILE C 240 -26.14 0.26 60.02
CA ILE C 240 -27.13 -0.29 60.94
C ILE C 240 -26.58 -1.02 62.14
N GLU C 241 -25.29 -1.35 62.11
CA GLU C 241 -24.66 -2.09 63.21
C GLU C 241 -24.34 -1.20 64.42
N ASP C 242 -24.37 0.10 64.21
CA ASP C 242 -24.11 1.07 65.26
C ASP C 242 -25.34 1.96 65.32
N GLU C 243 -26.26 1.61 66.22
CA GLU C 243 -27.51 2.33 66.39
C GLU C 243 -27.47 3.84 66.53
N ALA C 244 -26.53 4.34 67.34
CA ALA C 244 -26.43 5.78 67.51
C ALA C 244 -26.13 6.45 66.17
N LEU C 245 -25.10 5.97 65.49
CA LEU C 245 -24.70 6.51 64.18
C LEU C 245 -25.85 6.39 63.20
N TYR C 246 -26.53 5.24 63.22
CA TYR C 246 -27.66 4.99 62.32
C TYR C 246 -28.80 5.97 62.51
N ASN C 247 -29.31 6.05 63.74
CA ASN C 247 -30.43 6.93 64.06
C ASN C 247 -30.06 8.39 63.83
N ARG C 248 -28.82 8.72 64.14
CA ARG C 248 -28.32 10.08 63.94
C ARG C 248 -28.36 10.42 62.45
N LEU C 249 -27.94 9.48 61.60
CA LEU C 249 -27.95 9.72 60.15
C LEU C 249 -29.38 9.75 59.63
N LEU C 250 -30.27 9.01 60.28
CA LEU C 250 -31.69 8.98 59.92
C LEU C 250 -32.28 10.35 60.28
N LYS C 251 -31.92 10.90 61.45
CA LYS C 251 -32.41 12.20 61.90
C LYS C 251 -31.97 13.32 60.95
N GLU C 252 -30.72 13.25 60.52
CA GLU C 252 -30.13 14.22 59.61
C GLU C 252 -30.60 13.97 58.18
N ASN C 253 -31.38 12.90 58.01
CA ASN C 253 -31.93 12.50 56.72
C ASN C 253 -30.85 12.22 55.68
N MET C 254 -29.81 11.50 56.10
CA MET C 254 -28.68 11.13 55.24
C MET C 254 -29.16 10.27 54.09
N HIS C 255 -28.55 10.44 52.92
CA HIS C 255 -28.93 9.66 51.76
C HIS C 255 -27.97 8.47 51.47
N PHE C 256 -28.54 7.27 51.41
CA PHE C 256 -27.81 6.04 51.13
C PHE C 256 -28.04 5.61 49.68
N GLU C 257 -26.99 5.58 48.86
CA GLU C 257 -27.09 5.16 47.47
C GLU C 257 -27.02 3.63 47.48
N VAL C 258 -28.19 2.99 47.56
CA VAL C 258 -28.24 1.55 47.64
C VAL C 258 -28.19 0.82 46.30
N CYS C 259 -27.35 -0.21 46.25
CA CYS C 259 -27.17 -1.04 45.06
C CYS C 259 -27.41 -2.46 45.57
N PRO C 260 -28.68 -2.92 45.53
CA PRO C 260 -29.06 -4.27 46.00
C PRO C 260 -28.31 -5.47 45.43
N TRP C 261 -28.34 -5.62 44.10
CA TRP C 261 -27.68 -6.72 43.42
C TRP C 261 -26.17 -6.70 43.68
N SER C 262 -25.57 -5.52 43.46
CA SER C 262 -24.16 -5.30 43.68
C SER C 262 -23.72 -5.78 45.07
N SER C 263 -24.46 -5.37 46.10
CA SER C 263 -24.14 -5.75 47.48
C SER C 263 -23.99 -7.26 47.66
N TYR C 264 -24.71 -8.02 46.85
CA TYR C 264 -24.67 -9.47 46.90
C TYR C 264 -23.33 -9.99 46.33
N LEU C 265 -23.15 -9.78 45.02
CA LEU C 265 -21.95 -10.21 44.33
C LEU C 265 -20.63 -9.83 45.01
N THR C 266 -20.57 -8.64 45.61
CA THR C 266 -19.35 -8.20 46.28
C THR C 266 -19.23 -8.80 47.69
N GLY C 267 -20.31 -9.40 48.16
CA GLY C 267 -20.33 -10.01 49.48
C GLY C 267 -20.58 -9.01 50.59
N ALA C 268 -20.95 -7.78 50.21
CA ALA C 268 -21.22 -6.70 51.17
C ALA C 268 -22.45 -7.01 51.98
N TRP C 269 -23.24 -7.94 51.46
CA TRP C 269 -24.47 -8.36 52.11
C TRP C 269 -24.49 -9.87 52.34
N ASP C 270 -24.67 -10.28 53.58
CA ASP C 270 -24.76 -11.69 53.88
C ASP C 270 -26.15 -12.08 53.39
N PRO C 271 -26.25 -12.88 52.31
CA PRO C 271 -27.57 -13.26 51.79
C PRO C 271 -28.47 -13.97 52.81
N LYS C 272 -27.89 -14.48 53.88
CA LYS C 272 -28.66 -15.18 54.90
C LYS C 272 -29.25 -14.19 55.89
N THR C 273 -29.02 -12.90 55.66
CA THR C 273 -29.56 -11.85 56.53
C THR C 273 -30.44 -10.89 55.75
N THR C 274 -31.51 -10.42 56.38
CA THR C 274 -32.42 -9.49 55.75
C THR C 274 -31.63 -8.24 55.30
N HIS C 275 -31.81 -7.82 54.06
CA HIS C 275 -31.08 -6.68 53.53
C HIS C 275 -31.33 -5.38 54.33
N ALA C 276 -30.26 -4.63 54.56
CA ALA C 276 -30.32 -3.36 55.28
C ALA C 276 -31.38 -2.45 54.68
N VAL C 277 -31.58 -2.57 53.37
CA VAL C 277 -32.56 -1.76 52.65
C VAL C 277 -33.98 -1.96 53.19
N VAL C 278 -34.25 -3.14 53.75
CA VAL C 278 -35.57 -3.43 54.32
C VAL C 278 -35.76 -2.54 55.56
N ARG C 279 -34.66 -2.32 56.29
CA ARG C 279 -34.67 -1.49 57.47
C ARG C 279 -34.90 -0.05 57.00
N PHE C 280 -34.14 0.41 56.00
CA PHE C 280 -34.29 1.77 55.47
C PHE C 280 -35.74 2.02 55.08
N LYS C 281 -36.32 1.09 54.34
CA LYS C 281 -37.71 1.19 53.91
C LYS C 281 -38.64 1.36 55.11
N ASN C 282 -38.52 0.44 56.07
CA ASN C 282 -39.33 0.47 57.28
C ASN C 282 -39.14 1.76 58.08
N ASP C 283 -37.90 2.25 58.13
CA ASP C 283 -37.61 3.49 58.87
C ASP C 283 -37.87 4.74 58.02
N LYS C 284 -38.47 4.56 56.85
CA LYS C 284 -38.76 5.69 55.97
C LYS C 284 -37.51 6.52 55.74
N ALA C 285 -36.38 5.83 55.58
CA ALA C 285 -35.08 6.47 55.36
C ALA C 285 -34.95 7.06 53.95
N ASN C 286 -33.93 7.89 53.77
CA ASN C 286 -33.66 8.55 52.50
C ASN C 286 -32.65 7.71 51.72
N TYR C 287 -33.13 6.99 50.70
CA TYR C 287 -32.24 6.14 49.90
C TYR C 287 -32.69 6.00 48.44
N SER C 288 -31.81 5.45 47.60
CA SER C 288 -32.09 5.23 46.19
C SER C 288 -31.60 3.87 45.72
N LEU C 289 -32.28 3.30 44.73
CA LEU C 289 -31.91 2.00 44.16
C LEU C 289 -30.98 2.24 42.97
N ASN C 290 -29.81 1.61 43.01
CA ASN C 290 -28.81 1.80 41.98
C ASN C 290 -28.20 0.52 41.44
N THR C 291 -27.69 0.62 40.23
CA THR C 291 -27.10 -0.49 39.50
C THR C 291 -25.60 -0.72 39.83
N ASP C 292 -24.90 0.37 40.13
CA ASP C 292 -23.47 0.36 40.44
C ASP C 292 -22.62 0.06 39.22
N ASP C 293 -22.51 -1.21 38.84
CA ASP C 293 -21.72 -1.58 37.66
C ASP C 293 -22.47 -2.66 36.89
N PRO C 294 -23.33 -2.25 35.95
CA PRO C 294 -24.12 -3.17 35.12
C PRO C 294 -23.28 -4.16 34.33
N LEU C 295 -22.19 -3.69 33.74
CA LEU C 295 -21.29 -4.55 32.97
C LEU C 295 -20.80 -5.74 33.78
N ILE C 296 -20.10 -5.45 34.87
CA ILE C 296 -19.53 -6.48 35.73
C ILE C 296 -20.56 -7.33 36.47
N PHE C 297 -21.74 -6.79 36.73
CA PHE C 297 -22.77 -7.55 37.45
C PHE C 297 -23.81 -8.19 36.53
N LYS C 298 -23.62 -7.99 35.22
CA LYS C 298 -24.54 -8.53 34.21
C LYS C 298 -25.97 -8.18 34.62
N SER C 299 -26.27 -6.89 34.69
CA SER C 299 -27.58 -6.44 35.12
C SER C 299 -28.07 -5.16 34.46
N THR C 300 -29.30 -4.80 34.81
CA THR C 300 -29.94 -3.57 34.34
C THR C 300 -30.64 -3.02 35.59
N LEU C 301 -31.24 -1.85 35.49
CA LEU C 301 -31.92 -1.25 36.65
C LEU C 301 -33.07 -2.14 37.11
N ASP C 302 -33.62 -2.92 36.17
CA ASP C 302 -34.72 -3.82 36.49
C ASP C 302 -34.27 -4.97 37.38
N THR C 303 -32.97 -5.30 37.35
CA THR C 303 -32.45 -6.38 38.17
C THR C 303 -32.68 -6.02 39.63
N ASP C 304 -32.25 -4.81 40.00
CA ASP C 304 -32.36 -4.32 41.36
C ASP C 304 -33.81 -4.13 41.83
N TYR C 305 -34.66 -3.60 40.95
CA TYR C 305 -36.06 -3.40 41.31
C TYR C 305 -36.80 -4.75 41.47
N GLN C 306 -36.57 -5.69 40.56
CA GLN C 306 -37.21 -7.01 40.65
C GLN C 306 -36.76 -7.65 41.95
N MET C 307 -35.44 -7.65 42.16
CA MET C 307 -34.84 -8.23 43.35
C MET C 307 -35.53 -7.73 44.62
N THR C 308 -35.60 -6.41 44.75
CA THR C 308 -36.22 -5.79 45.92
C THR C 308 -37.73 -5.99 45.95
N LYS C 309 -38.33 -6.21 44.78
CA LYS C 309 -39.77 -6.40 44.73
C LYS C 309 -40.23 -7.80 45.12
N LYS C 310 -39.61 -8.81 44.50
CA LYS C 310 -39.93 -10.21 44.75
C LYS C 310 -39.63 -10.50 46.20
N ASP C 311 -38.35 -10.46 46.54
CA ASP C 311 -37.92 -10.65 47.93
C ASP C 311 -38.01 -9.23 48.47
N MET C 312 -37.93 -9.05 49.77
CA MET C 312 -37.99 -7.71 50.34
C MET C 312 -39.37 -7.01 50.31
N GLY C 313 -40.25 -7.43 49.40
CA GLY C 313 -41.60 -6.87 49.33
C GLY C 313 -41.81 -5.39 49.05
N PHE C 314 -41.16 -4.88 48.00
CA PHE C 314 -41.31 -3.48 47.64
C PHE C 314 -42.53 -3.24 46.78
N THR C 315 -43.24 -2.16 47.08
CA THR C 315 -44.47 -1.75 46.41
C THR C 315 -44.15 -0.64 45.41
N GLU C 316 -45.10 -0.34 44.50
CA GLU C 316 -44.91 0.72 43.52
C GLU C 316 -44.78 2.06 44.25
N GLU C 317 -45.51 2.17 45.35
CA GLU C 317 -45.52 3.34 46.21
C GLU C 317 -44.10 3.63 46.66
N GLU C 318 -43.42 2.59 47.16
CA GLU C 318 -42.05 2.74 47.65
C GLU C 318 -41.08 3.17 46.57
N PHE C 319 -41.26 2.66 45.36
CA PHE C 319 -40.39 3.02 44.26
C PHE C 319 -40.59 4.49 43.92
N LYS C 320 -41.85 4.93 43.94
CA LYS C 320 -42.15 6.34 43.65
C LYS C 320 -41.50 7.23 44.70
N ARG C 321 -41.78 6.94 45.96
CA ARG C 321 -41.25 7.71 47.09
C ARG C 321 -39.72 7.74 47.02
N LEU C 322 -39.17 6.56 46.82
CA LEU C 322 -37.75 6.34 46.71
C LEU C 322 -37.13 7.23 45.63
N ASN C 323 -37.72 7.26 44.43
CA ASN C 323 -37.20 8.06 43.33
C ASN C 323 -37.38 9.55 43.54
N ILE C 324 -38.42 9.93 44.27
CA ILE C 324 -38.62 11.34 44.57
C ILE C 324 -37.50 11.76 45.54
N ASN C 325 -37.20 10.89 46.49
CA ASN C 325 -36.13 11.14 47.45
C ASN C 325 -34.80 11.26 46.75
N ALA C 326 -34.64 10.44 45.70
CA ALA C 326 -33.43 10.43 44.89
C ALA C 326 -33.35 11.78 44.17
N ALA C 327 -34.52 12.28 43.78
CA ALA C 327 -34.65 13.57 43.10
C ALA C 327 -34.24 14.68 44.04
N LYS C 328 -34.82 14.69 45.23
CA LYS C 328 -34.52 15.74 46.22
C LYS C 328 -33.09 15.72 46.72
N SER C 329 -32.44 14.56 46.63
CA SER C 329 -31.07 14.43 47.08
C SER C 329 -30.04 14.59 45.97
N SER C 330 -30.49 14.77 44.74
CA SER C 330 -29.58 14.92 43.61
C SER C 330 -28.69 16.14 43.79
N PHE C 331 -27.50 16.12 43.19
CA PHE C 331 -26.57 17.25 43.31
C PHE C 331 -26.84 18.29 42.22
N LEU C 332 -28.09 18.33 41.80
CA LEU C 332 -28.60 19.23 40.77
C LEU C 332 -28.92 20.57 41.41
N PRO C 333 -28.80 21.69 40.67
CA PRO C 333 -29.11 22.99 41.27
C PRO C 333 -30.62 23.06 41.56
N GLU C 334 -31.04 23.88 42.52
CA GLU C 334 -32.45 23.98 42.88
C GLU C 334 -33.47 24.13 41.76
N GLU C 335 -33.21 25.02 40.79
CA GLU C 335 -34.14 25.23 39.67
C GLU C 335 -34.31 23.95 38.85
N GLU C 336 -33.19 23.28 38.59
CA GLU C 336 -33.18 22.05 37.81
C GLU C 336 -33.76 20.86 38.59
N LYS C 337 -33.60 20.89 39.90
CA LYS C 337 -34.12 19.86 40.78
C LYS C 337 -35.64 19.92 40.74
N LYS C 338 -36.18 21.14 40.70
CA LYS C 338 -37.62 21.37 40.61
C LYS C 338 -38.17 20.72 39.35
N GLU C 339 -37.57 21.08 38.22
CA GLU C 339 -37.95 20.52 36.92
C GLU C 339 -38.00 18.99 36.93
N LEU C 340 -37.03 18.37 37.61
CA LEU C 340 -36.93 16.91 37.73
C LEU C 340 -38.14 16.38 38.48
N LEU C 341 -38.49 17.03 39.58
CA LEU C 341 -39.64 16.63 40.40
C LEU C 341 -40.94 16.81 39.63
N GLU C 342 -41.02 17.84 38.79
CA GLU C 342 -42.21 18.06 37.97
C GLU C 342 -42.40 16.88 37.03
N ARG C 343 -41.32 16.56 36.31
CA ARG C 343 -41.30 15.45 35.36
C ARG C 343 -41.73 14.18 36.08
N LEU C 344 -41.10 13.91 37.22
CA LEU C 344 -41.44 12.72 38.01
C LEU C 344 -42.91 12.71 38.38
N TYR C 345 -43.36 13.77 39.05
CA TYR C 345 -44.76 13.86 39.48
C TYR C 345 -45.76 13.72 38.34
N ARG C 346 -45.43 14.30 37.19
CA ARG C 346 -46.28 14.26 36.00
C ARG C 346 -46.41 12.86 35.42
N GLU C 347 -45.29 12.17 35.27
CA GLU C 347 -45.30 10.83 34.71
C GLU C 347 -45.68 9.76 35.72
N TYR C 348 -45.75 10.16 36.99
CA TYR C 348 -46.16 9.24 38.05
C TYR C 348 -47.68 9.27 38.20
N GLN C 349 -48.34 10.28 37.66
CA GLN C 349 -49.79 10.42 37.77
C GLN C 349 -50.56 9.51 36.84
N THR D 1 13.76 -4.06 -5.00
CA THR D 1 13.24 -2.67 -5.15
C THR D 1 14.09 -1.72 -4.29
N PRO D 2 14.45 -0.54 -4.83
CA PRO D 2 15.26 0.42 -4.08
C PRO D 2 14.58 0.82 -2.77
N ALA D 3 15.37 0.96 -1.71
CA ALA D 3 14.86 1.33 -0.39
C ALA D 3 14.17 2.69 -0.35
N PHE D 4 14.82 3.70 -0.93
CA PHE D 4 14.31 5.07 -0.97
C PHE D 4 14.32 5.55 -2.42
N ASN D 5 13.24 5.33 -3.14
CA ASN D 5 13.19 5.72 -4.55
C ASN D 5 12.71 7.16 -4.72
N LYS D 6 13.48 8.12 -4.24
CA LYS D 6 13.11 9.53 -4.34
C LYS D 6 14.38 10.36 -4.38
N PRO D 7 14.28 11.68 -4.65
CA PRO D 7 15.46 12.55 -4.73
C PRO D 7 16.46 12.40 -3.58
N LYS D 8 17.74 12.39 -3.93
CA LYS D 8 18.81 12.23 -2.95
C LYS D 8 19.85 13.30 -3.10
N VAL D 9 20.61 13.52 -2.04
CA VAL D 9 21.67 14.51 -1.99
C VAL D 9 22.91 13.77 -1.48
N GLU D 10 23.98 13.81 -2.25
CA GLU D 10 25.21 13.14 -1.85
C GLU D 10 26.29 14.17 -1.57
N LEU D 11 26.85 14.11 -0.37
CA LEU D 11 27.88 15.05 0.07
C LEU D 11 29.30 14.49 0.24
N HIS D 12 29.44 13.17 0.18
CA HIS D 12 30.75 12.54 0.39
C HIS D 12 31.04 11.40 -0.58
N VAL D 13 31.57 11.72 -1.76
CA VAL D 13 31.90 10.70 -2.75
C VAL D 13 33.17 11.08 -3.50
N HIS D 14 34.01 10.09 -3.80
CA HIS D 14 35.29 10.36 -4.45
C HIS D 14 35.33 10.09 -5.93
N LEU D 15 35.61 11.13 -6.71
CA LEU D 15 35.68 11.01 -8.15
C LEU D 15 36.59 9.86 -8.53
N ASP D 16 37.78 9.80 -7.94
CA ASP D 16 38.71 8.74 -8.25
C ASP D 16 38.30 7.38 -7.71
N GLY D 17 37.37 7.37 -6.75
CA GLY D 17 36.87 6.10 -6.22
C GLY D 17 35.56 5.77 -6.92
N ALA D 18 35.20 6.61 -7.89
CA ALA D 18 33.96 6.45 -8.64
C ALA D 18 34.19 6.29 -10.14
N ILE D 19 35.37 5.85 -10.54
CA ILE D 19 35.66 5.65 -11.95
C ILE D 19 35.08 4.30 -12.41
N LYS D 20 34.71 4.22 -13.69
CA LYS D 20 34.13 2.99 -14.25
C LYS D 20 35.19 1.98 -14.68
N PRO D 21 35.00 0.70 -14.32
CA PRO D 21 35.98 -0.32 -14.71
C PRO D 21 36.09 -0.41 -16.24
N GLU D 22 34.99 -0.11 -16.92
CA GLU D 22 34.94 -0.15 -18.38
C GLU D 22 35.87 0.89 -18.96
N THR D 23 35.86 2.06 -18.34
CA THR D 23 36.69 3.19 -18.76
C THR D 23 38.15 3.00 -18.37
N ILE D 24 38.38 2.31 -17.24
CA ILE D 24 39.73 2.02 -16.76
C ILE D 24 40.44 1.14 -17.79
N LEU D 25 39.89 -0.03 -18.05
CA LEU D 25 40.43 -0.97 -19.03
C LEU D 25 40.66 -0.26 -20.38
N TYR D 26 39.68 0.54 -20.79
CA TYR D 26 39.75 1.26 -22.05
C TYR D 26 41.04 2.11 -22.17
N PHE D 27 41.32 2.93 -21.14
CA PHE D 27 42.53 3.76 -21.15
C PHE D 27 43.81 2.95 -20.94
N GLY D 28 43.74 1.89 -20.15
CA GLY D 28 44.92 1.06 -19.96
C GLY D 28 45.39 0.50 -21.30
N LYS D 29 44.46 -0.09 -22.04
CA LYS D 29 44.77 -0.67 -23.35
C LYS D 29 45.14 0.39 -24.37
N LYS D 30 44.44 1.53 -24.33
CA LYS D 30 44.71 2.61 -25.27
C LYS D 30 46.07 3.28 -25.04
N ARG D 31 46.45 3.41 -23.76
CA ARG D 31 47.72 4.02 -23.39
C ARG D 31 48.87 3.01 -23.28
N GLY D 32 48.51 1.73 -23.23
CA GLY D 32 49.51 0.68 -23.15
C GLY D 32 50.06 0.53 -21.76
N ILE D 33 49.21 0.75 -20.78
CA ILE D 33 49.58 0.70 -19.38
C ILE D 33 48.95 -0.49 -18.66
N ALA D 34 49.73 -1.08 -17.76
CA ALA D 34 49.33 -2.24 -16.99
C ALA D 34 48.13 -2.02 -16.10
N LEU D 35 47.32 -3.06 -16.01
CA LEU D 35 46.14 -3.11 -15.17
C LEU D 35 46.22 -4.50 -14.54
N PRO D 36 45.71 -4.68 -13.31
CA PRO D 36 45.74 -5.97 -12.61
C PRO D 36 44.85 -7.07 -13.19
N ALA D 37 44.09 -6.74 -14.23
CA ALA D 37 43.23 -7.72 -14.85
C ALA D 37 43.01 -7.29 -16.29
N ASP D 38 42.66 -8.25 -17.15
CA ASP D 38 42.46 -7.99 -18.57
C ASP D 38 41.01 -7.82 -19.02
N THR D 39 40.05 -8.17 -18.17
CA THR D 39 38.64 -7.99 -18.53
C THR D 39 38.05 -7.10 -17.44
N VAL D 40 36.94 -6.43 -17.74
CA VAL D 40 36.34 -5.56 -16.74
C VAL D 40 35.68 -6.37 -15.63
N GLU D 41 35.40 -7.65 -15.91
CA GLU D 41 34.80 -8.47 -14.87
C GLU D 41 35.83 -8.95 -13.87
N GLU D 42 37.08 -9.09 -14.31
CA GLU D 42 38.12 -9.49 -13.38
C GLU D 42 38.69 -8.23 -12.72
N LEU D 43 38.58 -7.12 -13.44
CA LEU D 43 39.03 -5.82 -12.94
C LEU D 43 38.10 -5.44 -11.81
N ARG D 44 36.84 -5.83 -11.92
CA ARG D 44 35.88 -5.54 -10.86
C ARG D 44 36.13 -6.40 -9.62
N ASN D 45 36.45 -7.67 -9.85
CA ASN D 45 36.69 -8.60 -8.76
C ASN D 45 37.96 -8.30 -7.95
N ILE D 46 38.97 -7.69 -8.58
CA ILE D 46 40.24 -7.38 -7.91
C ILE D 46 40.32 -5.97 -7.35
N ILE D 47 39.72 -5.01 -8.02
CA ILE D 47 39.75 -3.63 -7.54
C ILE D 47 38.73 -3.42 -6.42
N GLY D 48 37.74 -4.30 -6.36
CA GLY D 48 36.71 -4.18 -5.34
C GLY D 48 36.98 -4.98 -4.09
N MET D 49 36.33 -4.59 -3.00
CA MET D 49 36.46 -5.23 -1.70
C MET D 49 35.16 -5.91 -1.38
N ASP D 50 35.28 -7.14 -0.86
CA ASP D 50 34.16 -8.00 -0.52
C ASP D 50 34.02 -8.16 1.01
N LYS D 51 35.14 -8.03 1.69
CA LYS D 51 35.20 -8.20 3.13
C LYS D 51 35.98 -7.04 3.75
N PRO D 52 35.82 -6.81 5.06
CA PRO D 52 36.51 -5.74 5.78
C PRO D 52 38.01 -5.86 5.75
N LEU D 53 38.70 -4.72 5.78
CA LEU D 53 40.16 -4.68 5.75
C LEU D 53 40.67 -3.66 6.77
N SER D 54 41.22 -2.55 6.26
CA SER D 54 41.75 -1.49 7.09
C SER D 54 41.75 -0.27 6.18
N LEU D 55 42.03 0.90 6.73
CA LEU D 55 42.08 2.09 5.91
C LEU D 55 43.25 1.98 4.93
N PRO D 56 44.45 1.60 5.41
CA PRO D 56 45.59 1.48 4.49
C PRO D 56 45.37 0.38 3.46
N GLY D 57 44.73 -0.70 3.90
CA GLY D 57 44.44 -1.80 3.00
C GLY D 57 43.50 -1.30 1.92
N PHE D 58 42.63 -0.36 2.29
CA PHE D 58 41.68 0.24 1.37
C PHE D 58 42.35 1.17 0.39
N LEU D 59 43.19 2.06 0.91
CA LEU D 59 43.90 3.06 0.12
C LEU D 59 44.84 2.47 -0.92
N ALA D 60 45.32 1.25 -0.68
CA ALA D 60 46.23 0.60 -1.61
C ALA D 60 45.57 0.15 -2.92
N LYS D 61 44.25 0.25 -3.00
CA LYS D 61 43.51 -0.16 -4.20
C LYS D 61 43.72 0.81 -5.36
N PHE D 62 43.91 2.08 -5.02
CA PHE D 62 44.12 3.14 -6.00
C PHE D 62 45.33 2.90 -6.90
N ASP D 63 46.37 2.25 -6.35
CA ASP D 63 47.59 1.95 -7.10
C ASP D 63 47.31 1.11 -8.35
N TYR D 64 46.31 0.23 -8.25
CA TYR D 64 45.89 -0.63 -9.33
C TYR D 64 45.49 0.12 -10.59
N TYR D 65 44.61 1.10 -10.43
CA TYR D 65 44.06 1.82 -11.57
C TYR D 65 44.39 3.26 -11.85
N MET D 66 44.72 4.02 -10.82
CA MET D 66 45.02 5.44 -11.03
C MET D 66 46.04 5.78 -12.14
N PRO D 67 47.12 4.97 -12.29
CA PRO D 67 48.14 5.23 -13.32
C PRO D 67 47.59 5.29 -14.76
N VAL D 68 46.41 4.72 -14.95
CA VAL D 68 45.74 4.68 -16.24
C VAL D 68 44.90 5.92 -16.56
N ILE D 69 44.40 6.59 -15.51
CA ILE D 69 43.59 7.78 -15.69
C ILE D 69 44.46 9.03 -15.54
N ALA D 70 45.35 9.01 -14.54
CA ALA D 70 46.23 10.13 -14.26
C ALA D 70 47.01 10.62 -15.49
N GLY D 71 47.11 11.94 -15.62
CA GLY D 71 47.84 12.51 -16.74
C GLY D 71 47.16 12.46 -18.08
N CYS D 72 46.01 11.80 -18.18
CA CYS D 72 45.31 11.76 -19.47
C CYS D 72 44.15 12.76 -19.45
N ARG D 73 44.22 13.78 -20.29
CA ARG D 73 43.18 14.81 -20.34
C ARG D 73 41.77 14.30 -20.65
N GLU D 74 41.61 13.58 -21.76
CA GLU D 74 40.29 13.07 -22.12
C GLU D 74 39.73 12.10 -21.06
N ALA D 75 40.63 11.40 -20.38
CA ALA D 75 40.25 10.46 -19.34
C ALA D 75 39.72 11.20 -18.12
N ILE D 76 40.44 12.23 -17.69
CA ILE D 76 40.07 13.05 -16.53
C ILE D 76 38.72 13.71 -16.77
N LYS D 77 38.52 14.23 -17.98
CA LYS D 77 37.26 14.84 -18.35
C LYS D 77 36.15 13.78 -18.43
N ARG D 78 36.48 12.61 -18.99
CA ARG D 78 35.51 11.54 -19.16
C ARG D 78 34.98 11.00 -17.85
N ILE D 79 35.87 10.75 -16.89
CA ILE D 79 35.44 10.22 -15.61
C ILE D 79 34.49 11.18 -14.91
N ALA D 80 34.69 12.47 -15.16
CA ALA D 80 33.85 13.53 -14.60
C ALA D 80 32.44 13.44 -15.21
N TYR D 81 32.36 13.53 -16.53
CA TYR D 81 31.08 13.43 -17.22
C TYR D 81 30.38 12.17 -16.78
N GLU D 82 31.06 11.04 -16.96
CA GLU D 82 30.54 9.73 -16.60
C GLU D 82 30.07 9.64 -15.17
N PHE D 83 30.79 10.28 -14.26
CA PHE D 83 30.40 10.28 -12.87
C PHE D 83 29.00 10.89 -12.70
N VAL D 84 28.76 12.05 -13.30
CA VAL D 84 27.45 12.71 -13.19
C VAL D 84 26.32 11.82 -13.71
N GLU D 85 26.54 11.21 -14.87
CA GLU D 85 25.58 10.31 -15.51
C GLU D 85 25.10 9.21 -14.57
N MET D 86 26.04 8.59 -13.88
CA MET D 86 25.75 7.53 -12.92
C MET D 86 24.93 8.04 -11.75
N LYS D 87 25.39 9.15 -11.17
CA LYS D 87 24.71 9.73 -10.01
C LYS D 87 23.27 10.13 -10.31
N ALA D 88 23.03 10.69 -11.49
CA ALA D 88 21.68 11.06 -11.90
C ALA D 88 20.81 9.80 -12.03
N LYS D 89 21.37 8.72 -12.57
CA LYS D 89 20.63 7.44 -12.70
C LYS D 89 20.25 6.91 -11.32
N GLU D 90 21.12 7.15 -10.34
CA GLU D 90 20.88 6.72 -8.97
C GLU D 90 19.79 7.55 -8.31
N GLY D 91 19.36 8.62 -8.98
CA GLY D 91 18.33 9.48 -8.44
C GLY D 91 18.82 10.63 -7.58
N VAL D 92 20.09 11.01 -7.74
CA VAL D 92 20.68 12.10 -6.97
C VAL D 92 20.39 13.43 -7.70
N VAL D 93 19.92 14.42 -6.95
CA VAL D 93 19.62 15.74 -7.52
C VAL D 93 20.73 16.78 -7.28
N TYR D 94 21.59 16.53 -6.29
CA TYR D 94 22.70 17.41 -5.96
C TYR D 94 23.89 16.60 -5.47
N VAL D 95 25.08 16.84 -6.03
CA VAL D 95 26.26 16.09 -5.61
C VAL D 95 27.51 16.92 -5.40
N GLU D 96 28.28 16.52 -4.41
CA GLU D 96 29.55 17.15 -4.14
C GLU D 96 30.58 16.02 -4.28
N VAL D 97 31.31 16.06 -5.38
CA VAL D 97 32.35 15.06 -5.67
C VAL D 97 33.69 15.59 -5.23
N ARG D 98 34.43 14.81 -4.47
CA ARG D 98 35.75 15.25 -4.02
C ARG D 98 36.83 14.45 -4.73
N TYR D 99 38.06 14.97 -4.70
CA TYR D 99 39.19 14.32 -5.32
C TYR D 99 40.43 15.20 -5.13
N SER D 100 41.60 14.59 -5.23
CA SER D 100 42.86 15.29 -5.12
C SER D 100 43.37 15.59 -6.53
N PRO D 101 43.50 16.88 -6.90
CA PRO D 101 43.98 17.23 -8.23
C PRO D 101 45.45 16.81 -8.54
N HIS D 102 46.32 16.84 -7.53
CA HIS D 102 47.72 16.46 -7.71
C HIS D 102 47.85 14.98 -8.05
N LEU D 103 46.95 14.17 -7.49
CA LEU D 103 46.95 12.73 -7.72
C LEU D 103 46.57 12.32 -9.14
N LEU D 104 46.12 13.28 -9.92
CA LEU D 104 45.73 13.04 -11.31
C LEU D 104 46.61 13.88 -12.24
N ALA D 105 47.61 14.53 -11.66
CA ALA D 105 48.51 15.38 -12.43
C ALA D 105 49.79 14.62 -12.75
N ASN D 106 50.47 15.06 -13.80
CA ASN D 106 51.73 14.45 -14.19
C ASN D 106 52.77 15.52 -14.54
N SER D 107 52.47 16.76 -14.17
CA SER D 107 53.39 17.87 -14.39
C SER D 107 53.24 18.85 -13.22
N LYS D 108 54.36 19.42 -12.79
CA LYS D 108 54.39 20.36 -11.67
C LYS D 108 53.76 19.83 -10.38
N VAL D 109 54.15 18.59 -10.03
CA VAL D 109 53.71 17.90 -8.82
C VAL D 109 55.02 17.36 -8.28
N ASP D 110 55.56 17.97 -7.21
CA ASP D 110 56.85 17.55 -6.64
C ASP D 110 56.93 16.05 -6.47
N PRO D 111 56.18 15.46 -5.51
CA PRO D 111 56.36 14.00 -5.48
C PRO D 111 55.46 13.45 -6.59
N MET D 112 56.04 13.20 -7.76
CA MET D 112 55.33 12.70 -8.94
C MET D 112 54.54 11.43 -8.62
N PRO D 113 53.20 11.52 -8.70
CA PRO D 113 52.30 10.40 -8.42
C PRO D 113 52.42 9.22 -9.37
N TRP D 114 52.12 8.04 -8.84
CA TRP D 114 52.11 6.77 -9.57
C TRP D 114 53.25 6.52 -10.54
N ASN D 115 54.47 6.89 -10.16
CA ASN D 115 55.65 6.70 -11.03
C ASN D 115 55.39 7.14 -12.48
N GLN D 116 54.50 8.12 -12.66
CA GLN D 116 54.17 8.61 -13.99
C GLN D 116 55.39 9.26 -14.61
N THR D 117 55.32 9.44 -15.92
CA THR D 117 56.38 10.09 -16.65
C THR D 117 55.92 11.54 -16.79
N GLU D 118 56.85 12.48 -16.63
CA GLU D 118 56.58 13.91 -16.74
C GLU D 118 55.78 14.26 -18.01
N GLY D 119 54.61 14.85 -17.82
CA GLY D 119 53.77 15.26 -18.92
C GLY D 119 53.57 16.76 -18.87
N ASP D 120 52.34 17.21 -19.15
CA ASP D 120 52.02 18.65 -19.11
C ASP D 120 50.74 18.95 -18.34
N VAL D 121 50.08 17.90 -17.85
CA VAL D 121 48.85 18.08 -17.10
C VAL D 121 49.17 18.46 -15.66
N THR D 122 48.93 19.72 -15.32
CA THR D 122 49.20 20.28 -14.00
C THR D 122 47.96 20.11 -13.11
N PRO D 123 48.14 20.18 -11.77
CA PRO D 123 46.99 20.05 -10.86
C PRO D 123 45.90 21.04 -11.28
N ASP D 124 46.32 22.22 -11.74
CA ASP D 124 45.37 23.21 -12.20
C ASP D 124 44.60 22.70 -13.41
N ASP D 125 45.29 22.08 -14.36
CA ASP D 125 44.64 21.57 -15.56
C ASP D 125 43.64 20.47 -15.26
N VAL D 126 43.90 19.64 -14.26
CA VAL D 126 42.95 18.57 -13.94
C VAL D 126 41.68 19.18 -13.38
N VAL D 127 41.81 20.30 -12.66
CA VAL D 127 40.65 20.96 -12.07
C VAL D 127 39.79 21.48 -13.22
N ASP D 128 40.43 22.21 -14.13
CA ASP D 128 39.73 22.75 -15.30
C ASP D 128 39.09 21.61 -16.11
N LEU D 129 39.78 20.46 -16.20
CA LEU D 129 39.27 19.27 -16.93
C LEU D 129 38.07 18.63 -16.22
N VAL D 130 38.13 18.55 -14.89
CA VAL D 130 37.03 17.99 -14.10
C VAL D 130 35.80 18.90 -14.24
N ASN D 131 36.02 20.20 -14.11
CA ASN D 131 34.93 21.19 -14.19
C ASN D 131 34.15 21.00 -15.48
N GLN D 132 34.86 20.77 -16.59
CA GLN D 132 34.22 20.59 -17.89
C GLN D 132 33.33 19.36 -17.94
N GLY D 133 33.88 18.22 -17.53
CA GLY D 133 33.12 16.98 -17.52
C GLY D 133 31.87 17.11 -16.67
N LEU D 134 32.03 17.65 -15.46
CA LEU D 134 30.90 17.84 -14.52
C LEU D 134 29.83 18.79 -15.04
N GLN D 135 30.27 19.95 -15.54
CA GLN D 135 29.35 20.94 -16.08
C GLN D 135 28.60 20.41 -17.30
N GLU D 136 29.26 19.57 -18.10
CA GLU D 136 28.63 18.98 -19.28
C GLU D 136 27.58 17.96 -18.84
N GLY D 137 27.93 17.15 -17.84
CA GLY D 137 27.01 16.16 -17.31
C GLY D 137 25.85 16.85 -16.61
N GLU D 138 26.15 18.00 -16.00
CA GLU D 138 25.13 18.78 -15.31
C GLU D 138 24.09 19.20 -16.34
N GLN D 139 24.56 19.74 -17.45
CA GLN D 139 23.69 20.18 -18.53
C GLN D 139 22.92 19.03 -19.16
N ALA D 140 23.59 17.90 -19.36
CA ALA D 140 22.98 16.74 -19.98
C ALA D 140 22.05 15.90 -19.12
N PHE D 141 22.28 15.80 -17.82
CA PHE D 141 21.44 14.95 -16.99
C PHE D 141 20.47 15.57 -16.03
N GLY D 142 20.44 16.90 -15.99
CA GLY D 142 19.49 17.58 -15.12
C GLY D 142 19.66 17.58 -13.61
N ILE D 143 20.88 17.38 -13.13
CA ILE D 143 21.12 17.42 -11.69
C ILE D 143 22.23 18.42 -11.48
N LYS D 144 22.35 18.93 -10.25
CA LYS D 144 23.38 19.92 -9.95
C LYS D 144 24.61 19.26 -9.33
N VAL D 145 25.77 19.55 -9.91
CA VAL D 145 27.04 18.98 -9.46
C VAL D 145 28.09 20.04 -9.14
N ARG D 146 28.78 19.86 -8.02
CA ARG D 146 29.84 20.75 -7.54
C ARG D 146 30.97 19.86 -6.99
N SER D 147 32.18 20.39 -6.93
CA SER D 147 33.33 19.63 -6.46
C SER D 147 33.97 20.11 -5.13
N ILE D 148 34.82 19.24 -4.57
CA ILE D 148 35.55 19.49 -3.33
C ILE D 148 36.97 19.00 -3.60
N LEU D 149 37.98 19.80 -3.28
CA LEU D 149 39.38 19.42 -3.50
C LEU D 149 40.05 18.90 -2.23
N CYS D 150 40.61 17.69 -2.30
CA CYS D 150 41.25 17.06 -1.15
C CYS D 150 42.72 17.34 -0.91
N CYS D 151 43.05 17.53 0.37
CA CYS D 151 44.41 17.74 0.83
C CYS D 151 44.70 16.32 1.32
N MET D 152 45.84 15.77 0.95
CA MET D 152 46.17 14.42 1.39
C MET D 152 46.94 14.50 2.70
N ARG D 153 46.52 13.71 3.67
CA ARG D 153 47.14 13.71 4.99
C ARG D 153 48.64 13.53 4.97
N HIS D 154 49.11 12.57 4.17
CA HIS D 154 50.55 12.33 4.05
C HIS D 154 51.28 13.43 3.29
N GLN D 155 50.59 14.19 2.45
CA GLN D 155 51.26 15.25 1.69
C GLN D 155 50.85 16.68 2.02
N PRO D 156 51.29 17.21 3.19
CA PRO D 156 50.95 18.58 3.60
C PRO D 156 51.51 19.65 2.64
N SER D 157 52.58 19.32 1.92
CA SER D 157 53.20 20.25 0.98
C SER D 157 52.26 20.64 -0.14
N TRP D 158 51.19 19.86 -0.31
CA TRP D 158 50.20 20.11 -1.34
C TRP D 158 49.06 20.99 -0.86
N SER D 159 48.82 21.01 0.44
CA SER D 159 47.72 21.77 1.05
C SER D 159 47.55 23.26 0.73
N LEU D 160 48.60 24.06 0.86
CA LEU D 160 48.45 25.49 0.54
C LEU D 160 48.04 25.67 -0.91
N GLU D 161 48.44 24.74 -1.77
CA GLU D 161 48.08 24.81 -3.19
C GLU D 161 46.61 24.43 -3.43
N VAL D 162 46.11 23.47 -2.65
CA VAL D 162 44.71 23.05 -2.76
C VAL D 162 43.81 24.25 -2.49
N LEU D 163 44.26 25.11 -1.57
CA LEU D 163 43.49 26.29 -1.22
C LEU D 163 43.36 27.23 -2.41
N GLU D 164 44.50 27.55 -3.04
CA GLU D 164 44.53 28.46 -4.18
C GLU D 164 43.66 27.96 -5.32
N LEU D 165 43.53 26.64 -5.45
CA LEU D 165 42.69 26.06 -6.51
C LEU D 165 41.22 26.30 -6.11
N CYS D 166 40.92 26.14 -4.83
CA CYS D 166 39.57 26.37 -4.31
C CYS D 166 39.17 27.83 -4.54
N LYS D 167 40.14 28.73 -4.34
CA LYS D 167 39.91 30.15 -4.54
C LYS D 167 39.69 30.49 -6.00
N LYS D 168 40.65 30.10 -6.84
CA LYS D 168 40.58 30.39 -8.26
C LYS D 168 39.30 29.85 -8.90
N TYR D 169 38.90 28.64 -8.50
CA TYR D 169 37.70 27.98 -9.02
C TYR D 169 36.50 28.01 -8.10
N ASN D 170 36.46 28.99 -7.19
CA ASN D 170 35.37 29.15 -6.23
C ASN D 170 34.01 29.13 -6.97
N GLN D 171 33.17 28.16 -6.60
CA GLN D 171 31.83 27.97 -7.18
C GLN D 171 31.79 27.61 -8.67
N LYS D 172 32.95 27.65 -9.32
CA LYS D 172 33.10 27.27 -10.72
C LYS D 172 33.29 25.76 -10.50
N THR D 173 32.24 25.21 -9.87
CA THR D 173 32.04 23.84 -9.39
C THR D 173 32.70 23.61 -8.03
N VAL D 174 33.91 24.12 -7.81
CA VAL D 174 34.58 23.89 -6.52
C VAL D 174 33.96 24.69 -5.36
N VAL D 175 33.42 23.97 -4.38
CA VAL D 175 32.75 24.58 -3.22
C VAL D 175 33.47 24.46 -1.85
N ALA D 176 34.41 23.55 -1.71
CA ALA D 176 35.11 23.39 -0.45
C ALA D 176 36.42 22.65 -0.58
N MET D 177 37.17 22.62 0.51
CA MET D 177 38.45 21.94 0.60
C MET D 177 38.21 20.80 1.59
N ASP D 178 38.98 19.74 1.45
CA ASP D 178 38.86 18.56 2.31
C ASP D 178 40.25 18.01 2.68
N LEU D 179 40.30 17.15 3.69
CA LEU D 179 41.53 16.49 4.12
C LEU D 179 41.17 15.00 4.11
N ALA D 180 41.90 14.21 3.30
CA ALA D 180 41.67 12.78 3.15
C ALA D 180 42.97 11.99 3.27
N GLY D 181 42.88 10.67 3.14
CA GLY D 181 44.06 9.84 3.23
C GLY D 181 44.06 9.00 4.49
N ASP D 182 45.25 8.55 4.87
CA ASP D 182 45.40 7.70 6.04
C ASP D 182 45.26 8.45 7.37
N GLU D 183 44.15 8.23 8.05
CA GLU D 183 43.89 8.88 9.33
C GLU D 183 44.76 8.28 10.44
N THR D 184 45.42 7.15 10.14
CA THR D 184 46.27 6.50 11.15
C THR D 184 47.65 7.15 11.27
N ILE D 185 47.93 8.11 10.39
CA ILE D 185 49.20 8.81 10.42
C ILE D 185 49.24 9.75 11.63
N GLU D 186 49.68 9.23 12.76
CA GLU D 186 49.78 9.98 14.01
C GLU D 186 50.08 11.47 13.84
N GLY D 187 49.17 12.31 14.33
CA GLY D 187 49.31 13.75 14.28
C GLY D 187 49.26 14.44 12.93
N SER D 188 48.66 13.79 11.93
CA SER D 188 48.58 14.36 10.58
C SER D 188 47.65 15.56 10.44
N SER D 189 46.68 15.68 11.35
CA SER D 189 45.76 16.81 11.29
C SER D 189 46.52 18.08 11.68
N LEU D 190 47.55 17.89 12.50
CA LEU D 190 48.36 19.01 12.99
C LEU D 190 49.58 19.36 12.13
N PHE D 191 49.68 18.79 10.93
CA PHE D 191 50.79 19.10 10.05
C PHE D 191 50.59 20.54 9.59
N PRO D 192 51.59 21.41 9.82
CA PRO D 192 51.56 22.83 9.46
C PRO D 192 50.89 23.12 8.12
N GLY D 193 51.31 22.42 7.06
CA GLY D 193 50.73 22.64 5.75
C GLY D 193 49.22 22.61 5.82
N HIS D 194 48.68 21.55 6.43
CA HIS D 194 47.23 21.40 6.58
C HIS D 194 46.69 22.58 7.43
N VAL D 195 47.22 22.74 8.64
CA VAL D 195 46.82 23.79 9.56
C VAL D 195 46.74 25.19 8.94
N GLU D 196 47.70 25.53 8.09
CA GLU D 196 47.74 26.84 7.42
C GLU D 196 46.68 27.00 6.31
N ALA D 197 46.61 26.01 5.43
CA ALA D 197 45.65 26.03 4.32
C ALA D 197 44.27 26.26 4.90
N TYR D 198 43.92 25.46 5.90
CA TYR D 198 42.62 25.59 6.53
C TYR D 198 42.41 26.97 7.13
N GLU D 199 43.42 27.49 7.84
CA GLU D 199 43.28 28.84 8.40
C GLU D 199 43.04 29.83 7.25
N GLY D 200 43.59 29.54 6.08
CA GLY D 200 43.40 30.39 4.92
C GLY D 200 41.99 30.17 4.39
N ALA D 201 41.48 28.97 4.54
CA ALA D 201 40.12 28.66 4.10
C ALA D 201 39.20 29.58 4.92
N VAL D 202 39.36 29.56 6.24
CA VAL D 202 38.57 30.40 7.14
C VAL D 202 38.70 31.88 6.79
N LYS D 203 39.94 32.35 6.72
CA LYS D 203 40.24 33.74 6.41
C LYS D 203 39.65 34.19 5.07
N ASN D 204 39.59 33.28 4.11
CA ASN D 204 39.07 33.58 2.76
C ASN D 204 37.69 33.02 2.45
N GLY D 205 36.96 32.57 3.47
CA GLY D 205 35.64 32.04 3.23
C GLY D 205 35.56 30.86 2.26
N ILE D 206 36.49 29.93 2.38
CA ILE D 206 36.50 28.72 1.56
C ILE D 206 35.92 27.72 2.52
N HIS D 207 34.90 26.97 2.09
CA HIS D 207 34.26 25.98 2.95
C HIS D 207 35.20 24.85 3.36
N ARG D 208 34.92 24.26 4.53
CA ARG D 208 35.77 23.21 5.08
C ARG D 208 35.09 21.91 5.53
N THR D 209 35.66 20.78 5.12
CA THR D 209 35.19 19.47 5.56
C THR D 209 36.48 18.69 5.79
N VAL D 210 36.43 17.68 6.65
CA VAL D 210 37.62 16.89 6.97
C VAL D 210 37.23 15.48 7.38
N HIS D 211 37.98 14.47 6.92
CA HIS D 211 37.70 13.08 7.32
C HIS D 211 38.29 13.01 8.73
N ALA D 212 37.53 12.47 9.68
CA ALA D 212 37.99 12.37 11.06
C ALA D 212 37.06 11.43 11.77
N GLY D 213 37.56 10.73 12.78
CA GLY D 213 36.72 9.82 13.54
C GLY D 213 36.25 8.59 12.79
N GLU D 214 36.82 8.36 11.60
CA GLU D 214 36.48 7.20 10.78
C GLU D 214 37.09 5.97 11.41
N VAL D 215 38.42 5.94 11.41
CA VAL D 215 39.18 4.83 11.94
C VAL D 215 39.80 5.27 13.28
N GLY D 216 40.14 6.55 13.38
CA GLY D 216 40.73 7.09 14.59
C GLY D 216 39.78 7.36 15.76
N SER D 217 40.34 7.93 16.82
CA SER D 217 39.59 8.25 18.03
C SER D 217 38.93 9.63 17.90
N PRO D 218 38.13 10.04 18.92
CA PRO D 218 37.46 11.34 18.92
C PRO D 218 38.43 12.52 19.01
N GLU D 219 39.69 12.23 19.27
CA GLU D 219 40.72 13.26 19.37
C GLU D 219 41.03 13.81 17.98
N VAL D 220 40.77 12.99 16.97
CA VAL D 220 41.00 13.42 15.59
C VAL D 220 39.78 14.23 15.17
N VAL D 221 38.63 13.92 15.74
CA VAL D 221 37.40 14.65 15.45
C VAL D 221 37.62 16.03 16.07
N ARG D 222 38.13 16.02 17.30
CA ARG D 222 38.44 17.24 18.04
C ARG D 222 39.30 18.19 17.20
N GLU D 223 40.49 17.72 16.81
CA GLU D 223 41.40 18.52 15.99
C GLU D 223 40.70 19.12 14.76
N ALA D 224 39.95 18.28 14.05
CA ALA D 224 39.21 18.70 12.87
C ALA D 224 38.35 19.94 13.15
N VAL D 225 37.53 19.85 14.20
CA VAL D 225 36.64 20.93 14.60
C VAL D 225 37.31 22.15 15.25
N ASP D 226 38.10 21.91 16.29
CA ASP D 226 38.76 22.98 17.02
C ASP D 226 40.02 23.60 16.40
N ILE D 227 40.77 22.83 15.61
CA ILE D 227 42.00 23.35 14.97
C ILE D 227 41.74 23.75 13.51
N LEU D 228 41.30 22.79 12.69
CA LEU D 228 41.04 23.04 11.27
C LEU D 228 39.76 23.84 11.02
N LYS D 229 38.89 23.87 12.02
CA LYS D 229 37.63 24.60 11.96
C LYS D 229 36.72 24.08 10.85
N THR D 230 36.43 22.79 10.86
CA THR D 230 35.55 22.24 9.83
C THR D 230 34.10 22.58 10.07
N GLU D 231 33.35 22.65 8.98
CA GLU D 231 31.93 22.94 9.02
C GLU D 231 31.13 21.64 8.99
N ARG D 232 31.80 20.57 8.58
CA ARG D 232 31.23 19.22 8.53
C ARG D 232 32.39 18.25 8.84
N VAL D 233 32.03 17.06 9.31
CA VAL D 233 33.00 16.01 9.61
C VAL D 233 32.76 14.82 8.71
N GLY D 234 33.79 14.42 7.97
CA GLY D 234 33.70 13.27 7.09
C GLY D 234 33.73 12.05 7.99
N HIS D 235 32.69 11.22 7.91
CA HIS D 235 32.57 10.03 8.74
C HIS D 235 32.21 10.41 10.18
N GLY D 236 33.22 10.72 10.99
CA GLY D 236 33.01 11.10 12.38
C GLY D 236 32.31 10.12 13.30
N TYR D 237 32.31 8.82 12.98
CA TYR D 237 31.62 7.82 13.79
C TYR D 237 32.12 7.70 15.23
N HIS D 238 33.44 7.82 15.41
CA HIS D 238 34.03 7.68 16.74
C HIS D 238 33.88 8.88 17.67
N THR D 239 33.18 9.92 17.20
CA THR D 239 32.90 11.11 18.01
C THR D 239 32.11 10.68 19.24
N ILE D 240 31.20 9.72 19.06
CA ILE D 240 30.37 9.23 20.16
C ILE D 240 31.07 8.40 21.22
N GLU D 241 32.41 8.43 21.23
CA GLU D 241 33.16 7.70 22.26
C GLU D 241 33.52 8.71 23.36
N ASP D 242 33.38 9.98 23.01
CA ASP D 242 33.65 11.10 23.90
C ASP D 242 32.34 11.87 24.03
N GLU D 243 31.54 11.50 25.03
CA GLU D 243 30.23 12.14 25.27
C GLU D 243 30.21 13.67 25.18
N ALA D 244 31.10 14.33 25.93
CA ALA D 244 31.17 15.78 25.95
C ALA D 244 31.30 16.34 24.55
N LEU D 245 32.21 15.75 23.77
CA LEU D 245 32.45 16.15 22.38
C LEU D 245 31.21 15.94 21.56
N TYR D 246 30.64 14.75 21.66
CA TYR D 246 29.46 14.39 20.90
C TYR D 246 28.26 15.33 21.15
N ASN D 247 27.87 15.48 22.42
CA ASN D 247 26.74 16.33 22.75
C ASN D 247 26.97 17.80 22.46
N ARG D 248 28.22 18.22 22.39
CA ARG D 248 28.54 19.60 22.08
C ARG D 248 28.41 19.84 20.57
N LEU D 249 28.86 18.87 19.79
CA LEU D 249 28.79 18.93 18.34
C LEU D 249 27.32 18.75 17.91
N LEU D 250 26.61 17.90 18.62
CA LEU D 250 25.19 17.64 18.39
C LEU D 250 24.48 18.98 18.65
N LYS D 251 24.85 19.59 19.78
CA LYS D 251 24.32 20.86 20.25
C LYS D 251 24.59 21.96 19.22
N GLU D 252 25.67 21.79 18.45
CA GLU D 252 26.05 22.78 17.43
C GLU D 252 25.58 22.47 16.01
N ASN D 253 24.69 21.48 15.87
CA ASN D 253 24.15 21.12 14.57
C ASN D 253 25.25 20.80 13.56
N MET D 254 26.28 20.11 14.04
CA MET D 254 27.40 19.71 13.20
C MET D 254 26.95 18.62 12.25
N HIS D 255 27.29 18.76 10.96
CA HIS D 255 26.92 17.78 9.96
C HIS D 255 27.94 16.68 9.78
N PHE D 256 27.49 15.44 9.95
CA PHE D 256 28.37 14.27 9.80
C PHE D 256 28.08 13.58 8.47
N GLU D 257 29.12 13.40 7.66
CA GLU D 257 29.00 12.74 6.36
C GLU D 257 29.22 11.25 6.62
N VAL D 258 28.09 10.54 6.71
CA VAL D 258 28.04 9.12 7.01
C VAL D 258 28.09 8.23 5.78
N CYS D 259 28.95 7.22 5.86
CA CYS D 259 29.12 6.25 4.78
C CYS D 259 29.00 4.86 5.40
N PRO D 260 27.78 4.31 5.45
CA PRO D 260 27.48 2.99 6.01
C PRO D 260 28.27 1.79 5.42
N TRP D 261 28.03 1.46 4.15
CA TRP D 261 28.71 0.34 3.52
C TRP D 261 30.23 0.53 3.58
N SER D 262 30.69 1.72 3.24
CA SER D 262 32.10 2.03 3.30
C SER D 262 32.69 1.71 4.70
N SER D 263 32.03 2.19 5.75
CA SER D 263 32.51 1.99 7.12
C SER D 263 32.69 0.54 7.52
N TYR D 264 31.99 -0.36 6.83
CA TYR D 264 32.09 -1.78 7.11
C TYR D 264 33.39 -2.27 6.47
N LEU D 265 33.52 -2.09 5.16
CA LEU D 265 34.69 -2.51 4.41
C LEU D 265 36.04 -1.95 4.89
N THR D 266 36.06 -0.74 5.41
CA THR D 266 37.31 -0.16 5.89
C THR D 266 37.63 -0.62 7.31
N GLY D 267 36.65 -1.25 7.98
CA GLY D 267 36.85 -1.71 9.35
C GLY D 267 36.63 -0.60 10.36
N ALA D 268 36.11 0.54 9.89
CA ALA D 268 35.84 1.70 10.73
C ALA D 268 34.74 1.37 11.70
N TRP D 269 33.88 0.44 11.29
CA TRP D 269 32.75 0.03 12.08
C TRP D 269 32.83 -1.44 12.47
N ASP D 270 32.89 -1.71 13.76
CA ASP D 270 32.90 -3.08 14.24
C ASP D 270 31.48 -3.55 13.91
N PRO D 271 31.34 -4.51 12.99
CA PRO D 271 29.99 -4.98 12.65
C PRO D 271 29.24 -5.62 13.81
N LYS D 272 29.95 -5.90 14.89
CA LYS D 272 29.32 -6.51 16.06
C LYS D 272 28.72 -5.45 17.00
N THR D 273 28.95 -4.17 16.69
CA THR D 273 28.44 -3.07 17.51
C THR D 273 27.39 -2.29 16.74
N THR D 274 26.46 -1.64 17.43
CA THR D 274 25.43 -0.88 16.72
C THR D 274 26.11 0.30 16.03
N HIS D 275 25.70 0.57 14.80
CA HIS D 275 26.29 1.63 14.01
C HIS D 275 25.96 3.01 14.56
N ALA D 276 27.00 3.83 14.68
CA ALA D 276 26.91 5.21 15.16
C ALA D 276 25.74 5.99 14.56
N VAL D 277 25.50 5.79 13.26
CA VAL D 277 24.42 6.50 12.56
C VAL D 277 23.07 6.28 13.24
N VAL D 278 22.93 5.16 13.93
CA VAL D 278 21.70 4.84 14.65
C VAL D 278 21.56 5.86 15.78
N ARG D 279 22.65 6.08 16.50
CA ARG D 279 22.68 7.04 17.60
C ARG D 279 22.33 8.41 17.00
N PHE D 280 22.91 8.70 15.83
CA PHE D 280 22.68 9.95 15.11
C PHE D 280 21.18 10.10 14.79
N LYS D 281 20.56 9.02 14.29
CA LYS D 281 19.14 9.02 13.96
C LYS D 281 18.27 9.29 15.20
N ASN D 282 18.52 8.53 16.26
CA ASN D 282 17.81 8.65 17.52
C ASN D 282 17.93 10.03 18.15
N ASP D 283 19.12 10.62 18.08
CA ASP D 283 19.35 11.94 18.67
C ASP D 283 19.01 13.06 17.71
N LYS D 284 18.34 12.72 16.61
CA LYS D 284 17.97 13.70 15.58
C LYS D 284 19.19 14.53 15.18
N ALA D 285 20.27 13.84 14.86
CA ALA D 285 21.53 14.45 14.46
C ALA D 285 21.55 14.85 12.98
N ASN D 286 22.38 15.85 12.67
CA ASN D 286 22.53 16.37 11.32
C ASN D 286 23.59 15.56 10.55
N TYR D 287 23.16 14.50 9.86
CA TYR D 287 24.08 13.66 9.10
C TYR D 287 23.51 13.43 7.72
N SER D 288 24.27 12.76 6.85
CA SER D 288 23.82 12.44 5.50
C SER D 288 24.31 11.04 5.13
N LEU D 289 23.62 10.39 4.20
CA LEU D 289 24.01 9.05 3.79
C LEU D 289 24.88 9.14 2.53
N ASN D 290 26.05 8.52 2.55
CA ASN D 290 26.95 8.62 1.39
C ASN D 290 27.59 7.31 0.92
N THR D 291 28.06 7.35 -0.33
CA THR D 291 28.68 6.19 -0.99
C THR D 291 30.20 6.09 -0.78
N ASP D 292 30.87 7.23 -0.68
CA ASP D 292 32.31 7.32 -0.48
C ASP D 292 33.09 6.91 -1.72
N ASP D 293 33.16 5.62 -2.00
CA ASP D 293 33.89 5.09 -3.17
C ASP D 293 33.13 3.89 -3.72
N PRO D 294 32.17 4.14 -4.61
CA PRO D 294 31.35 3.08 -5.22
C PRO D 294 32.14 2.01 -5.97
N LEU D 295 33.22 2.41 -6.65
CA LEU D 295 34.08 1.48 -7.41
C LEU D 295 34.69 0.38 -6.55
N ILE D 296 35.44 0.79 -5.53
CA ILE D 296 36.12 -0.14 -4.64
C ILE D 296 35.15 -0.92 -3.74
N PHE D 297 34.02 -0.31 -3.39
CA PHE D 297 33.07 -0.99 -2.52
C PHE D 297 31.99 -1.77 -3.30
N LYS D 298 32.10 -1.76 -4.62
CA LYS D 298 31.16 -2.45 -5.50
C LYS D 298 29.74 -2.20 -5.04
N SER D 299 29.33 -0.93 -5.13
CA SER D 299 28.01 -0.54 -4.67
C SER D 299 27.47 0.69 -5.37
N THR D 300 26.25 1.07 -4.98
CA THR D 300 25.56 2.25 -5.47
C THR D 300 24.98 2.86 -4.21
N LEU D 301 24.36 4.04 -4.32
CA LEU D 301 23.77 4.69 -3.16
C LEU D 301 22.64 3.85 -2.58
N ASP D 302 22.14 2.89 -3.33
CA ASP D 302 21.09 2.04 -2.79
C ASP D 302 21.67 1.06 -1.76
N THR D 303 22.96 0.77 -1.87
CA THR D 303 23.61 -0.15 -0.94
C THR D 303 23.49 0.39 0.50
N ASP D 304 23.81 1.66 0.66
CA ASP D 304 23.75 2.30 1.96
C ASP D 304 22.31 2.43 2.45
N TYR D 305 21.40 2.80 1.55
CA TYR D 305 20.00 2.94 1.95
C TYR D 305 19.35 1.62 2.37
N GLN D 306 19.64 0.52 1.68
CA GLN D 306 19.08 -0.81 2.01
C GLN D 306 19.70 -1.32 3.30
N MET D 307 20.98 -0.98 3.48
CA MET D 307 21.74 -1.39 4.65
C MET D 307 21.12 -0.79 5.91
N THR D 308 20.89 0.52 5.88
CA THR D 308 20.30 1.25 7.00
C THR D 308 18.83 0.89 7.19
N LYS D 309 18.15 0.54 6.11
CA LYS D 309 16.75 0.15 6.16
C LYS D 309 16.53 -1.22 6.80
N LYS D 310 17.07 -2.27 6.17
CA LYS D 310 16.92 -3.68 6.64
C LYS D 310 17.30 -3.81 8.12
N ASP D 311 18.57 -3.53 8.38
CA ASP D 311 19.15 -3.56 9.71
C ASP D 311 19.12 -2.06 10.03
N MET D 312 19.29 -1.65 11.28
CA MET D 312 19.26 -0.22 11.62
C MET D 312 17.89 0.48 11.51
N GLY D 313 16.90 -0.21 10.93
CA GLY D 313 15.54 0.29 10.81
C GLY D 313 15.23 1.72 10.39
N PHE D 314 15.80 2.19 9.29
CA PHE D 314 15.53 3.54 8.79
C PHE D 314 14.21 3.55 8.02
N THR D 315 13.51 4.68 8.07
CA THR D 315 12.24 4.84 7.37
C THR D 315 12.33 5.97 6.35
N GLU D 316 11.36 6.02 5.46
CA GLU D 316 11.28 7.06 4.43
C GLU D 316 11.25 8.44 5.09
N GLU D 317 10.56 8.54 6.22
CA GLU D 317 10.48 9.78 6.97
C GLU D 317 11.91 10.25 7.29
N GLU D 318 12.75 9.30 7.68
CA GLU D 318 14.16 9.55 8.04
C GLU D 318 15.01 9.86 6.81
N PHE D 319 14.85 9.07 5.75
CA PHE D 319 15.62 9.29 4.52
C PHE D 319 15.33 10.71 4.01
N LYS D 320 14.06 11.10 4.06
CA LYS D 320 13.68 12.45 3.62
C LYS D 320 14.33 13.52 4.50
N ARG D 321 14.27 13.32 5.81
CA ARG D 321 14.80 14.27 6.78
C ARG D 321 16.30 14.50 6.63
N LEU D 322 17.10 13.44 6.60
CA LEU D 322 18.54 13.64 6.46
C LEU D 322 18.96 14.19 5.09
N ASN D 323 18.10 14.03 4.08
CA ASN D 323 18.42 14.55 2.75
C ASN D 323 18.16 16.04 2.71
N ILE D 324 17.16 16.47 3.46
CA ILE D 324 16.86 17.89 3.53
C ILE D 324 17.98 18.49 4.38
N ASN D 325 18.44 17.72 5.36
CA ASN D 325 19.54 18.10 6.23
C ASN D 325 20.81 18.29 5.41
N ALA D 326 21.05 17.32 4.52
CA ALA D 326 22.20 17.33 3.64
C ALA D 326 22.20 18.57 2.73
N ALA D 327 21.01 18.98 2.29
CA ALA D 327 20.84 20.15 1.44
C ALA D 327 21.18 21.42 2.24
N LYS D 328 20.62 21.52 3.45
CA LYS D 328 20.88 22.67 4.31
C LYS D 328 22.38 22.80 4.64
N SER D 329 23.03 21.66 4.90
CA SER D 329 24.44 21.63 5.23
C SER D 329 25.37 21.71 4.01
N SER D 330 24.82 21.63 2.81
CA SER D 330 25.64 21.68 1.60
C SER D 330 26.50 22.95 1.55
N PHE D 331 27.45 23.00 0.63
CA PHE D 331 28.33 24.15 0.51
C PHE D 331 27.91 25.05 -0.64
N LEU D 332 26.62 24.98 -0.96
CA LEU D 332 26.00 25.76 -2.04
C LEU D 332 25.69 27.19 -1.57
N PRO D 333 25.58 28.14 -2.50
CA PRO D 333 25.26 29.50 -2.04
C PRO D 333 23.77 29.50 -1.66
N GLU D 334 23.34 30.42 -0.81
CA GLU D 334 21.96 30.47 -0.36
C GLU D 334 20.87 30.39 -1.43
N GLU D 335 21.04 31.07 -2.55
CA GLU D 335 20.03 31.07 -3.62
C GLU D 335 19.85 29.68 -4.22
N GLU D 336 20.97 29.03 -4.55
CA GLU D 336 20.95 27.69 -5.13
C GLU D 336 20.51 26.67 -4.10
N LYS D 337 20.80 26.95 -2.83
CA LYS D 337 20.43 26.08 -1.72
C LYS D 337 18.92 26.17 -1.47
N LYS D 338 18.34 27.35 -1.70
CA LYS D 338 16.90 27.52 -1.54
C LYS D 338 16.27 26.70 -2.66
N GLU D 339 16.85 26.82 -3.86
CA GLU D 339 16.37 26.10 -5.04
C GLU D 339 16.36 24.58 -4.81
N LEU D 340 17.38 24.09 -4.10
CA LEU D 340 17.52 22.67 -3.80
C LEU D 340 16.43 22.21 -2.84
N LEU D 341 16.24 22.97 -1.76
CA LEU D 341 15.21 22.65 -0.79
C LEU D 341 13.84 22.73 -1.46
N GLU D 342 13.68 23.67 -2.40
CA GLU D 342 12.42 23.78 -3.13
C GLU D 342 12.14 22.52 -3.91
N ARG D 343 13.16 21.99 -4.60
CA ARG D 343 12.99 20.79 -5.40
C ARG D 343 12.74 19.56 -4.54
N LEU D 344 13.49 19.42 -3.45
CA LEU D 344 13.30 18.30 -2.56
C LEU D 344 11.90 18.31 -2.00
N TYR D 345 11.49 19.43 -1.43
CA TYR D 345 10.16 19.57 -0.87
C TYR D 345 9.06 19.28 -1.88
N ARG D 346 9.27 19.73 -3.11
CA ARG D 346 8.34 19.54 -4.21
C ARG D 346 8.25 18.05 -4.55
N GLU D 347 9.41 17.45 -4.81
CA GLU D 347 9.47 16.04 -5.18
C GLU D 347 9.29 15.06 -4.04
N TYR D 348 9.17 15.57 -2.83
CA TYR D 348 8.97 14.72 -1.68
C TYR D 348 7.51 14.72 -1.28
N GLN D 349 6.70 15.52 -1.98
CA GLN D 349 5.27 15.65 -1.68
C GLN D 349 4.41 14.49 -2.13
#